data_2EEZ
#
_entry.id   2EEZ
#
_cell.length_a   133.940
_cell.length_b   133.240
_cell.length_c   147.240
_cell.angle_alpha   90.00
_cell.angle_beta   90.00
_cell.angle_gamma   90.00
#
_symmetry.space_group_name_H-M   'P 21 21 21'
#
loop_
_entity.id
_entity.type
_entity.pdbx_description
1 polymer 'Alanine dehydrogenase'
2 water water
#
_entity_poly.entity_id   1
_entity_poly.type   'polypeptide(L)'
_entity_poly.pdbx_seq_one_letter_code
;MVIGVPKEIKTLENRVALTPGGVESLVRRGHTVLVERGAGEGSGLSDAEYARAGAELVGREEAWGAEMVVKVKEPLPEEY
GFLREGLILFTYLHLAADRGLTEAMLRSGVTGIAYETVQLPDGTLPLLVPMSEVAGRMAPQVGAQFLEKPKGGRGVLLGG
VPGVAPASVVILGGGTVGTNAAKIALGMGAQVTILDVNHKRLQYLDDVFGGRVITLTATEANIKKSVQHADLLIGAVLVP
GAKAPKLVTRDMLSLMKEGAVIVDVAVDQGGCVETIRPTTHAEPTYVVDGVVHYGVANMPGAVPRTSTFALTNQTLPYVL
KLAEKGLDALLEDAALLKGLNTHKGRLTHPGVAEAFGLPYTPPEEALRG
;
_entity_poly.pdbx_strand_id   A,C,D,E,F,G
#
# COMPACT_ATOMS: atom_id res chain seq x y z
N MET A 1 5.19 -22.86 -43.66
CA MET A 1 4.55 -21.79 -44.49
C MET A 1 5.42 -20.56 -44.59
N VAL A 2 5.29 -19.83 -45.69
CA VAL A 2 6.06 -18.61 -45.89
C VAL A 2 5.19 -17.47 -45.40
N ILE A 3 5.76 -16.63 -44.54
CA ILE A 3 5.03 -15.52 -43.96
C ILE A 3 5.65 -14.17 -44.32
N GLY A 4 4.80 -13.23 -44.72
CA GLY A 4 5.31 -11.93 -45.10
C GLY A 4 5.03 -10.84 -44.08
N VAL A 5 6.03 -10.01 -43.85
CA VAL A 5 5.90 -8.91 -42.91
C VAL A 5 6.24 -7.62 -43.65
N PRO A 6 5.23 -6.94 -44.19
CA PRO A 6 5.48 -5.69 -44.92
C PRO A 6 5.64 -4.50 -43.98
N LYS A 7 6.52 -3.57 -44.34
CA LYS A 7 6.72 -2.38 -43.54
C LYS A 7 5.46 -1.52 -43.62
N GLU A 8 4.96 -1.08 -42.47
CA GLU A 8 3.76 -0.25 -42.43
C GLU A 8 4.02 1.05 -43.19
N ILE A 9 3.26 1.29 -44.25
CA ILE A 9 3.45 2.49 -45.08
C ILE A 9 2.54 3.65 -44.71
N LYS A 10 1.55 3.39 -43.86
CA LYS A 10 0.66 4.46 -43.45
C LYS A 10 1.53 5.46 -42.70
N THR A 11 1.51 6.71 -43.14
CA THR A 11 2.32 7.77 -42.55
C THR A 11 2.19 7.83 -41.02
N LEU A 12 3.34 7.90 -40.34
CA LEU A 12 3.40 7.97 -38.88
C LEU A 12 3.30 6.63 -38.15
N GLU A 13 2.79 5.61 -38.85
CA GLU A 13 2.64 4.29 -38.25
C GLU A 13 4.02 3.64 -38.10
N ASN A 14 4.48 3.48 -36.86
CA ASN A 14 5.79 2.90 -36.59
C ASN A 14 5.77 1.52 -35.93
N ARG A 15 4.59 0.89 -35.89
CA ARG A 15 4.44 -0.44 -35.30
C ARG A 15 4.72 -1.53 -36.35
N VAL A 16 5.30 -2.64 -35.92
CA VAL A 16 5.61 -3.74 -36.82
C VAL A 16 4.78 -4.95 -36.36
N ALA A 17 4.20 -5.66 -37.32
CA ALA A 17 3.32 -6.81 -37.04
C ALA A 17 3.98 -8.07 -36.51
N LEU A 18 5.30 -8.10 -36.49
CA LEU A 18 6.03 -9.28 -36.02
C LEU A 18 7.34 -8.79 -35.41
N THR A 19 7.78 -9.44 -34.34
CA THR A 19 9.02 -9.06 -33.64
C THR A 19 10.14 -10.07 -33.89
N PRO A 20 11.41 -9.65 -33.78
CA PRO A 20 12.45 -10.65 -34.02
C PRO A 20 12.08 -11.91 -33.25
N GLY A 21 11.70 -11.74 -31.98
CA GLY A 21 11.32 -12.87 -31.15
C GLY A 21 10.23 -13.72 -31.78
N GLY A 22 9.22 -13.09 -32.37
CA GLY A 22 8.18 -13.85 -33.01
C GLY A 22 8.72 -14.62 -34.21
N VAL A 23 9.66 -13.99 -34.93
CA VAL A 23 10.26 -14.61 -36.10
C VAL A 23 11.04 -15.87 -35.72
N GLU A 24 11.86 -15.78 -34.67
CA GLU A 24 12.63 -16.94 -34.23
C GLU A 24 11.66 -18.09 -33.96
N SER A 25 10.59 -17.80 -33.23
CA SER A 25 9.60 -18.84 -32.95
C SER A 25 9.12 -19.50 -34.23
N LEU A 26 8.76 -18.69 -35.22
CA LEU A 26 8.28 -19.23 -36.49
C LEU A 26 9.34 -20.10 -37.16
N VAL A 27 10.53 -19.55 -37.35
CA VAL A 27 11.61 -20.27 -38.00
C VAL A 27 11.95 -21.57 -37.24
N ARG A 28 11.96 -21.50 -35.93
CA ARG A 28 12.26 -22.68 -35.11
C ARG A 28 11.37 -23.86 -35.50
N ARG A 29 10.17 -23.54 -35.95
CA ARG A 29 9.20 -24.55 -36.35
C ARG A 29 9.26 -24.85 -37.84
N GLY A 30 10.34 -24.42 -38.48
CA GLY A 30 10.51 -24.68 -39.89
C GLY A 30 9.79 -23.75 -40.85
N HIS A 31 9.30 -22.62 -40.35
CA HIS A 31 8.61 -21.67 -41.22
C HIS A 31 9.62 -20.70 -41.81
N THR A 32 9.23 -20.00 -42.87
CA THR A 32 10.14 -19.06 -43.47
C THR A 32 9.45 -17.69 -43.49
N VAL A 33 10.09 -16.72 -42.86
CA VAL A 33 9.54 -15.37 -42.76
C VAL A 33 10.29 -14.34 -43.61
N LEU A 34 9.56 -13.63 -44.46
CA LEU A 34 10.17 -12.59 -45.29
C LEU A 34 9.91 -11.22 -44.69
N VAL A 35 10.94 -10.63 -44.10
CA VAL A 35 10.80 -9.33 -43.47
C VAL A 35 11.26 -8.20 -44.41
N GLU A 36 10.38 -7.24 -44.68
CA GLU A 36 10.75 -6.12 -45.53
C GLU A 36 11.75 -5.25 -44.75
N ARG A 37 12.90 -4.96 -45.32
CA ARG A 37 13.92 -4.15 -44.64
C ARG A 37 13.34 -2.92 -43.95
N GLY A 38 13.85 -2.62 -42.74
CA GLY A 38 13.39 -1.47 -41.99
C GLY A 38 11.94 -1.49 -41.53
N ALA A 39 11.28 -2.64 -41.65
CA ALA A 39 9.89 -2.74 -41.24
C ALA A 39 9.72 -2.51 -39.73
N GLY A 40 10.77 -2.80 -38.97
CA GLY A 40 10.70 -2.66 -37.52
C GLY A 40 11.52 -1.54 -36.91
N GLU A 41 12.07 -0.68 -37.76
CA GLU A 41 12.87 0.43 -37.27
C GLU A 41 11.98 1.42 -36.49
N GLY A 42 10.73 1.57 -36.92
CA GLY A 42 9.81 2.46 -36.24
C GLY A 42 9.63 2.09 -34.78
N SER A 43 9.89 0.83 -34.45
CA SER A 43 9.77 0.33 -33.07
C SER A 43 11.11 -0.09 -32.47
N GLY A 44 12.21 0.32 -33.11
CA GLY A 44 13.55 0.00 -32.60
C GLY A 44 14.04 -1.41 -32.84
N LEU A 45 13.44 -2.09 -33.80
CA LEU A 45 13.82 -3.45 -34.15
C LEU A 45 14.53 -3.40 -35.50
N SER A 46 15.85 -3.55 -35.47
CA SER A 46 16.66 -3.46 -36.68
C SER A 46 16.71 -4.73 -37.53
N ASP A 47 17.06 -4.53 -38.80
CA ASP A 47 17.19 -5.61 -39.77
C ASP A 47 18.13 -6.68 -39.25
N ALA A 48 19.20 -6.29 -38.57
CA ALA A 48 20.16 -7.24 -38.03
C ALA A 48 19.47 -8.18 -37.04
N GLU A 49 18.59 -7.63 -36.21
CA GLU A 49 17.88 -8.44 -35.22
C GLU A 49 17.04 -9.47 -35.94
N TYR A 50 16.26 -9.03 -36.92
CA TYR A 50 15.43 -9.97 -37.66
C TYR A 50 16.32 -11.02 -38.32
N ALA A 51 17.47 -10.57 -38.82
CA ALA A 51 18.43 -11.46 -39.45
C ALA A 51 18.85 -12.54 -38.47
N ARG A 52 19.28 -12.16 -37.27
CA ARG A 52 19.71 -13.18 -36.29
C ARG A 52 18.54 -14.08 -35.94
N ALA A 53 17.33 -13.57 -36.09
CA ALA A 53 16.13 -14.32 -35.76
C ALA A 53 15.88 -15.41 -36.79
N GLY A 54 16.48 -15.28 -37.97
CA GLY A 54 16.31 -16.27 -39.02
C GLY A 54 15.41 -15.75 -40.12
N ALA A 55 15.16 -14.44 -40.08
CA ALA A 55 14.33 -13.80 -41.08
C ALA A 55 15.17 -13.51 -42.32
N GLU A 56 14.49 -13.39 -43.46
CA GLU A 56 15.17 -13.07 -44.69
C GLU A 56 14.74 -11.65 -45.02
N LEU A 57 15.67 -10.71 -44.89
CA LEU A 57 15.38 -9.30 -45.19
C LEU A 57 15.17 -9.11 -46.69
N VAL A 58 13.92 -8.89 -47.09
CA VAL A 58 13.62 -8.73 -48.49
C VAL A 58 13.11 -7.34 -48.79
N GLY A 59 12.52 -7.22 -49.98
CA GLY A 59 11.96 -5.96 -50.40
C GLY A 59 10.45 -5.99 -50.27
N ARG A 60 9.85 -4.83 -50.47
CA ARG A 60 8.42 -4.68 -50.36
C ARG A 60 7.64 -5.80 -51.07
N GLU A 61 7.67 -5.82 -52.40
CA GLU A 61 6.95 -6.82 -53.17
C GLU A 61 7.19 -8.27 -52.74
N GLU A 62 8.45 -8.65 -52.52
CA GLU A 62 8.76 -10.01 -52.11
C GLU A 62 7.93 -10.39 -50.88
N ALA A 63 7.89 -9.49 -49.89
CA ALA A 63 7.16 -9.72 -48.64
C ALA A 63 5.66 -9.93 -48.82
N TRP A 64 5.08 -9.39 -49.88
CA TRP A 64 3.65 -9.61 -50.10
C TRP A 64 3.50 -10.91 -50.88
N GLY A 65 4.63 -11.55 -51.20
CA GLY A 65 4.57 -12.79 -51.96
C GLY A 65 4.22 -14.01 -51.16
N ALA A 66 4.42 -13.95 -49.84
CA ALA A 66 4.13 -15.07 -48.94
C ALA A 66 2.65 -15.49 -48.96
N GLU A 67 2.35 -16.67 -48.42
CA GLU A 67 0.98 -17.16 -48.39
C GLU A 67 0.18 -16.32 -47.42
N MET A 68 0.85 -15.92 -46.33
CA MET A 68 0.22 -15.09 -45.32
C MET A 68 1.02 -13.82 -45.14
N VAL A 69 0.30 -12.73 -44.96
CA VAL A 69 0.93 -11.44 -44.72
C VAL A 69 0.35 -10.95 -43.40
N VAL A 70 1.22 -10.79 -42.43
CA VAL A 70 0.80 -10.30 -41.13
C VAL A 70 1.16 -8.81 -41.07
N LYS A 71 0.13 -7.97 -40.99
CA LYS A 71 0.33 -6.52 -40.93
C LYS A 71 -0.31 -5.94 -39.68
N VAL A 72 -0.11 -4.63 -39.48
CA VAL A 72 -0.69 -3.91 -38.35
C VAL A 72 -1.91 -3.14 -38.87
N LYS A 73 -1.67 -2.25 -39.82
CA LYS A 73 -2.75 -1.43 -40.38
C LYS A 73 -3.37 -2.01 -41.64
N GLU A 74 -4.58 -1.55 -41.94
CA GLU A 74 -5.30 -2.03 -43.12
C GLU A 74 -4.56 -1.63 -44.39
N PRO A 75 -4.89 -2.30 -45.50
CA PRO A 75 -4.28 -2.05 -46.82
C PRO A 75 -4.68 -0.70 -47.39
N LEU A 76 -3.68 0.10 -47.76
CA LEU A 76 -3.94 1.40 -48.37
C LEU A 76 -4.12 1.14 -49.88
N PRO A 77 -4.88 2.02 -50.58
CA PRO A 77 -5.09 1.84 -52.02
C PRO A 77 -3.83 1.38 -52.75
N GLU A 78 -2.72 2.08 -52.51
CA GLU A 78 -1.43 1.79 -53.12
C GLU A 78 -1.00 0.32 -52.99
N GLU A 79 -1.64 -0.42 -52.09
CA GLU A 79 -1.27 -1.81 -51.86
C GLU A 79 -2.27 -2.82 -52.42
N TYR A 80 -3.49 -2.34 -52.67
CA TYR A 80 -4.58 -3.17 -53.20
C TYR A 80 -4.10 -4.15 -54.28
N GLY A 81 -3.08 -3.74 -55.03
CA GLY A 81 -2.55 -4.59 -56.08
C GLY A 81 -2.07 -5.97 -55.63
N PHE A 82 -1.50 -6.05 -54.44
CA PHE A 82 -0.99 -7.32 -53.92
C PHE A 82 -2.07 -8.28 -53.47
N LEU A 83 -3.23 -7.75 -53.12
CA LEU A 83 -4.36 -8.57 -52.66
C LEU A 83 -4.75 -9.61 -53.71
N ARG A 84 -4.52 -10.88 -53.39
CA ARG A 84 -4.83 -11.99 -54.30
C ARG A 84 -5.57 -13.14 -53.62
N GLU A 85 -6.17 -14.03 -54.42
CA GLU A 85 -6.97 -15.13 -53.89
C GLU A 85 -6.36 -16.12 -52.88
N GLY A 86 -5.15 -16.60 -53.14
CA GLY A 86 -4.55 -17.55 -52.21
C GLY A 86 -3.77 -16.89 -51.07
N LEU A 87 -4.01 -15.60 -50.86
CA LEU A 87 -3.31 -14.87 -49.82
C LEU A 87 -4.12 -14.69 -48.55
N ILE A 88 -3.49 -15.02 -47.42
CA ILE A 88 -4.11 -14.87 -46.10
C ILE A 88 -3.51 -13.60 -45.47
N LEU A 89 -4.35 -12.56 -45.35
CA LEU A 89 -3.93 -11.28 -44.78
C LEU A 89 -4.51 -11.19 -43.38
N PHE A 90 -3.62 -11.04 -42.40
CA PHE A 90 -3.99 -10.95 -40.99
C PHE A 90 -3.56 -9.56 -40.48
N THR A 91 -4.53 -8.70 -40.20
CA THR A 91 -4.23 -7.33 -39.75
C THR A 91 -5.48 -6.61 -39.24
N TYR A 92 -5.32 -5.33 -38.87
CA TYR A 92 -6.46 -4.52 -38.43
C TYR A 92 -7.10 -4.09 -39.74
N LEU A 93 -8.38 -4.41 -39.91
CA LEU A 93 -9.06 -4.07 -41.16
C LEU A 93 -10.11 -2.97 -41.10
N HIS A 94 -10.84 -2.88 -39.99
CA HIS A 94 -11.88 -1.86 -39.82
C HIS A 94 -12.60 -1.64 -41.15
N LEU A 95 -13.13 -2.73 -41.70
CA LEU A 95 -13.82 -2.67 -42.97
C LEU A 95 -15.07 -1.79 -42.98
N ALA A 96 -15.84 -1.83 -41.88
CA ALA A 96 -17.06 -1.03 -41.79
C ALA A 96 -16.83 0.47 -41.91
N ALA A 97 -15.56 0.87 -42.04
CA ALA A 97 -15.19 2.28 -42.16
C ALA A 97 -14.40 2.59 -43.43
N ASP A 98 -14.34 1.65 -44.36
CA ASP A 98 -13.61 1.85 -45.60
C ASP A 98 -14.20 0.98 -46.71
N ARG A 99 -15.28 1.46 -47.30
CA ARG A 99 -15.96 0.76 -48.39
C ARG A 99 -14.99 0.41 -49.52
N GLY A 100 -14.21 1.39 -49.93
CA GLY A 100 -13.25 1.17 -50.99
C GLY A 100 -12.36 -0.02 -50.70
N LEU A 101 -11.95 -0.16 -49.44
CA LEU A 101 -11.10 -1.26 -49.03
C LEU A 101 -11.91 -2.56 -49.05
N THR A 102 -13.13 -2.50 -48.55
CA THR A 102 -13.99 -3.68 -48.52
C THR A 102 -14.11 -4.33 -49.89
N GLU A 103 -14.59 -3.55 -50.87
CA GLU A 103 -14.77 -4.03 -52.23
C GLU A 103 -13.45 -4.47 -52.87
N ALA A 104 -12.39 -3.68 -52.68
CA ALA A 104 -11.08 -4.01 -53.23
C ALA A 104 -10.67 -5.42 -52.82
N MET A 105 -10.93 -5.75 -51.56
CA MET A 105 -10.59 -7.06 -51.04
C MET A 105 -11.54 -8.12 -51.55
N LEU A 106 -12.83 -7.79 -51.61
CA LEU A 106 -13.83 -8.72 -52.11
C LEU A 106 -13.54 -9.09 -53.57
N ARG A 107 -13.14 -8.10 -54.36
CA ARG A 107 -12.83 -8.30 -55.78
C ARG A 107 -11.58 -9.12 -55.97
N SER A 108 -10.61 -8.97 -55.07
CA SER A 108 -9.35 -9.70 -55.16
C SER A 108 -9.45 -11.14 -54.64
N GLY A 109 -10.58 -11.46 -53.99
CA GLY A 109 -10.78 -12.80 -53.46
C GLY A 109 -9.85 -13.18 -52.33
N VAL A 110 -9.11 -12.20 -51.80
CA VAL A 110 -8.16 -12.41 -50.70
C VAL A 110 -8.86 -12.77 -49.40
N THR A 111 -8.28 -13.72 -48.66
CA THR A 111 -8.86 -14.13 -47.37
C THR A 111 -8.28 -13.22 -46.30
N GLY A 112 -9.09 -12.25 -45.86
CA GLY A 112 -8.64 -11.29 -44.86
C GLY A 112 -9.21 -11.46 -43.47
N ILE A 113 -8.33 -11.72 -42.51
CA ILE A 113 -8.74 -11.90 -41.12
C ILE A 113 -8.42 -10.62 -40.35
N ALA A 114 -9.47 -10.03 -39.77
CA ALA A 114 -9.35 -8.80 -39.00
C ALA A 114 -9.02 -9.09 -37.54
N TYR A 115 -8.07 -8.35 -36.98
CA TYR A 115 -7.69 -8.53 -35.59
C TYR A 115 -8.87 -8.15 -34.71
N GLU A 116 -9.44 -6.99 -34.99
CA GLU A 116 -10.55 -6.45 -34.21
C GLU A 116 -11.81 -7.28 -34.13
N THR A 117 -11.95 -8.32 -34.96
CA THR A 117 -13.15 -9.15 -34.89
C THR A 117 -12.94 -10.52 -34.26
N VAL A 118 -11.69 -10.94 -34.11
CA VAL A 118 -11.44 -12.22 -33.46
C VAL A 118 -12.06 -11.93 -32.10
N GLN A 119 -12.92 -12.83 -31.64
CA GLN A 119 -13.62 -12.59 -30.40
C GLN A 119 -13.92 -13.86 -29.60
N LEU A 120 -13.70 -13.77 -28.30
CA LEU A 120 -13.92 -14.89 -27.39
C LEU A 120 -15.41 -15.03 -27.08
N PRO A 121 -15.82 -16.18 -26.51
CA PRO A 121 -17.21 -16.47 -26.15
C PRO A 121 -17.88 -15.43 -25.27
N ASP A 122 -17.14 -14.88 -24.31
CA ASP A 122 -17.70 -13.87 -23.43
C ASP A 122 -17.79 -12.55 -24.17
N GLY A 123 -17.37 -12.56 -25.44
CA GLY A 123 -17.44 -11.36 -26.25
C GLY A 123 -16.23 -10.43 -26.30
N THR A 124 -15.15 -10.75 -25.60
CA THR A 124 -14.00 -9.87 -25.64
C THR A 124 -13.23 -9.97 -26.95
N LEU A 125 -12.61 -8.87 -27.36
CA LEU A 125 -11.80 -8.81 -28.58
C LEU A 125 -10.34 -8.83 -28.09
N PRO A 126 -9.79 -10.04 -27.86
CA PRO A 126 -8.41 -10.23 -27.38
C PRO A 126 -7.28 -9.56 -28.15
N LEU A 127 -7.47 -9.29 -29.43
CA LEU A 127 -6.42 -8.67 -30.20
C LEU A 127 -6.57 -7.16 -30.26
N LEU A 128 -7.59 -6.66 -29.59
CA LEU A 128 -7.86 -5.23 -29.54
C LEU A 128 -7.61 -4.72 -28.12
N VAL A 129 -7.81 -5.61 -27.16
CA VAL A 129 -7.60 -5.30 -25.75
C VAL A 129 -6.23 -4.70 -25.51
N PRO A 130 -5.17 -5.27 -26.12
CA PRO A 130 -3.82 -4.74 -25.93
C PRO A 130 -3.74 -3.24 -26.25
N MET A 131 -4.42 -2.81 -27.31
CA MET A 131 -4.41 -1.40 -27.69
C MET A 131 -5.28 -0.55 -26.77
N SER A 132 -6.35 -1.13 -26.24
CA SER A 132 -7.18 -0.38 -25.31
C SER A 132 -6.31 -0.12 -24.08
N GLU A 133 -5.52 -1.12 -23.69
CA GLU A 133 -4.65 -0.98 -22.53
C GLU A 133 -3.62 0.14 -22.63
N VAL A 134 -2.78 0.14 -23.65
CA VAL A 134 -1.78 1.21 -23.73
C VAL A 134 -2.44 2.58 -23.87
N ALA A 135 -3.59 2.63 -24.53
CA ALA A 135 -4.31 3.90 -24.69
C ALA A 135 -4.63 4.48 -23.30
N GLY A 136 -5.15 3.64 -22.41
CA GLY A 136 -5.46 4.08 -21.06
C GLY A 136 -4.24 4.54 -20.27
N ARG A 137 -3.17 3.73 -20.26
CA ARG A 137 -1.96 4.12 -19.54
C ARG A 137 -1.49 5.46 -20.06
N MET A 138 -1.75 5.73 -21.34
CA MET A 138 -1.36 6.98 -21.99
C MET A 138 -2.22 8.21 -21.68
N ALA A 139 -3.54 8.03 -21.61
CA ALA A 139 -4.48 9.13 -21.37
C ALA A 139 -3.98 10.15 -20.35
N PRO A 140 -3.65 9.71 -19.13
CA PRO A 140 -3.17 10.67 -18.12
C PRO A 140 -1.80 11.29 -18.45
N GLN A 141 -0.91 10.51 -19.06
CA GLN A 141 0.41 11.02 -19.45
C GLN A 141 0.30 12.17 -20.45
N VAL A 142 -0.49 11.93 -21.51
CA VAL A 142 -0.70 12.95 -22.52
C VAL A 142 -1.53 14.07 -21.88
N GLY A 143 -2.42 13.72 -20.96
CA GLY A 143 -3.24 14.72 -20.30
C GLY A 143 -2.37 15.66 -19.48
N ALA A 144 -1.38 15.08 -18.81
CA ALA A 144 -0.46 15.87 -18.00
C ALA A 144 0.29 16.85 -18.89
N GLN A 145 0.77 16.37 -20.01
CA GLN A 145 1.54 17.18 -20.96
C GLN A 145 0.80 18.42 -21.45
N PHE A 146 -0.48 18.25 -21.78
CA PHE A 146 -1.24 19.39 -22.26
C PHE A 146 -1.75 20.27 -21.14
N LEU A 147 -1.49 19.88 -19.90
CA LEU A 147 -1.89 20.67 -18.75
C LEU A 147 -0.76 21.69 -18.52
N GLU A 148 0.35 21.50 -19.21
CA GLU A 148 1.48 22.41 -19.09
C GLU A 148 1.08 23.72 -19.73
N LYS A 149 1.50 24.83 -19.15
CA LYS A 149 1.15 26.14 -19.69
C LYS A 149 1.69 26.35 -21.11
N PRO A 150 2.94 25.94 -21.37
CA PRO A 150 3.47 26.13 -22.72
C PRO A 150 2.59 25.51 -23.78
N LYS A 151 1.79 24.52 -23.38
CA LYS A 151 0.90 23.83 -24.29
C LYS A 151 -0.52 24.41 -24.24
N GLY A 152 -0.70 25.50 -23.50
CA GLY A 152 -2.01 26.11 -23.40
C GLY A 152 -2.87 25.56 -22.28
N GLY A 153 -2.28 24.71 -21.44
CA GLY A 153 -3.01 24.13 -20.32
C GLY A 153 -3.06 25.05 -19.13
N ARG A 154 -3.87 24.66 -18.15
CA ARG A 154 -4.08 25.40 -16.92
C ARG A 154 -2.80 25.65 -16.09
N GLY A 155 -1.72 24.94 -16.44
CA GLY A 155 -0.44 25.10 -15.77
C GLY A 155 -0.31 24.46 -14.39
N VAL A 156 -0.79 23.24 -14.25
CA VAL A 156 -0.75 22.56 -12.97
C VAL A 156 -0.18 21.15 -13.07
N LEU A 157 0.35 20.70 -11.94
CA LEU A 157 0.95 19.38 -11.79
C LEU A 157 -0.17 18.47 -11.22
N LEU A 158 -0.41 17.31 -11.86
CA LEU A 158 -1.48 16.40 -11.42
C LEU A 158 -1.39 16.00 -9.96
N GLY A 159 -0.18 15.84 -9.46
CA GLY A 159 -0.02 15.44 -8.07
C GLY A 159 0.38 16.57 -7.14
N GLY A 160 0.48 17.79 -7.67
CA GLY A 160 0.88 18.91 -6.84
C GLY A 160 2.23 18.66 -6.19
N VAL A 161 2.45 19.28 -5.04
CA VAL A 161 3.68 19.14 -4.28
C VAL A 161 3.26 19.24 -2.83
N PRO A 162 4.13 18.81 -1.91
CA PRO A 162 3.75 18.89 -0.50
C PRO A 162 3.25 20.29 -0.15
N GLY A 163 1.99 20.39 0.29
CA GLY A 163 1.44 21.67 0.64
C GLY A 163 0.57 22.30 -0.44
N VAL A 164 0.64 21.78 -1.66
CA VAL A 164 -0.17 22.29 -2.75
C VAL A 164 -1.05 21.13 -3.21
N ALA A 165 -2.36 21.31 -3.16
CA ALA A 165 -3.30 20.27 -3.53
C ALA A 165 -3.15 19.63 -4.91
N PRO A 166 -3.45 18.34 -5.01
CA PRO A 166 -3.33 17.67 -6.32
C PRO A 166 -4.50 18.06 -7.22
N ALA A 167 -4.37 17.80 -8.52
CA ALA A 167 -5.43 18.14 -9.45
C ALA A 167 -6.51 17.06 -9.41
N SER A 168 -7.59 17.28 -10.14
CA SER A 168 -8.68 16.32 -10.18
C SER A 168 -8.78 15.72 -11.58
N VAL A 169 -8.61 14.39 -11.66
CA VAL A 169 -8.71 13.71 -12.97
C VAL A 169 -9.99 12.89 -12.94
N VAL A 170 -10.90 13.20 -13.86
CA VAL A 170 -12.17 12.50 -13.92
C VAL A 170 -12.15 11.53 -15.09
N ILE A 171 -12.52 10.28 -14.82
CA ILE A 171 -12.52 9.27 -15.85
C ILE A 171 -13.93 8.76 -16.10
N LEU A 172 -14.43 8.92 -17.33
CA LEU A 172 -15.77 8.45 -17.65
C LEU A 172 -15.66 7.05 -18.26
N GLY A 173 -16.07 6.03 -17.51
CA GLY A 173 -15.98 4.67 -17.99
C GLY A 173 -14.98 3.86 -17.18
N GLY A 174 -15.47 2.80 -16.56
CA GLY A 174 -14.61 1.95 -15.74
C GLY A 174 -14.13 0.72 -16.46
N GLY A 175 -14.21 0.73 -17.80
CA GLY A 175 -13.77 -0.40 -18.58
C GLY A 175 -12.25 -0.53 -18.59
N THR A 176 -11.73 -1.14 -19.65
CA THR A 176 -10.30 -1.35 -19.78
C THR A 176 -9.50 -0.07 -19.94
N VAL A 177 -10.02 0.87 -20.71
CA VAL A 177 -9.34 2.15 -20.92
C VAL A 177 -9.42 2.90 -19.60
N GLY A 178 -10.61 2.93 -19.03
CA GLY A 178 -10.81 3.63 -17.78
C GLY A 178 -9.87 3.16 -16.69
N THR A 179 -9.95 1.87 -16.38
CA THR A 179 -9.13 1.28 -15.34
C THR A 179 -7.63 1.51 -15.54
N ASN A 180 -7.14 1.34 -16.76
CA ASN A 180 -5.72 1.56 -16.98
C ASN A 180 -5.32 3.02 -16.84
N ALA A 181 -6.21 3.92 -17.21
CA ALA A 181 -5.93 5.34 -17.08
C ALA A 181 -5.89 5.70 -15.60
N ALA A 182 -6.80 5.12 -14.83
CA ALA A 182 -6.88 5.38 -13.39
C ALA A 182 -5.55 5.04 -12.69
N LYS A 183 -4.97 3.89 -13.05
CA LYS A 183 -3.70 3.46 -12.47
C LYS A 183 -2.62 4.54 -12.61
N ILE A 184 -2.42 5.03 -13.83
CA ILE A 184 -1.42 6.05 -14.07
C ILE A 184 -1.78 7.38 -13.44
N ALA A 185 -3.05 7.76 -13.46
CA ALA A 185 -3.44 9.05 -12.86
C ALA A 185 -3.24 8.98 -11.36
N LEU A 186 -3.58 7.84 -10.77
CA LEU A 186 -3.39 7.65 -9.33
C LEU A 186 -1.89 7.76 -9.05
N GLY A 187 -1.11 7.04 -9.85
CA GLY A 187 0.33 7.03 -9.69
C GLY A 187 0.95 8.41 -9.82
N MET A 188 0.38 9.26 -10.67
CA MET A 188 0.93 10.59 -10.86
C MET A 188 0.57 11.54 -9.74
N GLY A 189 -0.21 11.04 -8.79
CA GLY A 189 -0.57 11.84 -7.62
C GLY A 189 -1.91 12.54 -7.63
N ALA A 190 -2.68 12.36 -8.68
CA ALA A 190 -3.98 13.03 -8.75
C ALA A 190 -5.08 12.39 -7.93
N GLN A 191 -6.10 13.20 -7.64
CA GLN A 191 -7.26 12.70 -6.95
C GLN A 191 -8.08 12.16 -8.13
N VAL A 192 -8.18 10.85 -8.22
CA VAL A 192 -8.91 10.25 -9.32
C VAL A 192 -10.32 9.90 -8.96
N THR A 193 -11.24 10.36 -9.80
CA THR A 193 -12.64 10.06 -9.64
C THR A 193 -13.05 9.35 -10.94
N ILE A 194 -13.58 8.14 -10.81
CA ILE A 194 -14.00 7.34 -11.96
C ILE A 194 -15.50 7.05 -11.91
N LEU A 195 -16.17 7.26 -13.03
CA LEU A 195 -17.61 7.05 -13.09
C LEU A 195 -17.95 5.92 -14.05
N ASP A 196 -18.97 5.15 -13.69
CA ASP A 196 -19.40 4.06 -14.54
C ASP A 196 -20.86 3.79 -14.23
N VAL A 197 -21.54 3.11 -15.14
CA VAL A 197 -22.95 2.82 -14.94
C VAL A 197 -23.17 1.49 -14.21
N ASN A 198 -22.19 0.59 -14.29
CA ASN A 198 -22.31 -0.71 -13.64
C ASN A 198 -21.86 -0.68 -12.18
N HIS A 199 -22.73 -1.11 -11.27
CA HIS A 199 -22.33 -1.06 -9.87
C HIS A 199 -21.24 -2.06 -9.48
N LYS A 200 -21.34 -3.27 -9.99
CA LYS A 200 -20.37 -4.31 -9.67
C LYS A 200 -18.95 -3.93 -10.12
N ARG A 201 -18.85 -3.19 -11.22
CA ARG A 201 -17.55 -2.78 -11.70
C ARG A 201 -16.94 -1.76 -10.74
N LEU A 202 -17.79 -0.92 -10.17
CA LEU A 202 -17.33 0.08 -9.22
C LEU A 202 -16.87 -0.61 -7.94
N GLN A 203 -17.60 -1.66 -7.55
CA GLN A 203 -17.26 -2.42 -6.36
C GLN A 203 -15.88 -3.03 -6.53
N TYR A 204 -15.64 -3.56 -7.73
CA TYR A 204 -14.36 -4.18 -8.03
C TYR A 204 -13.26 -3.14 -8.03
N LEU A 205 -13.52 -2.00 -8.66
CA LEU A 205 -12.53 -0.94 -8.73
C LEU A 205 -12.30 -0.39 -7.31
N ASP A 206 -13.34 -0.41 -6.48
CA ASP A 206 -13.14 0.06 -5.13
C ASP A 206 -12.20 -0.90 -4.43
N ASP A 207 -12.29 -2.19 -4.74
CA ASP A 207 -11.43 -3.17 -4.10
C ASP A 207 -9.98 -3.12 -4.59
N VAL A 208 -9.77 -3.04 -5.90
CA VAL A 208 -8.40 -3.02 -6.44
C VAL A 208 -7.62 -1.77 -6.04
N PHE A 209 -8.33 -0.66 -5.84
CA PHE A 209 -7.65 0.58 -5.47
C PHE A 209 -7.77 0.92 -3.99
N GLY A 210 -8.27 -0.03 -3.21
CA GLY A 210 -8.46 0.21 -1.79
C GLY A 210 -9.57 1.23 -1.73
N GLY A 211 -9.22 2.49 -1.55
CA GLY A 211 -10.23 3.54 -1.53
C GLY A 211 -9.61 4.74 -2.22
N ARG A 212 -8.34 4.61 -2.57
CA ARG A 212 -7.56 5.67 -3.19
C ARG A 212 -8.21 6.33 -4.41
N VAL A 213 -9.24 5.68 -4.95
CA VAL A 213 -9.94 6.23 -6.11
C VAL A 213 -11.41 6.38 -5.78
N ILE A 214 -11.96 7.53 -6.14
CA ILE A 214 -13.37 7.81 -5.90
C ILE A 214 -14.20 7.19 -7.01
N THR A 215 -15.08 6.26 -6.63
CA THR A 215 -15.98 5.63 -7.59
C THR A 215 -17.34 6.32 -7.48
N LEU A 216 -17.90 6.74 -8.61
CA LEU A 216 -19.19 7.41 -8.61
C LEU A 216 -20.14 6.84 -9.65
N THR A 217 -21.38 6.56 -9.22
CA THR A 217 -22.37 6.03 -10.13
C THR A 217 -22.50 7.04 -11.28
N ALA A 218 -22.42 6.54 -12.50
CA ALA A 218 -22.48 7.40 -13.67
C ALA A 218 -23.86 8.04 -13.90
N THR A 219 -24.38 8.76 -12.92
CA THR A 219 -25.65 9.44 -13.09
C THR A 219 -25.29 10.75 -13.78
N GLU A 220 -26.27 11.43 -14.34
CA GLU A 220 -26.01 12.70 -15.00
C GLU A 220 -25.51 13.78 -14.02
N ALA A 221 -26.09 13.77 -12.82
CA ALA A 221 -25.70 14.73 -11.81
C ALA A 221 -24.23 14.52 -11.42
N ASN A 222 -23.82 13.26 -11.26
CA ASN A 222 -22.43 12.97 -10.91
C ASN A 222 -21.48 13.35 -12.04
N ILE A 223 -21.87 12.99 -13.26
CA ILE A 223 -21.08 13.33 -14.44
C ILE A 223 -20.91 14.85 -14.52
N LYS A 224 -22.01 15.57 -14.33
CA LYS A 224 -22.02 17.03 -14.40
C LYS A 224 -21.12 17.68 -13.34
N LYS A 225 -21.22 17.21 -12.11
CA LYS A 225 -20.38 17.78 -11.06
C LYS A 225 -18.90 17.42 -11.23
N SER A 226 -18.63 16.20 -11.71
CA SER A 226 -17.25 15.75 -11.92
C SER A 226 -16.58 16.55 -13.02
N VAL A 227 -17.28 16.69 -14.14
CA VAL A 227 -16.76 17.42 -15.29
C VAL A 227 -16.46 18.87 -14.94
N GLN A 228 -17.28 19.42 -14.04
CA GLN A 228 -17.17 20.80 -13.64
C GLN A 228 -15.92 21.16 -12.85
N HIS A 229 -15.40 20.22 -12.07
CA HIS A 229 -14.23 20.51 -11.27
C HIS A 229 -12.98 19.80 -11.77
N ALA A 230 -13.13 19.09 -12.88
CA ALA A 230 -12.03 18.35 -13.47
C ALA A 230 -10.92 19.21 -14.07
N ASP A 231 -9.68 18.83 -13.79
CA ASP A 231 -8.52 19.51 -14.36
C ASP A 231 -8.18 18.68 -15.59
N LEU A 232 -8.47 17.38 -15.49
CA LEU A 232 -8.23 16.46 -16.58
C LEU A 232 -9.43 15.55 -16.67
N LEU A 233 -10.07 15.55 -17.85
CA LEU A 233 -11.26 14.73 -18.12
C LEU A 233 -10.87 13.69 -19.17
N ILE A 234 -11.01 12.42 -18.81
CA ILE A 234 -10.66 11.34 -19.71
C ILE A 234 -11.86 10.55 -20.20
N GLY A 235 -12.05 10.60 -21.52
CA GLY A 235 -13.14 9.87 -22.14
C GLY A 235 -12.72 8.46 -22.45
N ALA A 236 -13.49 7.49 -21.96
CA ALA A 236 -13.16 6.09 -22.19
C ALA A 236 -14.40 5.20 -22.31
N VAL A 237 -15.18 5.37 -23.38
CA VAL A 237 -16.39 4.57 -23.58
C VAL A 237 -16.76 4.35 -25.05
N LEU A 238 -17.82 5.01 -25.50
CA LEU A 238 -18.34 4.91 -26.88
C LEU A 238 -18.69 3.47 -27.25
N LYS A 246 -21.73 12.19 -26.73
CA LYS A 246 -23.04 12.55 -26.20
C LYS A 246 -23.13 12.38 -24.68
N LEU A 247 -22.01 12.05 -24.03
CA LEU A 247 -22.00 11.88 -22.58
C LEU A 247 -21.63 13.18 -21.87
N VAL A 248 -21.17 14.15 -22.65
CA VAL A 248 -20.79 15.48 -22.18
C VAL A 248 -21.08 16.47 -23.31
N THR A 249 -22.05 17.35 -23.10
CA THR A 249 -22.45 18.32 -24.14
C THR A 249 -21.63 19.60 -24.11
N ARG A 250 -21.62 20.34 -25.22
CA ARG A 250 -20.87 21.59 -25.27
C ARG A 250 -21.43 22.52 -24.21
N ASP A 251 -22.47 22.04 -23.54
CA ASP A 251 -23.14 22.76 -22.47
C ASP A 251 -22.41 22.56 -21.16
N MET A 252 -21.94 21.33 -20.94
CA MET A 252 -21.21 21.00 -19.74
C MET A 252 -19.81 21.60 -19.88
N LEU A 253 -19.33 21.64 -21.12
CA LEU A 253 -18.02 22.17 -21.44
C LEU A 253 -17.80 23.56 -20.85
N SER A 254 -18.84 24.38 -20.88
CA SER A 254 -18.76 25.74 -20.35
C SER A 254 -18.66 25.75 -18.83
N LEU A 255 -18.86 24.59 -18.23
CA LEU A 255 -18.78 24.45 -16.78
C LEU A 255 -17.36 24.15 -16.31
N MET A 256 -16.51 23.69 -17.24
CA MET A 256 -15.13 23.37 -16.89
C MET A 256 -14.29 24.62 -16.73
N LYS A 257 -13.28 24.55 -15.87
CA LYS A 257 -12.40 25.68 -15.65
C LYS A 257 -11.49 25.85 -16.84
N GLU A 258 -11.10 27.08 -17.14
CA GLU A 258 -10.23 27.32 -18.29
C GLU A 258 -8.86 26.70 -18.05
N GLY A 259 -8.30 26.10 -19.08
CA GLY A 259 -7.00 25.48 -18.95
C GLY A 259 -7.14 23.97 -18.82
N ALA A 260 -8.33 23.52 -18.43
CA ALA A 260 -8.58 22.09 -18.29
C ALA A 260 -8.42 21.42 -19.65
N VAL A 261 -8.15 20.11 -19.65
CA VAL A 261 -8.02 19.42 -20.91
C VAL A 261 -8.86 18.16 -20.94
N ILE A 262 -9.23 17.76 -22.15
CA ILE A 262 -10.04 16.57 -22.34
C ILE A 262 -9.31 15.64 -23.27
N VAL A 263 -9.21 14.37 -22.87
CA VAL A 263 -8.59 13.36 -23.70
C VAL A 263 -9.63 12.29 -23.88
N ASP A 264 -10.22 12.22 -25.07
CA ASP A 264 -11.23 11.20 -25.33
C ASP A 264 -10.52 10.07 -26.07
N VAL A 265 -10.46 8.90 -25.45
CA VAL A 265 -9.78 7.77 -26.08
C VAL A 265 -10.65 7.15 -27.17
N ALA A 266 -11.96 7.32 -27.03
CA ALA A 266 -12.92 6.80 -28.02
C ALA A 266 -12.61 7.34 -29.41
N TYR A 286 -6.71 21.80 -29.99
CA TYR A 286 -7.40 23.09 -30.12
C TYR A 286 -8.21 23.43 -28.87
N VAL A 287 -8.52 24.72 -28.72
CA VAL A 287 -9.27 25.25 -27.57
C VAL A 287 -10.74 25.64 -27.86
N VAL A 288 -11.64 25.21 -26.98
CA VAL A 288 -13.07 25.51 -27.08
C VAL A 288 -13.58 25.89 -25.69
N ASP A 289 -13.83 27.18 -25.48
CA ASP A 289 -14.30 27.70 -24.20
C ASP A 289 -13.17 27.76 -23.16
N GLY A 290 -11.93 27.92 -23.63
CA GLY A 290 -10.78 27.98 -22.74
C GLY A 290 -10.23 26.62 -22.37
N VAL A 291 -10.99 25.57 -22.67
CA VAL A 291 -10.60 24.18 -22.37
C VAL A 291 -9.84 23.54 -23.55
N VAL A 292 -8.72 22.90 -23.27
CA VAL A 292 -7.93 22.26 -24.32
C VAL A 292 -8.40 20.85 -24.72
N HIS A 293 -8.78 20.69 -25.99
CA HIS A 293 -9.25 19.40 -26.54
C HIS A 293 -8.12 18.65 -27.24
N TYR A 294 -7.81 17.45 -26.76
CA TYR A 294 -6.76 16.68 -27.39
C TYR A 294 -7.33 15.63 -28.34
N GLY A 295 -7.17 15.88 -29.63
CA GLY A 295 -7.67 14.96 -30.64
C GLY A 295 -6.60 14.45 -31.58
N VAL A 296 -5.78 13.50 -31.12
CA VAL A 296 -4.74 12.91 -31.94
C VAL A 296 -4.81 11.38 -31.85
N ALA A 297 -5.66 10.82 -32.70
CA ALA A 297 -5.93 9.39 -32.79
C ALA A 297 -5.07 8.41 -31.99
N ASN A 298 -4.29 7.61 -32.72
CA ASN A 298 -3.44 6.57 -32.16
C ASN A 298 -2.43 7.00 -31.09
N MET A 299 -2.83 6.93 -29.83
CA MET A 299 -1.94 7.27 -28.72
C MET A 299 -0.93 6.15 -28.62
N PRO A 300 -1.38 4.89 -28.79
CA PRO A 300 -0.42 3.79 -28.72
C PRO A 300 0.69 4.08 -29.73
N GLY A 301 0.35 4.89 -30.73
CA GLY A 301 1.27 5.28 -31.79
C GLY A 301 2.49 6.04 -31.33
N ALA A 302 2.34 6.88 -30.30
CA ALA A 302 3.45 7.65 -29.76
C ALA A 302 4.41 6.74 -29.01
N VAL A 303 4.00 5.50 -28.77
CA VAL A 303 4.84 4.53 -28.07
C VAL A 303 4.79 3.24 -28.88
N PRO A 304 5.24 3.32 -30.14
CA PRO A 304 5.24 2.17 -31.04
C PRO A 304 5.89 0.89 -30.50
N ARG A 305 7.09 0.99 -29.93
CA ARG A 305 7.77 -0.19 -29.42
C ARG A 305 6.87 -0.93 -28.44
N THR A 306 6.36 -0.23 -27.41
CA THR A 306 5.49 -0.87 -26.41
C THR A 306 4.24 -1.48 -27.06
N SER A 307 3.60 -0.73 -27.96
CA SER A 307 2.39 -1.21 -28.61
C SER A 307 2.65 -2.47 -29.44
N THR A 308 3.79 -2.46 -30.12
CA THR A 308 4.20 -3.57 -30.95
C THR A 308 4.24 -4.85 -30.13
N PHE A 309 4.93 -4.81 -29.00
CA PHE A 309 5.01 -6.00 -28.17
C PHE A 309 3.67 -6.38 -27.57
N ALA A 310 2.89 -5.40 -27.13
CA ALA A 310 1.60 -5.69 -26.53
C ALA A 310 0.69 -6.35 -27.56
N LEU A 311 0.78 -5.88 -28.80
CA LEU A 311 -0.02 -6.43 -29.87
C LEU A 311 0.54 -7.76 -30.36
N THR A 312 1.82 -7.79 -30.68
CA THR A 312 2.42 -9.02 -31.18
C THR A 312 2.47 -10.14 -30.15
N ASN A 313 2.30 -9.81 -28.88
CA ASN A 313 2.30 -10.85 -27.84
C ASN A 313 0.99 -11.63 -27.88
N GLN A 314 -0.10 -10.97 -28.26
CA GLN A 314 -1.42 -11.59 -28.35
C GLN A 314 -1.68 -12.20 -29.72
N THR A 315 -1.08 -11.65 -30.77
CA THR A 315 -1.27 -12.18 -32.12
C THR A 315 -0.41 -13.41 -32.46
N LEU A 316 0.81 -13.48 -31.92
CA LEU A 316 1.70 -14.60 -32.22
C LEU A 316 1.06 -15.99 -32.13
N PRO A 317 0.36 -16.28 -31.04
CA PRO A 317 -0.27 -17.61 -30.95
C PRO A 317 -1.16 -17.94 -32.16
N TYR A 318 -1.86 -16.94 -32.68
CA TYR A 318 -2.76 -17.13 -33.83
C TYR A 318 -1.96 -17.20 -35.13
N VAL A 319 -0.88 -16.44 -35.22
CA VAL A 319 -0.05 -16.47 -36.42
C VAL A 319 0.49 -17.89 -36.55
N LEU A 320 0.93 -18.44 -35.42
CA LEU A 320 1.48 -19.79 -35.35
C LEU A 320 0.46 -20.84 -35.77
N LYS A 321 -0.80 -20.66 -35.34
CA LYS A 321 -1.86 -21.61 -35.67
C LYS A 321 -2.17 -21.60 -37.16
N LEU A 322 -2.23 -20.41 -37.74
CA LEU A 322 -2.50 -20.28 -39.17
C LEU A 322 -1.29 -20.85 -39.90
N ALA A 323 -0.12 -20.43 -39.47
CA ALA A 323 1.13 -20.89 -40.05
C ALA A 323 1.21 -22.42 -40.05
N GLU A 324 0.67 -23.04 -39.01
CA GLU A 324 0.72 -24.49 -38.89
C GLU A 324 -0.45 -25.25 -39.52
N LYS A 325 -1.65 -24.70 -39.49
CA LYS A 325 -2.79 -25.43 -40.05
C LYS A 325 -3.56 -24.68 -41.12
N GLY A 326 -2.94 -23.66 -41.71
CA GLY A 326 -3.64 -22.91 -42.73
C GLY A 326 -5.03 -22.50 -42.26
N LEU A 327 -6.01 -22.52 -43.15
CA LEU A 327 -7.35 -22.11 -42.76
C LEU A 327 -8.06 -23.04 -41.78
N ASP A 328 -7.60 -24.28 -41.65
CA ASP A 328 -8.22 -25.20 -40.70
C ASP A 328 -8.21 -24.55 -39.32
N ALA A 329 -7.25 -23.67 -39.11
CA ALA A 329 -7.12 -22.98 -37.84
C ALA A 329 -8.43 -22.31 -37.47
N LEU A 330 -9.11 -21.75 -38.48
CA LEU A 330 -10.39 -21.07 -38.27
C LEU A 330 -11.53 -22.02 -37.97
N LEU A 331 -11.45 -23.22 -38.52
CA LEU A 331 -12.50 -24.19 -38.27
C LEU A 331 -12.24 -24.87 -36.92
N GLU A 332 -11.04 -24.67 -36.39
CA GLU A 332 -10.66 -25.26 -35.10
C GLU A 332 -10.67 -24.28 -33.94
N ASP A 333 -10.99 -23.01 -34.19
CA ASP A 333 -11.04 -22.00 -33.13
C ASP A 333 -12.19 -21.02 -33.39
N ALA A 334 -13.29 -21.19 -32.66
CA ALA A 334 -14.45 -20.32 -32.84
C ALA A 334 -14.13 -18.83 -32.86
N ALA A 335 -13.28 -18.40 -31.93
CA ALA A 335 -12.90 -16.99 -31.85
C ALA A 335 -12.15 -16.54 -33.10
N LEU A 336 -11.19 -17.33 -33.55
CA LEU A 336 -10.44 -16.96 -34.74
C LEU A 336 -11.36 -16.91 -35.96
N LEU A 337 -12.33 -17.82 -36.00
CA LEU A 337 -13.28 -17.87 -37.12
C LEU A 337 -14.05 -16.56 -37.28
N LYS A 338 -14.38 -15.93 -36.16
CA LYS A 338 -15.10 -14.66 -36.22
C LYS A 338 -14.16 -13.55 -36.68
N GLY A 339 -12.92 -13.93 -37.00
CA GLY A 339 -11.95 -12.96 -37.46
C GLY A 339 -12.03 -12.82 -38.97
N LEU A 340 -12.63 -13.83 -39.60
CA LEU A 340 -12.76 -13.84 -41.06
C LEU A 340 -13.78 -12.78 -41.48
N ASN A 341 -13.36 -11.87 -42.34
CA ASN A 341 -14.25 -10.83 -42.85
C ASN A 341 -14.50 -11.07 -44.33
N THR A 342 -13.44 -11.43 -45.06
CA THR A 342 -13.54 -11.69 -46.50
C THR A 342 -12.82 -12.96 -46.91
N HIS A 343 -13.47 -13.74 -47.78
CA HIS A 343 -12.90 -14.96 -48.32
C HIS A 343 -13.47 -15.22 -49.72
N LYS A 344 -12.57 -15.49 -50.66
CA LYS A 344 -12.92 -15.77 -52.06
C LYS A 344 -14.09 -14.91 -52.58
N GLY A 345 -14.06 -13.62 -52.26
CA GLY A 345 -15.12 -12.74 -52.72
C GLY A 345 -16.32 -12.68 -51.80
N ARG A 346 -16.38 -13.55 -50.80
CA ARG A 346 -17.51 -13.53 -49.89
C ARG A 346 -17.25 -12.58 -48.72
N LEU A 347 -18.31 -12.01 -48.17
CA LEU A 347 -18.19 -11.11 -47.02
C LEU A 347 -18.70 -11.92 -45.83
N THR A 348 -17.75 -12.50 -45.09
CA THR A 348 -18.07 -13.36 -43.94
C THR A 348 -18.37 -12.67 -42.61
N HIS A 349 -18.43 -11.35 -42.60
CA HIS A 349 -18.71 -10.64 -41.36
C HIS A 349 -20.02 -9.87 -41.40
N PRO A 350 -21.03 -10.35 -40.64
CA PRO A 350 -22.35 -9.70 -40.58
C PRO A 350 -22.30 -8.19 -40.53
N GLY A 351 -21.76 -7.65 -39.44
CA GLY A 351 -21.67 -6.21 -39.26
C GLY A 351 -21.24 -5.41 -40.48
N VAL A 352 -20.13 -5.79 -41.10
CA VAL A 352 -19.65 -5.06 -42.27
C VAL A 352 -20.63 -5.21 -43.42
N ALA A 353 -21.31 -6.35 -43.50
CA ALA A 353 -22.28 -6.58 -44.56
C ALA A 353 -23.50 -5.67 -44.37
N GLU A 354 -24.02 -5.64 -43.16
CA GLU A 354 -25.18 -4.80 -42.84
C GLU A 354 -24.88 -3.32 -43.06
N ALA A 355 -23.68 -2.89 -42.69
CA ALA A 355 -23.29 -1.49 -42.85
C ALA A 355 -23.24 -1.04 -44.32
N PHE A 356 -22.71 -1.90 -45.19
CA PHE A 356 -22.61 -1.59 -46.62
C PHE A 356 -23.72 -2.24 -47.46
N GLY A 357 -24.75 -2.76 -46.78
CA GLY A 357 -25.86 -3.40 -47.48
C GLY A 357 -25.38 -4.41 -48.50
N LEU A 358 -24.60 -5.39 -48.05
CA LEU A 358 -24.06 -6.41 -48.95
C LEU A 358 -24.36 -7.84 -48.49
N PRO A 359 -24.18 -8.82 -49.39
CA PRO A 359 -24.40 -10.25 -49.15
C PRO A 359 -23.48 -10.91 -48.09
N TYR A 360 -24.03 -11.11 -46.90
CA TYR A 360 -23.28 -11.74 -45.81
C TYR A 360 -23.28 -13.27 -45.90
N THR A 361 -22.07 -13.85 -45.97
CA THR A 361 -21.90 -15.31 -46.05
C THR A 361 -21.20 -15.83 -44.80
N PRO A 362 -21.84 -16.76 -44.07
CA PRO A 362 -21.26 -17.33 -42.84
C PRO A 362 -19.83 -17.80 -43.09
N PRO A 363 -18.86 -17.31 -42.30
CA PRO A 363 -17.45 -17.69 -42.44
C PRO A 363 -17.20 -19.19 -42.59
N GLU A 364 -17.70 -19.98 -41.65
CA GLU A 364 -17.51 -21.43 -41.70
C GLU A 364 -17.99 -21.98 -43.03
N GLU A 365 -19.12 -21.44 -43.51
CA GLU A 365 -19.69 -21.87 -44.78
C GLU A 365 -18.73 -21.50 -45.91
N ALA A 366 -18.50 -20.21 -46.09
CA ALA A 366 -17.62 -19.69 -47.13
C ALA A 366 -16.23 -20.35 -47.12
N LEU A 367 -15.82 -20.82 -45.95
CA LEU A 367 -14.52 -21.47 -45.81
C LEU A 367 -14.57 -22.87 -46.43
N ARG A 368 -15.74 -23.49 -46.37
CA ARG A 368 -15.93 -24.82 -46.93
C ARG A 368 -16.57 -24.77 -48.31
N GLY A 369 -16.02 -23.93 -49.17
CA GLY A 369 -16.54 -23.77 -50.52
C GLY A 369 -15.75 -22.75 -51.31
N MET B 1 11.64 1.14 48.09
CA MET B 1 10.70 2.26 48.39
C MET B 1 9.26 1.77 48.46
N VAL B 2 8.44 2.48 49.23
CA VAL B 2 7.01 2.14 49.34
C VAL B 2 6.32 3.08 48.37
N ILE B 3 5.64 2.49 47.39
CA ILE B 3 4.98 3.26 46.36
C ILE B 3 3.47 3.13 46.48
N GLY B 4 2.76 4.24 46.24
CA GLY B 4 1.32 4.22 46.36
C GLY B 4 0.57 4.66 45.12
N VAL B 5 -0.55 3.99 44.86
CA VAL B 5 -1.41 4.29 43.72
C VAL B 5 -2.85 4.53 44.15
N PRO B 6 -3.24 5.80 44.38
CA PRO B 6 -4.60 6.12 44.78
C PRO B 6 -5.55 5.94 43.61
N LYS B 7 -6.84 5.88 43.92
CA LYS B 7 -7.86 5.74 42.90
C LYS B 7 -8.15 7.15 42.40
N GLU B 8 -8.34 7.33 41.09
CA GLU B 8 -8.64 8.66 40.57
C GLU B 8 -10.05 9.04 40.98
N ILE B 9 -10.16 10.09 41.80
CA ILE B 9 -11.45 10.56 42.30
C ILE B 9 -12.12 11.65 41.46
N LYS B 10 -11.41 12.17 40.47
CA LYS B 10 -12.00 13.19 39.64
C LYS B 10 -13.13 12.52 38.87
N THR B 11 -14.30 13.13 38.87
CA THR B 11 -15.44 12.53 38.17
C THR B 11 -15.18 12.20 36.70
N LEU B 12 -15.58 10.99 36.31
CA LEU B 12 -15.42 10.49 34.94
C LEU B 12 -14.02 10.00 34.56
N GLU B 13 -13.05 10.22 35.44
CA GLU B 13 -11.68 9.78 35.20
C GLU B 13 -11.55 8.30 35.49
N ASN B 14 -11.22 7.51 34.48
CA ASN B 14 -11.12 6.07 34.67
C ASN B 14 -9.75 5.45 34.45
N ARG B 15 -8.77 6.26 34.09
CA ARG B 15 -7.42 5.73 33.89
C ARG B 15 -6.82 5.46 35.27
N VAL B 16 -5.71 4.73 35.30
CA VAL B 16 -5.03 4.41 36.55
C VAL B 16 -3.52 4.59 36.31
N ALA B 17 -2.79 5.08 37.30
CA ALA B 17 -1.35 5.36 37.10
C ALA B 17 -0.39 4.19 37.10
N LEU B 18 -0.84 3.01 37.49
CA LEU B 18 0.06 1.87 37.49
C LEU B 18 -0.71 0.62 37.12
N THR B 19 -0.10 -0.26 36.32
CA THR B 19 -0.77 -1.48 35.91
C THR B 19 -0.24 -2.66 36.69
N PRO B 20 -0.97 -3.78 36.66
CA PRO B 20 -0.49 -4.96 37.38
C PRO B 20 0.95 -5.28 36.91
N GLY B 21 1.20 -5.09 35.61
CA GLY B 21 2.50 -5.36 35.03
C GLY B 21 3.59 -4.44 35.57
N GLY B 22 3.26 -3.16 35.78
CA GLY B 22 4.20 -2.22 36.35
C GLY B 22 4.44 -2.59 37.81
N VAL B 23 3.38 -2.96 38.51
CA VAL B 23 3.47 -3.39 39.91
C VAL B 23 4.43 -4.58 40.02
N GLU B 24 4.31 -5.50 39.08
CA GLU B 24 5.16 -6.68 39.07
C GLU B 24 6.62 -6.26 38.95
N SER B 25 6.89 -5.34 38.02
CA SER B 25 8.24 -4.83 37.82
C SER B 25 8.78 -4.22 39.10
N LEU B 26 7.98 -3.36 39.74
CA LEU B 26 8.37 -2.72 40.98
C LEU B 26 8.64 -3.76 42.07
N VAL B 27 7.66 -4.61 42.33
CA VAL B 27 7.77 -5.66 43.35
C VAL B 27 8.93 -6.61 43.09
N ARG B 28 9.16 -6.92 41.82
CA ARG B 28 10.24 -7.80 41.41
C ARG B 28 11.60 -7.19 41.79
N ARG B 29 11.67 -5.87 41.86
CA ARG B 29 12.90 -5.18 42.22
C ARG B 29 12.96 -4.84 43.70
N GLY B 30 12.11 -5.49 44.49
CA GLY B 30 12.12 -5.27 45.92
C GLY B 30 11.31 -4.14 46.53
N HIS B 31 10.58 -3.38 45.72
CA HIS B 31 9.78 -2.31 46.27
C HIS B 31 8.43 -2.87 46.68
N THR B 32 7.75 -2.18 47.59
CA THR B 32 6.44 -2.62 48.03
C THR B 32 5.39 -1.64 47.48
N VAL B 33 4.38 -2.18 46.81
CA VAL B 33 3.35 -1.37 46.15
C VAL B 33 1.94 -1.39 46.76
N LEU B 34 1.45 -0.21 47.14
CA LEU B 34 0.11 -0.08 47.72
C LEU B 34 -0.86 0.51 46.68
N VAL B 35 -1.76 -0.34 46.18
CA VAL B 35 -2.75 0.07 45.20
C VAL B 35 -4.07 0.20 45.94
N GLU B 36 -4.71 1.37 45.83
CA GLU B 36 -5.99 1.59 46.51
C GLU B 36 -7.02 0.70 45.85
N ARG B 37 -7.83 0.01 46.66
CA ARG B 37 -8.85 -0.88 46.12
C ARG B 37 -9.71 -0.19 45.05
N GLY B 38 -10.05 -0.93 43.99
CA GLY B 38 -10.86 -0.39 42.92
C GLY B 38 -10.21 0.67 42.05
N ALA B 39 -8.90 0.91 42.24
CA ALA B 39 -8.17 1.93 41.49
C ALA B 39 -8.09 1.71 39.97
N GLY B 40 -8.09 0.46 39.54
CA GLY B 40 -8.02 0.18 38.12
C GLY B 40 -9.31 -0.37 37.53
N GLU B 41 -10.40 -0.36 38.28
CA GLU B 41 -11.65 -0.90 37.76
C GLU B 41 -12.16 -0.15 36.54
N GLY B 42 -11.87 1.14 36.47
CA GLY B 42 -12.32 1.93 35.34
C GLY B 42 -11.57 1.57 34.07
N SER B 43 -10.54 0.77 34.22
CA SER B 43 -9.74 0.35 33.09
C SER B 43 -9.78 -1.16 32.92
N GLY B 44 -10.57 -1.82 33.75
CA GLY B 44 -10.70 -3.26 33.65
C GLY B 44 -9.62 -4.06 34.33
N LEU B 45 -8.91 -3.43 35.26
CA LEU B 45 -7.87 -4.11 36.01
C LEU B 45 -8.42 -4.27 37.43
N SER B 46 -8.77 -5.50 37.79
CA SER B 46 -9.36 -5.77 39.10
C SER B 46 -8.38 -5.78 40.26
N ASP B 47 -8.90 -5.67 41.47
CA ASP B 47 -8.06 -5.71 42.67
C ASP B 47 -7.29 -7.04 42.73
N ALA B 48 -7.90 -8.10 42.20
CA ALA B 48 -7.29 -9.42 42.20
C ALA B 48 -6.08 -9.48 41.28
N GLU B 49 -6.13 -8.81 40.15
CA GLU B 49 -4.99 -8.82 39.24
C GLU B 49 -3.80 -8.11 39.90
N TYR B 50 -4.11 -7.08 40.66
CA TYR B 50 -3.09 -6.30 41.37
C TYR B 50 -2.50 -7.13 42.50
N ALA B 51 -3.35 -7.89 43.17
CA ALA B 51 -2.93 -8.76 44.25
C ALA B 51 -1.99 -9.82 43.68
N ARG B 52 -2.39 -10.45 42.58
CA ARG B 52 -1.56 -11.47 41.93
C ARG B 52 -0.25 -10.89 41.43
N ALA B 53 -0.22 -9.59 41.17
CA ALA B 53 0.99 -8.94 40.68
C ALA B 53 1.93 -8.63 41.84
N GLY B 54 1.44 -8.80 43.07
CA GLY B 54 2.27 -8.54 44.23
C GLY B 54 1.93 -7.24 44.94
N ALA B 55 0.85 -6.61 44.52
CA ALA B 55 0.44 -5.36 45.15
C ALA B 55 -0.32 -5.63 46.44
N GLU B 56 -0.41 -4.60 47.27
CA GLU B 56 -1.15 -4.70 48.51
C GLU B 56 -2.35 -3.78 48.32
N LEU B 57 -3.55 -4.37 48.40
CA LEU B 57 -4.77 -3.58 48.22
C LEU B 57 -5.06 -2.83 49.51
N VAL B 58 -4.99 -1.52 49.42
CA VAL B 58 -5.18 -0.66 50.57
C VAL B 58 -6.31 0.35 50.46
N GLY B 59 -6.48 1.13 51.51
CA GLY B 59 -7.50 2.15 51.53
C GLY B 59 -6.91 3.44 50.99
N ARG B 60 -7.76 4.42 50.76
CA ARG B 60 -7.34 5.69 50.21
C ARG B 60 -6.19 6.35 50.96
N GLU B 61 -6.32 6.45 52.29
CA GLU B 61 -5.28 7.07 53.10
C GLU B 61 -3.96 6.32 53.12
N GLU B 62 -3.99 4.99 53.11
CA GLU B 62 -2.76 4.22 53.13
C GLU B 62 -1.92 4.44 51.87
N ALA B 63 -2.59 4.56 50.73
CA ALA B 63 -1.95 4.79 49.45
C ALA B 63 -1.18 6.10 49.45
N TRP B 64 -1.76 7.11 50.10
CA TRP B 64 -1.15 8.42 50.19
C TRP B 64 0.03 8.43 51.16
N GLY B 65 0.10 7.43 52.03
CA GLY B 65 1.19 7.37 52.99
C GLY B 65 2.51 6.87 52.42
N ALA B 66 2.48 6.38 51.18
CA ALA B 66 3.69 5.88 50.54
C ALA B 66 4.68 7.02 50.35
N GLU B 67 5.96 6.68 50.20
CA GLU B 67 7.01 7.69 49.99
C GLU B 67 6.74 8.39 48.66
N MET B 68 6.36 7.61 47.66
CA MET B 68 6.05 8.16 46.35
C MET B 68 4.65 7.81 45.91
N VAL B 69 3.89 8.83 45.49
CA VAL B 69 2.53 8.61 45.01
C VAL B 69 2.51 8.86 43.51
N VAL B 70 1.96 7.90 42.78
CA VAL B 70 1.86 7.97 41.32
C VAL B 70 0.38 8.08 41.00
N LYS B 71 0.02 9.14 40.27
CA LYS B 71 -1.37 9.38 39.87
C LYS B 71 -1.51 9.73 38.41
N VAL B 72 -2.75 9.95 37.98
CA VAL B 72 -2.99 10.33 36.60
C VAL B 72 -3.31 11.81 36.58
N LYS B 73 -4.39 12.18 37.28
CA LYS B 73 -4.82 13.58 37.37
C LYS B 73 -4.22 14.24 38.61
N GLU B 74 -4.41 15.56 38.69
CA GLU B 74 -3.87 16.33 39.81
C GLU B 74 -4.69 16.23 41.07
N PRO B 75 -4.06 16.54 42.22
CA PRO B 75 -4.72 16.51 43.53
C PRO B 75 -5.92 17.47 43.59
N LEU B 76 -7.01 17.03 44.17
CA LEU B 76 -8.18 17.88 44.29
C LEU B 76 -8.15 18.52 45.67
N PRO B 77 -8.86 19.65 45.84
CA PRO B 77 -8.90 20.35 47.13
C PRO B 77 -9.09 19.36 48.28
N GLU B 78 -9.90 18.34 48.01
CA GLU B 78 -10.21 17.30 48.98
C GLU B 78 -9.01 16.38 49.30
N GLU B 79 -7.95 16.47 48.51
CA GLU B 79 -6.77 15.65 48.69
C GLU B 79 -5.56 16.45 49.15
N TYR B 80 -5.72 17.76 49.26
CA TYR B 80 -4.61 18.62 49.68
C TYR B 80 -4.05 18.22 51.04
N GLY B 81 -4.88 17.66 51.90
CA GLY B 81 -4.41 17.26 53.20
C GLY B 81 -3.39 16.13 53.20
N PHE B 82 -3.27 15.44 52.08
CA PHE B 82 -2.33 14.33 51.96
C PHE B 82 -0.92 14.80 51.63
N LEU B 83 -0.83 16.03 51.15
CA LEU B 83 0.46 16.61 50.80
C LEU B 83 1.31 16.87 52.04
N ARG B 84 2.57 16.47 51.95
CA ARG B 84 3.53 16.65 53.04
C ARG B 84 4.92 16.83 52.45
N GLU B 85 5.90 17.17 53.28
CA GLU B 85 7.23 17.43 52.79
C GLU B 85 8.00 16.24 52.21
N GLY B 86 8.01 15.12 52.90
CA GLY B 86 8.76 13.98 52.37
C GLY B 86 8.11 13.20 51.25
N LEU B 87 6.95 13.65 50.78
CA LEU B 87 6.24 12.97 49.71
C LEU B 87 6.67 13.41 48.31
N ILE B 88 6.85 12.43 47.43
CA ILE B 88 7.20 12.73 46.06
C ILE B 88 5.97 12.37 45.23
N LEU B 89 5.35 13.39 44.62
CA LEU B 89 4.16 13.19 43.81
C LEU B 89 4.44 13.28 42.29
N PHE B 90 4.17 12.19 41.58
CA PHE B 90 4.41 12.09 40.14
C PHE B 90 3.04 11.92 39.46
N THR B 91 2.64 12.88 38.64
CA THR B 91 1.33 12.83 37.97
C THR B 91 1.17 14.00 37.01
N TYR B 92 -0.01 14.18 36.45
CA TYR B 92 -0.26 15.32 35.58
C TYR B 92 -0.63 16.42 36.55
N LEU B 93 0.07 17.53 36.49
CA LEU B 93 -0.22 18.62 37.41
C LEU B 93 -0.91 19.81 36.77
N HIS B 94 -0.41 20.25 35.63
CA HIS B 94 -0.97 21.39 34.94
C HIS B 94 -1.11 22.56 35.92
N LEU B 95 -0.04 22.83 36.67
CA LEU B 95 -0.02 23.90 37.67
C LEU B 95 -0.35 25.28 37.12
N ALA B 96 0.19 25.60 35.95
CA ALA B 96 -0.05 26.90 35.34
C ALA B 96 -1.55 27.20 35.21
N ALA B 97 -2.39 26.20 35.39
CA ALA B 97 -3.82 26.40 35.27
C ALA B 97 -4.56 26.20 36.58
N ASP B 98 -3.82 26.10 37.67
CA ASP B 98 -4.43 25.90 38.97
C ASP B 98 -3.62 26.56 40.08
N ARG B 99 -3.74 27.88 40.21
CA ARG B 99 -3.01 28.60 41.25
C ARG B 99 -3.22 27.94 42.61
N GLY B 100 -4.47 27.67 42.96
CA GLY B 100 -4.78 27.05 44.24
C GLY B 100 -3.95 25.81 44.53
N LEU B 101 -3.80 24.95 43.54
CA LEU B 101 -3.03 23.74 43.70
C LEU B 101 -1.54 24.06 43.85
N THR B 102 -1.06 25.01 43.06
CA THR B 102 0.34 25.39 43.13
C THR B 102 0.67 25.92 44.51
N GLU B 103 -0.26 26.67 45.10
CA GLU B 103 -0.05 27.24 46.43
C GLU B 103 -0.07 26.15 47.49
N ALA B 104 -1.09 25.31 47.43
CA ALA B 104 -1.22 24.22 48.39
C ALA B 104 0.05 23.37 48.35
N MET B 105 0.52 23.06 47.15
CA MET B 105 1.71 22.24 47.02
C MET B 105 2.95 22.89 47.58
N LEU B 106 3.01 24.22 47.54
CA LEU B 106 4.16 24.92 48.06
C LEU B 106 4.11 24.98 49.58
N ARG B 107 2.93 25.17 50.13
CA ARG B 107 2.76 25.27 51.58
C ARG B 107 2.98 23.92 52.25
N SER B 108 2.77 22.84 51.50
CA SER B 108 2.96 21.50 52.05
C SER B 108 4.39 21.02 51.97
N GLY B 109 5.20 21.70 51.16
CA GLY B 109 6.60 21.32 51.02
C GLY B 109 6.77 20.04 50.22
N VAL B 110 5.69 19.59 49.58
CA VAL B 110 5.73 18.37 48.78
C VAL B 110 6.53 18.54 47.50
N THR B 111 7.25 17.50 47.11
CA THR B 111 8.02 17.56 45.88
C THR B 111 7.13 16.98 44.77
N GLY B 112 6.73 17.84 43.84
CA GLY B 112 5.87 17.42 42.75
C GLY B 112 6.53 17.37 41.38
N ILE B 113 6.40 16.23 40.71
CA ILE B 113 6.97 16.05 39.39
C ILE B 113 5.79 15.93 38.43
N ALA B 114 5.72 16.82 37.45
CA ALA B 114 4.63 16.81 36.49
C ALA B 114 4.95 15.96 35.29
N TYR B 115 4.03 15.10 34.88
CA TYR B 115 4.30 14.29 33.70
C TYR B 115 4.56 15.17 32.49
N GLU B 116 3.68 16.16 32.29
CA GLU B 116 3.72 17.06 31.15
C GLU B 116 4.89 18.04 31.04
N THR B 117 5.72 18.15 32.07
CA THR B 117 6.87 19.05 31.94
C THR B 117 8.16 18.27 31.81
N VAL B 118 8.08 16.94 31.88
CA VAL B 118 9.25 16.09 31.70
C VAL B 118 9.55 16.30 30.21
N GLN B 119 10.72 16.85 29.91
CA GLN B 119 11.04 17.17 28.54
C GLN B 119 12.41 16.76 28.05
N LEU B 120 12.46 16.24 26.83
CA LEU B 120 13.70 15.80 26.21
C LEU B 120 14.41 17.00 25.58
N PRO B 121 15.67 16.82 25.19
CA PRO B 121 16.46 17.90 24.58
C PRO B 121 15.83 18.54 23.35
N ASP B 122 15.23 17.72 22.49
CA ASP B 122 14.61 18.24 21.28
C ASP B 122 13.30 18.94 21.57
N GLY B 123 12.90 18.94 22.85
CA GLY B 123 11.68 19.60 23.27
C GLY B 123 10.42 18.76 23.34
N THR B 124 10.52 17.46 23.08
CA THR B 124 9.32 16.66 23.12
C THR B 124 8.93 16.40 24.57
N LEU B 125 7.63 16.25 24.81
CA LEU B 125 7.13 15.96 26.14
C LEU B 125 6.65 14.49 26.09
N PRO B 126 7.60 13.55 26.25
CA PRO B 126 7.39 12.10 26.23
C PRO B 126 6.29 11.47 27.09
N LEU B 127 5.84 12.17 28.13
CA LEU B 127 4.80 11.60 28.98
C LEU B 127 3.45 12.22 28.69
N LEU B 128 3.42 13.18 27.77
CA LEU B 128 2.16 13.80 27.39
C LEU B 128 1.76 13.24 26.02
N VAL B 129 2.76 12.98 25.18
CA VAL B 129 2.59 12.44 23.84
C VAL B 129 1.63 11.25 23.71
N PRO B 130 1.69 10.28 24.65
CA PRO B 130 0.78 9.15 24.53
C PRO B 130 -0.68 9.61 24.44
N MET B 131 -1.05 10.59 25.25
CA MET B 131 -2.41 11.13 25.27
C MET B 131 -2.75 11.89 24.00
N SER B 132 -1.75 12.49 23.37
CA SER B 132 -1.97 13.24 22.14
C SER B 132 -2.24 12.22 21.05
N GLU B 133 -1.64 11.05 21.18
CA GLU B 133 -1.82 10.01 20.20
C GLU B 133 -3.20 9.40 20.28
N VAL B 134 -3.67 9.05 21.49
CA VAL B 134 -4.99 8.45 21.58
C VAL B 134 -6.08 9.49 21.30
N ALA B 135 -5.82 10.75 21.62
CA ALA B 135 -6.80 11.80 21.34
C ALA B 135 -6.94 11.92 19.83
N GLY B 136 -5.80 11.89 19.14
CA GLY B 136 -5.82 11.98 17.70
C GLY B 136 -6.57 10.81 17.09
N ARG B 137 -6.21 9.57 17.48
CA ARG B 137 -6.86 8.39 16.95
C ARG B 137 -8.38 8.46 17.17
N MET B 138 -8.78 9.12 18.25
CA MET B 138 -10.20 9.25 18.60
C MET B 138 -10.99 10.32 17.85
N ALA B 139 -10.34 11.47 17.60
CA ALA B 139 -10.98 12.59 16.92
C ALA B 139 -11.90 12.22 15.75
N PRO B 140 -11.39 11.46 14.77
CA PRO B 140 -12.31 11.15 13.68
C PRO B 140 -13.36 10.12 14.09
N GLN B 141 -13.02 9.28 15.05
CA GLN B 141 -13.97 8.28 15.54
C GLN B 141 -15.17 9.02 16.13
N VAL B 142 -14.88 9.98 17.00
CA VAL B 142 -15.92 10.77 17.63
C VAL B 142 -16.60 11.66 16.59
N GLY B 143 -15.84 12.09 15.60
CA GLY B 143 -16.38 12.94 14.55
C GLY B 143 -17.45 12.20 13.77
N ALA B 144 -17.15 10.96 13.39
CA ALA B 144 -18.10 10.15 12.62
C ALA B 144 -19.38 9.95 13.41
N GLN B 145 -19.23 9.71 14.71
CA GLN B 145 -20.36 9.49 15.57
C GLN B 145 -21.38 10.62 15.48
N PHE B 146 -20.90 11.86 15.56
CA PHE B 146 -21.77 13.03 15.49
C PHE B 146 -22.13 13.47 14.08
N LEU B 147 -21.52 12.86 13.08
CA LEU B 147 -21.85 13.20 11.71
C LEU B 147 -23.17 12.47 11.44
N GLU B 148 -23.53 11.59 12.36
CA GLU B 148 -24.76 10.81 12.28
C GLU B 148 -25.96 11.73 12.58
N LYS B 149 -26.98 11.65 11.73
CA LYS B 149 -28.17 12.49 11.88
C LYS B 149 -28.77 12.47 13.30
N PRO B 150 -29.00 11.28 13.88
CA PRO B 150 -29.57 11.25 15.23
C PRO B 150 -28.84 12.13 16.24
N LYS B 151 -27.54 12.33 16.02
CA LYS B 151 -26.72 13.17 16.90
C LYS B 151 -26.77 14.59 16.39
N GLY B 152 -27.53 14.80 15.31
CA GLY B 152 -27.70 16.12 14.74
C GLY B 152 -26.75 16.47 13.63
N GLY B 153 -26.00 15.48 13.18
CA GLY B 153 -25.03 15.73 12.13
C GLY B 153 -25.57 15.71 10.72
N ARG B 154 -24.75 16.17 9.79
CA ARG B 154 -25.09 16.24 8.38
C ARG B 154 -25.68 14.92 7.86
N GLY B 155 -25.33 13.80 8.52
CA GLY B 155 -25.87 12.51 8.11
C GLY B 155 -25.07 11.73 7.08
N VAL B 156 -23.76 11.93 7.03
CA VAL B 156 -22.92 11.23 6.06
C VAL B 156 -21.96 10.21 6.66
N LEU B 157 -21.42 9.34 5.81
CA LEU B 157 -20.45 8.30 6.21
C LEU B 157 -19.12 8.85 5.69
N LEU B 158 -18.10 8.86 6.54
CA LEU B 158 -16.82 9.41 6.14
C LEU B 158 -16.24 8.92 4.83
N GLY B 159 -16.29 7.61 4.61
CA GLY B 159 -15.75 7.06 3.38
C GLY B 159 -16.78 6.74 2.31
N GLY B 160 -18.04 7.11 2.56
CA GLY B 160 -19.10 6.83 1.61
C GLY B 160 -19.21 5.34 1.32
N VAL B 161 -19.62 4.99 0.09
CA VAL B 161 -19.74 3.59 -0.33
C VAL B 161 -19.46 3.59 -1.82
N PRO B 162 -19.16 2.41 -2.40
CA PRO B 162 -18.88 2.35 -3.85
C PRO B 162 -19.96 3.08 -4.63
N GLY B 163 -19.58 4.09 -5.41
CA GLY B 163 -20.56 4.82 -6.18
C GLY B 163 -20.96 6.17 -5.59
N VAL B 164 -20.66 6.35 -4.30
CA VAL B 164 -20.97 7.59 -3.58
C VAL B 164 -19.69 8.20 -3.04
N ALA B 165 -19.44 9.45 -3.40
CA ALA B 165 -18.23 10.14 -2.94
C ALA B 165 -18.04 10.14 -1.43
N PRO B 166 -16.79 10.11 -0.98
CA PRO B 166 -16.57 10.13 0.46
C PRO B 166 -16.70 11.56 1.00
N ALA B 167 -16.61 11.69 2.31
CA ALA B 167 -16.69 12.99 2.95
C ALA B 167 -15.31 13.62 3.02
N SER B 168 -15.27 14.88 3.39
CA SER B 168 -14.01 15.62 3.53
C SER B 168 -13.65 15.83 5.00
N VAL B 169 -12.46 15.41 5.39
CA VAL B 169 -11.99 15.61 6.75
C VAL B 169 -10.82 16.57 6.68
N VAL B 170 -10.92 17.68 7.39
CA VAL B 170 -9.85 18.66 7.38
C VAL B 170 -9.28 18.73 8.78
N ILE B 171 -7.97 18.49 8.86
CA ILE B 171 -7.27 18.50 10.13
C ILE B 171 -6.33 19.71 10.19
N LEU B 172 -6.46 20.50 11.25
CA LEU B 172 -5.63 21.68 11.44
C LEU B 172 -4.48 21.34 12.38
N GLY B 173 -3.32 21.06 11.80
CA GLY B 173 -2.15 20.70 12.58
C GLY B 173 -1.57 19.37 12.14
N GLY B 174 -0.28 19.38 11.80
CA GLY B 174 0.38 18.16 11.40
C GLY B 174 1.17 17.55 12.54
N GLY B 175 0.87 18.01 13.75
CA GLY B 175 1.58 17.50 14.91
C GLY B 175 1.18 16.08 15.25
N THR B 176 1.36 15.69 16.50
CA THR B 176 1.04 14.36 16.94
C THR B 176 -0.45 14.07 16.85
N VAL B 177 -1.29 14.94 17.42
CA VAL B 177 -2.73 14.71 17.37
C VAL B 177 -3.20 14.68 15.93
N GLY B 178 -2.73 15.65 15.15
CA GLY B 178 -3.12 15.77 13.75
C GLY B 178 -2.71 14.60 12.88
N THR B 179 -1.48 14.09 13.07
CA THR B 179 -0.98 12.97 12.28
C THR B 179 -1.73 11.68 12.58
N ASN B 180 -2.05 11.46 13.85
CA ASN B 180 -2.77 10.25 14.23
C ASN B 180 -4.25 10.34 13.87
N ALA B 181 -4.76 11.56 13.81
CA ALA B 181 -6.16 11.71 13.44
C ALA B 181 -6.23 11.39 11.95
N ALA B 182 -5.20 11.79 11.21
CA ALA B 182 -5.14 11.55 9.76
C ALA B 182 -5.19 10.08 9.45
N LYS B 183 -4.45 9.28 10.22
CA LYS B 183 -4.39 7.84 10.03
C LYS B 183 -5.80 7.22 10.09
N ILE B 184 -6.57 7.56 11.12
CA ILE B 184 -7.89 6.99 11.24
C ILE B 184 -8.86 7.51 10.19
N ALA B 185 -8.86 8.82 9.97
CA ALA B 185 -9.76 9.40 8.96
C ALA B 185 -9.50 8.79 7.59
N LEU B 186 -8.21 8.63 7.26
CA LEU B 186 -7.82 8.03 5.99
C LEU B 186 -8.27 6.58 6.00
N GLY B 187 -8.13 5.94 7.16
CA GLY B 187 -8.55 4.55 7.30
C GLY B 187 -10.06 4.40 7.19
N MET B 188 -10.82 5.40 7.61
CA MET B 188 -12.27 5.31 7.51
C MET B 188 -12.77 5.64 6.11
N GLY B 189 -11.84 5.92 5.20
CA GLY B 189 -12.21 6.21 3.83
C GLY B 189 -12.45 7.66 3.42
N ALA B 190 -12.25 8.60 4.35
CA ALA B 190 -12.47 10.01 4.04
C ALA B 190 -11.41 10.61 3.12
N GLN B 191 -11.74 11.76 2.54
CA GLN B 191 -10.76 12.46 1.74
C GLN B 191 -10.14 13.30 2.83
N VAL B 192 -8.90 13.00 3.18
CA VAL B 192 -8.23 13.71 4.23
C VAL B 192 -7.29 14.79 3.72
N THR B 193 -7.45 15.97 4.29
CA THR B 193 -6.59 17.08 3.96
C THR B 193 -6.09 17.55 5.30
N ILE B 194 -4.77 17.67 5.44
CA ILE B 194 -4.20 18.10 6.69
C ILE B 194 -3.36 19.34 6.42
N LEU B 195 -3.48 20.34 7.28
CA LEU B 195 -2.74 21.57 7.11
C LEU B 195 -1.76 21.81 8.23
N ASP B 196 -0.66 22.50 7.90
CA ASP B 196 0.37 22.83 8.86
C ASP B 196 1.29 23.91 8.34
N VAL B 197 1.84 24.72 9.24
CA VAL B 197 2.74 25.79 8.82
C VAL B 197 4.15 25.34 8.42
N ASN B 198 4.67 24.33 9.11
CA ASN B 198 6.00 23.80 8.83
C ASN B 198 6.04 22.90 7.61
N HIS B 199 6.87 23.27 6.66
CA HIS B 199 6.98 22.51 5.44
C HIS B 199 7.61 21.13 5.61
N LYS B 200 8.69 21.04 6.39
CA LYS B 200 9.36 19.76 6.60
C LYS B 200 8.38 18.74 7.17
N ARG B 201 7.46 19.19 8.03
CA ARG B 201 6.48 18.30 8.61
C ARG B 201 5.56 17.82 7.48
N LEU B 202 5.19 18.74 6.60
CA LEU B 202 4.33 18.41 5.47
C LEU B 202 5.07 17.52 4.51
N GLN B 203 6.39 17.69 4.41
CA GLN B 203 7.15 16.82 3.54
C GLN B 203 7.12 15.41 4.12
N TYR B 204 7.38 15.30 5.42
CA TYR B 204 7.36 14.02 6.10
C TYR B 204 6.00 13.35 5.92
N LEU B 205 4.92 14.05 6.25
CA LEU B 205 3.58 13.49 6.12
C LEU B 205 3.31 12.99 4.70
N ASP B 206 3.86 13.68 3.70
CA ASP B 206 3.64 13.26 2.33
C ASP B 206 4.34 11.92 2.08
N ASP B 207 5.51 11.74 2.69
CA ASP B 207 6.26 10.48 2.55
C ASP B 207 5.55 9.32 3.22
N VAL B 208 5.11 9.52 4.46
CA VAL B 208 4.45 8.45 5.20
C VAL B 208 3.11 8.07 4.60
N PHE B 209 2.39 9.03 4.02
CA PHE B 209 1.09 8.70 3.49
C PHE B 209 1.04 8.34 2.00
N GLY B 210 2.17 8.41 1.34
CA GLY B 210 2.19 8.09 -0.07
C GLY B 210 1.65 9.29 -0.82
N GLY B 211 0.35 9.34 -1.01
CA GLY B 211 -0.24 10.48 -1.69
C GLY B 211 -1.71 10.46 -1.37
N ARG B 212 -2.08 9.52 -0.51
CA ARG B 212 -3.45 9.31 -0.08
C ARG B 212 -4.04 10.46 0.74
N VAL B 213 -3.20 11.19 1.47
CA VAL B 213 -3.67 12.32 2.26
C VAL B 213 -3.24 13.60 1.56
N ILE B 214 -4.07 14.65 1.63
CA ILE B 214 -3.73 15.92 1.00
C ILE B 214 -3.03 16.84 2.00
N THR B 215 -1.85 17.32 1.63
CA THR B 215 -1.12 18.23 2.49
C THR B 215 -1.25 19.66 1.94
N LEU B 216 -1.64 20.60 2.80
CA LEU B 216 -1.79 22.01 2.43
C LEU B 216 -1.04 22.93 3.38
N THR B 217 -0.22 23.82 2.85
CA THR B 217 0.50 24.75 3.70
C THR B 217 -0.58 25.57 4.39
N ALA B 218 -0.44 25.71 5.71
CA ALA B 218 -1.44 26.42 6.50
C ALA B 218 -1.50 27.92 6.31
N THR B 219 -1.89 28.38 5.12
CA THR B 219 -2.03 29.81 4.89
C THR B 219 -3.48 30.09 5.25
N GLU B 220 -3.82 31.36 5.41
CA GLU B 220 -5.19 31.75 5.73
C GLU B 220 -6.13 31.32 4.61
N ALA B 221 -5.67 31.44 3.38
CA ALA B 221 -6.46 31.06 2.22
C ALA B 221 -6.85 29.59 2.23
N ASN B 222 -5.89 28.74 2.51
CA ASN B 222 -6.13 27.32 2.54
C ASN B 222 -7.00 26.91 3.73
N ILE B 223 -6.84 27.59 4.85
CA ILE B 223 -7.65 27.27 6.01
C ILE B 223 -9.10 27.59 5.72
N LYS B 224 -9.35 28.77 5.14
CA LYS B 224 -10.70 29.20 4.81
C LYS B 224 -11.40 28.28 3.81
N LYS B 225 -10.73 28.01 2.68
CA LYS B 225 -11.31 27.14 1.68
C LYS B 225 -11.47 25.74 2.24
N SER B 226 -10.48 25.27 3.00
CA SER B 226 -10.53 23.94 3.60
C SER B 226 -11.72 23.79 4.53
N VAL B 227 -11.87 24.76 5.43
CA VAL B 227 -12.96 24.75 6.41
C VAL B 227 -14.33 24.82 5.73
N GLN B 228 -14.41 25.62 4.68
CA GLN B 228 -15.65 25.81 3.97
C GLN B 228 -16.24 24.53 3.36
N HIS B 229 -15.39 23.59 3.01
CA HIS B 229 -15.86 22.36 2.38
C HIS B 229 -15.75 21.14 3.29
N ALA B 230 -15.36 21.39 4.53
CA ALA B 230 -15.20 20.33 5.50
C ALA B 230 -16.51 19.75 6.02
N ASP B 231 -16.57 18.42 6.08
CA ASP B 231 -17.75 17.75 6.64
C ASP B 231 -17.41 17.52 8.10
N LEU B 232 -16.12 17.29 8.37
CA LEU B 232 -15.60 17.08 9.71
C LEU B 232 -14.35 17.94 9.85
N LEU B 233 -14.33 18.80 10.87
CA LEU B 233 -13.19 19.68 11.10
C LEU B 233 -12.54 19.30 12.43
N ILE B 234 -11.25 19.01 12.38
CA ILE B 234 -10.50 18.64 13.57
C ILE B 234 -9.41 19.64 13.87
N GLY B 235 -9.44 20.16 15.09
CA GLY B 235 -8.43 21.11 15.52
C GLY B 235 -7.34 20.35 16.25
N ALA B 236 -6.10 20.56 15.84
CA ALA B 236 -4.99 19.85 16.46
C ALA B 236 -3.74 20.73 16.61
N VAL B 237 -3.91 21.93 17.15
CA VAL B 237 -2.80 22.84 17.34
C VAL B 237 -2.79 23.49 18.73
N LEU B 238 -2.79 24.83 18.75
CA LEU B 238 -2.79 25.63 19.98
C LEU B 238 -1.40 25.69 20.61
N LYS B 246 -8.15 31.19 17.35
CA LYS B 246 -8.17 32.32 16.42
C LYS B 246 -7.76 31.92 14.99
N LEU B 247 -7.69 30.61 14.72
CA LEU B 247 -7.34 30.14 13.38
C LEU B 247 -8.61 30.04 12.51
N VAL B 248 -9.74 29.80 13.15
CA VAL B 248 -11.04 29.70 12.48
C VAL B 248 -12.02 30.61 13.23
N THR B 249 -12.42 31.71 12.61
CA THR B 249 -13.34 32.66 13.24
C THR B 249 -14.79 32.30 12.98
N ARG B 250 -15.70 32.82 13.82
CA ARG B 250 -17.12 32.54 13.66
C ARG B 250 -17.60 32.99 12.29
N ASP B 251 -16.76 33.76 11.60
CA ASP B 251 -17.08 34.24 10.26
C ASP B 251 -17.03 33.01 9.36
N MET B 252 -15.86 32.37 9.34
CA MET B 252 -15.63 31.18 8.53
C MET B 252 -16.66 30.11 8.87
N LEU B 253 -17.06 30.09 10.14
CA LEU B 253 -18.05 29.14 10.63
C LEU B 253 -19.30 29.23 9.78
N SER B 254 -19.57 30.40 9.22
CA SER B 254 -20.75 30.58 8.38
C SER B 254 -20.53 29.97 7.00
N LEU B 255 -19.27 29.77 6.64
CA LEU B 255 -18.95 29.18 5.35
C LEU B 255 -19.13 27.67 5.40
N MET B 256 -19.10 27.13 6.61
CA MET B 256 -19.24 25.69 6.77
C MET B 256 -20.66 25.20 6.48
N LYS B 257 -20.77 24.04 5.85
CA LYS B 257 -22.07 23.47 5.53
C LYS B 257 -22.80 23.08 6.80
N GLU B 258 -24.13 23.09 6.77
CA GLU B 258 -24.87 22.72 7.95
C GLU B 258 -24.79 21.22 8.18
N GLY B 259 -24.68 20.83 9.44
CA GLY B 259 -24.58 19.43 9.75
C GLY B 259 -23.12 19.05 9.96
N ALA B 260 -22.22 19.91 9.49
CA ALA B 260 -20.79 19.65 9.66
C ALA B 260 -20.49 19.65 11.15
N VAL B 261 -19.50 18.89 11.56
CA VAL B 261 -19.16 18.89 12.97
C VAL B 261 -17.72 19.33 13.15
N ILE B 262 -17.44 19.77 14.38
CA ILE B 262 -16.13 20.25 14.76
C ILE B 262 -15.65 19.52 16.00
N VAL B 263 -14.43 19.01 15.95
CA VAL B 263 -13.84 18.32 17.06
C VAL B 263 -12.51 19.01 17.31
N ASP B 264 -12.42 19.72 18.42
CA ASP B 264 -11.20 20.43 18.77
C ASP B 264 -10.52 19.76 19.95
N VAL B 265 -9.45 19.03 19.67
CA VAL B 265 -8.70 18.34 20.71
C VAL B 265 -8.04 19.43 21.53
N ALA B 266 -7.38 20.36 20.84
CA ALA B 266 -6.70 21.48 21.48
C ALA B 266 -7.58 22.16 22.55
N TYR B 286 -23.17 21.49 21.21
CA TYR B 286 -24.07 22.57 20.81
C TYR B 286 -23.91 22.93 19.33
N VAL B 287 -24.83 23.74 18.82
CA VAL B 287 -24.82 24.16 17.43
C VAL B 287 -24.67 25.67 17.29
N VAL B 288 -24.01 26.10 16.20
CA VAL B 288 -23.80 27.51 15.89
C VAL B 288 -23.71 27.63 14.36
N ASP B 289 -24.75 28.19 13.75
CA ASP B 289 -24.82 28.35 12.28
C ASP B 289 -25.18 27.05 11.56
N GLY B 290 -25.66 26.06 12.32
CA GLY B 290 -26.03 24.78 11.74
C GLY B 290 -24.97 23.71 12.01
N VAL B 291 -23.73 24.16 12.15
CA VAL B 291 -22.60 23.26 12.41
C VAL B 291 -22.66 22.73 13.84
N VAL B 292 -22.08 21.55 14.07
CA VAL B 292 -22.11 20.93 15.40
C VAL B 292 -20.74 20.91 16.12
N HIS B 293 -20.60 21.73 17.17
CA HIS B 293 -19.37 21.80 17.96
C HIS B 293 -19.30 20.67 18.99
N TYR B 294 -18.22 19.92 19.00
CA TYR B 294 -18.07 18.86 19.99
C TYR B 294 -17.02 19.29 21.02
N GLY B 295 -17.49 19.68 22.21
CA GLY B 295 -16.57 20.13 23.24
C GLY B 295 -16.56 19.34 24.55
N VAL B 296 -15.92 18.17 24.52
CA VAL B 296 -15.80 17.31 25.71
C VAL B 296 -14.33 16.97 25.91
N ALA B 297 -13.68 17.76 26.76
CA ALA B 297 -12.26 17.65 27.10
C ALA B 297 -11.53 16.36 26.72
N ASN B 298 -11.27 15.53 27.73
CA ASN B 298 -10.53 14.28 27.57
C ASN B 298 -11.15 13.20 26.68
N MET B 299 -10.73 13.14 25.42
CA MET B 299 -11.21 12.09 24.51
C MET B 299 -10.57 10.76 24.93
N PRO B 300 -9.32 10.80 25.45
CA PRO B 300 -8.66 9.57 25.88
C PRO B 300 -9.48 8.95 27.01
N GLY B 301 -10.29 9.79 27.67
CA GLY B 301 -11.14 9.35 28.75
C GLY B 301 -12.28 8.44 28.33
N ALA B 302 -12.57 8.39 27.04
CA ALA B 302 -13.63 7.54 26.51
C ALA B 302 -13.11 6.10 26.35
N VAL B 303 -11.79 5.96 26.30
CA VAL B 303 -11.13 4.66 26.17
C VAL B 303 -10.03 4.58 27.24
N PRO B 304 -10.44 4.68 28.51
CA PRO B 304 -9.51 4.64 29.64
C PRO B 304 -8.49 3.49 29.64
N ARG B 305 -8.94 2.28 29.33
CA ARG B 305 -8.04 1.13 29.30
C ARG B 305 -6.89 1.34 28.31
N THR B 306 -7.23 1.69 27.07
CA THR B 306 -6.20 1.95 26.08
C THR B 306 -5.30 3.07 26.58
N SER B 307 -5.91 4.10 27.16
CA SER B 307 -5.14 5.24 27.65
C SER B 307 -4.25 4.91 28.84
N THR B 308 -4.79 4.16 29.80
CA THR B 308 -4.00 3.77 30.97
C THR B 308 -2.69 3.13 30.51
N PHE B 309 -2.79 2.16 29.60
CA PHE B 309 -1.61 1.47 29.11
C PHE B 309 -0.64 2.35 28.34
N ALA B 310 -1.16 3.24 27.50
CA ALA B 310 -0.29 4.11 26.72
C ALA B 310 0.44 5.09 27.64
N LEU B 311 -0.24 5.52 28.71
CA LEU B 311 0.38 6.46 29.64
C LEU B 311 1.39 5.74 30.53
N THR B 312 0.94 4.67 31.19
CA THR B 312 1.78 3.88 32.08
C THR B 312 2.97 3.19 31.39
N ASN B 313 2.85 2.89 30.10
CA ASN B 313 3.96 2.25 29.37
C ASN B 313 5.12 3.24 29.26
N GLN B 314 4.81 4.53 29.26
CA GLN B 314 5.87 5.54 29.17
C GLN B 314 6.33 5.96 30.56
N THR B 315 5.42 6.03 31.52
CA THR B 315 5.80 6.45 32.86
C THR B 315 6.49 5.42 33.72
N LEU B 316 6.34 4.14 33.40
CA LEU B 316 6.95 3.10 34.21
C LEU B 316 8.46 3.20 34.36
N PRO B 317 9.20 3.42 33.26
CA PRO B 317 10.66 3.52 33.38
C PRO B 317 11.09 4.57 34.40
N TYR B 318 10.37 5.69 34.43
CA TYR B 318 10.69 6.80 35.34
C TYR B 318 10.32 6.47 36.78
N VAL B 319 9.23 5.73 36.97
CA VAL B 319 8.80 5.34 38.31
C VAL B 319 9.88 4.42 38.89
N LEU B 320 10.40 3.54 38.03
CA LEU B 320 11.45 2.59 38.38
C LEU B 320 12.73 3.29 38.76
N LYS B 321 13.05 4.38 38.07
CA LYS B 321 14.26 5.15 38.38
C LYS B 321 14.05 5.93 39.66
N LEU B 322 12.84 6.47 39.83
CA LEU B 322 12.54 7.24 41.02
C LEU B 322 12.47 6.37 42.27
N ALA B 323 11.99 5.14 42.13
CA ALA B 323 11.90 4.25 43.28
C ALA B 323 13.29 3.74 43.66
N GLU B 324 14.12 3.53 42.65
CA GLU B 324 15.47 3.03 42.85
C GLU B 324 16.46 4.06 43.38
N LYS B 325 16.38 5.29 42.90
CA LYS B 325 17.32 6.33 43.33
C LYS B 325 16.70 7.51 44.05
N GLY B 326 15.39 7.47 44.27
CA GLY B 326 14.77 8.59 44.94
C GLY B 326 14.99 9.82 44.07
N LEU B 327 15.28 10.95 44.71
CA LEU B 327 15.50 12.20 43.98
C LEU B 327 16.77 12.26 43.13
N ASP B 328 17.72 11.37 43.37
CA ASP B 328 18.93 11.38 42.56
C ASP B 328 18.57 11.10 41.12
N ALA B 329 17.36 10.58 40.90
CA ALA B 329 16.90 10.25 39.55
C ALA B 329 16.73 11.49 38.69
N LEU B 330 16.40 12.61 39.32
CA LEU B 330 16.22 13.86 38.59
C LEU B 330 17.57 14.47 38.26
N LEU B 331 18.52 14.33 39.18
CA LEU B 331 19.85 14.87 38.95
C LEU B 331 20.65 14.01 37.95
N GLU B 332 20.14 12.83 37.63
CA GLU B 332 20.82 11.96 36.68
C GLU B 332 20.15 11.94 35.32
N ASP B 333 19.00 12.60 35.21
CA ASP B 333 18.25 12.66 33.98
C ASP B 333 17.75 14.09 33.80
N ALA B 334 18.32 14.80 32.84
CA ALA B 334 17.94 16.18 32.58
C ALA B 334 16.49 16.31 32.16
N ALA B 335 15.97 15.33 31.43
CA ALA B 335 14.57 15.36 30.97
C ALA B 335 13.60 15.26 32.13
N LEU B 336 13.87 14.34 33.04
CA LEU B 336 13.02 14.15 34.20
C LEU B 336 13.19 15.31 35.18
N LEU B 337 14.38 15.89 35.21
CA LEU B 337 14.65 17.02 36.10
C LEU B 337 13.68 18.16 35.78
N LYS B 338 13.35 18.31 34.50
CA LYS B 338 12.44 19.37 34.08
C LYS B 338 11.02 19.13 34.55
N GLY B 339 10.72 17.90 34.99
CA GLY B 339 9.40 17.58 35.46
C GLY B 339 9.15 18.07 36.86
N LEU B 340 10.18 18.58 37.51
CA LEU B 340 10.05 19.08 38.88
C LEU B 340 9.33 20.42 38.87
N ASN B 341 8.28 20.55 39.67
CA ASN B 341 7.51 21.78 39.75
C ASN B 341 7.59 22.40 41.14
N THR B 342 7.50 21.55 42.16
CA THR B 342 7.58 22.00 43.55
C THR B 342 8.43 21.05 44.40
N HIS B 343 9.20 21.64 45.34
CA HIS B 343 10.04 20.89 46.25
C HIS B 343 10.31 21.72 47.49
N LYS B 344 10.01 21.15 48.66
CA LYS B 344 10.22 21.83 49.93
C LYS B 344 9.77 23.28 49.93
N GLY B 345 8.68 23.57 49.25
CA GLY B 345 8.18 24.93 49.22
C GLY B 345 8.73 25.82 48.12
N ARG B 346 9.66 25.33 47.32
CA ARG B 346 10.23 26.14 46.24
C ARG B 346 9.53 25.81 44.91
N LEU B 347 9.13 26.84 44.17
CA LEU B 347 8.49 26.63 42.88
C LEU B 347 9.62 26.53 41.85
N THR B 348 9.83 25.32 41.34
CA THR B 348 10.92 25.08 40.40
C THR B 348 10.58 25.05 38.92
N HIS B 349 9.43 25.60 38.56
CA HIS B 349 9.09 25.65 37.15
C HIS B 349 8.90 27.11 36.73
N PRO B 350 9.83 27.62 35.92
CA PRO B 350 9.83 29.01 35.43
C PRO B 350 8.51 29.47 34.81
N GLY B 351 7.89 28.62 34.00
CA GLY B 351 6.62 29.00 33.39
C GLY B 351 5.53 29.29 34.41
N VAL B 352 5.37 28.38 35.37
CA VAL B 352 4.36 28.54 36.40
C VAL B 352 4.69 29.76 37.24
N ALA B 353 5.95 29.86 37.63
CA ALA B 353 6.43 30.96 38.44
C ALA B 353 6.10 32.30 37.81
N GLU B 354 6.25 32.39 36.49
CA GLU B 354 5.98 33.61 35.77
C GLU B 354 4.49 33.87 35.60
N ALA B 355 3.71 32.81 35.42
CA ALA B 355 2.27 32.95 35.25
C ALA B 355 1.59 33.50 36.48
N PHE B 356 2.01 33.05 37.66
CA PHE B 356 1.41 33.50 38.90
C PHE B 356 2.25 34.56 39.61
N GLY B 357 3.43 34.85 39.06
CA GLY B 357 4.28 35.84 39.68
C GLY B 357 4.77 35.42 41.05
N LEU B 358 5.52 34.33 41.11
CA LEU B 358 6.06 33.82 42.37
C LEU B 358 7.54 33.51 42.17
N PRO B 359 8.32 33.48 43.25
CA PRO B 359 9.75 33.18 43.21
C PRO B 359 10.14 31.87 42.53
N TYR B 360 10.91 31.96 41.45
CA TYR B 360 11.35 30.76 40.74
C TYR B 360 12.69 30.27 41.27
N THR B 361 12.78 28.98 41.58
CA THR B 361 14.03 28.40 42.06
C THR B 361 14.43 27.25 41.14
N PRO B 362 15.57 27.37 40.44
CA PRO B 362 16.00 26.30 39.56
C PRO B 362 15.87 24.94 40.24
N PRO B 363 15.33 23.95 39.54
CA PRO B 363 15.15 22.61 40.11
C PRO B 363 16.42 22.02 40.69
N GLU B 364 17.50 22.01 39.91
CA GLU B 364 18.74 21.45 40.41
C GLU B 364 19.13 22.09 41.72
N GLU B 365 18.92 23.39 41.84
CA GLU B 365 19.26 24.11 43.07
C GLU B 365 18.37 23.73 44.25
N ALA B 366 17.06 23.87 44.07
CA ALA B 366 16.11 23.54 45.13
C ALA B 366 16.33 22.12 45.64
N LEU B 367 16.72 21.23 44.73
CA LEU B 367 16.96 19.84 45.07
C LEU B 367 18.14 19.68 46.02
N ARG B 368 19.21 20.42 45.77
CA ARG B 368 20.40 20.36 46.62
C ARG B 368 20.32 21.37 47.76
N GLY B 369 19.21 21.29 48.49
CA GLY B 369 18.99 22.20 49.60
C GLY B 369 17.64 21.90 50.23
N MET C 1 2.00 49.56 5.28
CA MET C 1 2.95 49.56 4.14
C MET C 1 2.22 49.33 2.83
N VAL C 2 2.69 49.97 1.77
CA VAL C 2 2.10 49.79 0.46
C VAL C 2 2.98 48.80 -0.26
N ILE C 3 2.40 47.66 -0.61
CA ILE C 3 3.12 46.57 -1.25
C ILE C 3 2.77 46.43 -2.73
N GLY C 4 3.80 46.37 -3.57
CA GLY C 4 3.56 46.25 -5.01
C GLY C 4 3.97 44.95 -5.65
N VAL C 5 3.11 44.43 -6.52
CA VAL C 5 3.38 43.20 -7.23
C VAL C 5 3.36 43.40 -8.74
N PRO C 6 4.52 43.70 -9.34
CA PRO C 6 4.62 43.90 -10.79
C PRO C 6 4.43 42.59 -11.51
N LYS C 7 4.24 42.65 -12.82
CA LYS C 7 4.09 41.44 -13.60
C LYS C 7 5.50 40.99 -13.99
N GLU C 8 5.71 39.69 -14.15
CA GLU C 8 7.02 39.21 -14.55
C GLU C 8 7.19 39.55 -16.03
N ILE C 9 8.30 40.19 -16.38
CA ILE C 9 8.55 40.57 -17.77
C ILE C 9 9.55 39.67 -18.49
N LYS C 10 10.30 38.86 -17.74
CA LYS C 10 11.28 37.93 -18.32
C LYS C 10 10.51 36.94 -19.20
N THR C 11 10.81 36.92 -20.50
CA THR C 11 10.08 36.06 -21.42
C THR C 11 9.80 34.63 -20.96
N LEU C 12 8.53 34.21 -21.12
CA LEU C 12 8.07 32.87 -20.76
C LEU C 12 7.77 32.65 -19.27
N GLU C 13 8.23 33.57 -18.43
CA GLU C 13 7.99 33.48 -16.99
C GLU C 13 6.52 33.80 -16.72
N ASN C 14 5.79 32.82 -16.19
CA ASN C 14 4.37 32.98 -15.92
C ASN C 14 3.96 32.87 -14.46
N ARG C 15 4.93 32.75 -13.56
CA ARG C 15 4.62 32.67 -12.15
C ARG C 15 4.32 34.07 -11.66
N VAL C 16 3.79 34.18 -10.45
CA VAL C 16 3.47 35.45 -9.86
C VAL C 16 3.82 35.41 -8.37
N ALA C 17 4.47 36.46 -7.88
CA ALA C 17 4.93 36.53 -6.49
C ALA C 17 3.91 36.68 -5.36
N LEU C 18 2.66 36.92 -5.71
CA LEU C 18 1.65 37.06 -4.67
C LEU C 18 0.32 36.57 -5.23
N THR C 19 -0.42 35.82 -4.44
CA THR C 19 -1.71 35.31 -4.89
C THR C 19 -2.85 36.14 -4.31
N PRO C 20 -4.07 35.97 -4.86
CA PRO C 20 -5.22 36.72 -4.35
C PRO C 20 -5.37 36.40 -2.85
N GLY C 21 -5.02 35.18 -2.48
CA GLY C 21 -5.09 34.76 -1.09
C GLY C 21 -4.06 35.52 -0.27
N GLY C 22 -2.86 35.71 -0.82
CA GLY C 22 -1.83 36.43 -0.10
C GLY C 22 -2.25 37.88 0.07
N VAL C 23 -2.84 38.44 -0.99
CA VAL C 23 -3.29 39.83 -0.96
C VAL C 23 -4.34 40.04 0.12
N GLU C 24 -5.23 39.07 0.27
CA GLU C 24 -6.29 39.19 1.25
C GLU C 24 -5.74 39.27 2.67
N SER C 25 -4.69 38.49 2.94
CA SER C 25 -4.06 38.49 4.25
C SER C 25 -3.38 39.83 4.56
N LEU C 26 -2.73 40.41 3.54
CA LEU C 26 -2.08 41.70 3.73
C LEU C 26 -3.15 42.79 3.92
N VAL C 27 -4.11 42.83 3.00
CA VAL C 27 -5.18 43.83 3.03
C VAL C 27 -6.01 43.70 4.29
N ARG C 28 -6.18 42.47 4.75
CA ARG C 28 -6.96 42.25 5.96
C ARG C 28 -6.23 42.83 7.18
N ARG C 29 -4.90 42.96 7.09
CA ARG C 29 -4.12 43.53 8.19
C ARG C 29 -3.90 45.02 8.02
N GLY C 30 -4.52 45.60 6.99
CA GLY C 30 -4.39 47.02 6.79
C GLY C 30 -3.42 47.55 5.75
N HIS C 31 -2.75 46.69 5.02
CA HIS C 31 -1.82 47.17 4.00
C HIS C 31 -2.53 47.39 2.68
N THR C 32 -1.96 48.23 1.84
CA THR C 32 -2.55 48.49 0.55
C THR C 32 -1.68 47.75 -0.45
N VAL C 33 -2.30 46.91 -1.27
CA VAL C 33 -1.57 46.12 -2.25
C VAL C 33 -1.83 46.50 -3.69
N LEU C 34 -0.75 46.89 -4.37
CA LEU C 34 -0.82 47.29 -5.78
C LEU C 34 -0.35 46.12 -6.65
N VAL C 35 -1.25 45.61 -7.49
CA VAL C 35 -0.92 44.50 -8.37
C VAL C 35 -1.05 44.94 -9.82
N GLU C 36 0.04 44.84 -10.58
CA GLU C 36 0.02 45.24 -11.98
C GLU C 36 -1.01 44.39 -12.71
N ARG C 37 -1.71 44.99 -13.67
CA ARG C 37 -2.71 44.24 -14.42
C ARG C 37 -2.06 43.04 -15.10
N GLY C 38 -2.76 41.90 -15.03
CA GLY C 38 -2.29 40.68 -15.66
C GLY C 38 -1.08 40.04 -15.02
N ALA C 39 -0.76 40.43 -13.79
CA ALA C 39 0.39 39.86 -13.12
C ALA C 39 0.18 38.36 -12.88
N GLY C 40 -1.07 37.96 -12.68
CA GLY C 40 -1.38 36.57 -12.42
C GLY C 40 -1.88 35.74 -13.59
N GLU C 41 -2.16 36.38 -14.72
CA GLU C 41 -2.68 35.64 -15.87
C GLU C 41 -1.81 34.44 -16.27
N GLY C 42 -0.51 34.56 -16.14
CA GLY C 42 0.35 33.46 -16.50
C GLY C 42 0.06 32.23 -15.65
N SER C 43 -0.50 32.47 -14.46
CA SER C 43 -0.83 31.39 -13.54
C SER C 43 -2.33 31.13 -13.41
N GLY C 44 -3.14 31.86 -14.17
CA GLY C 44 -4.58 31.69 -14.11
C GLY C 44 -5.28 32.44 -12.99
N LEU C 45 -4.63 33.46 -12.47
CA LEU C 45 -5.22 34.28 -11.41
C LEU C 45 -5.56 35.64 -12.04
N SER C 46 -6.83 35.84 -12.37
CA SER C 46 -7.25 37.08 -13.02
C SER C 46 -7.26 38.33 -12.13
N ASP C 47 -7.25 39.49 -12.80
CA ASP C 47 -7.30 40.77 -12.11
C ASP C 47 -8.52 40.78 -11.21
N ALA C 48 -9.60 40.19 -11.73
CA ALA C 48 -10.84 40.13 -11.00
C ALA C 48 -10.68 39.46 -9.65
N GLU C 49 -9.94 38.37 -9.59
CA GLU C 49 -9.74 37.67 -8.32
C GLU C 49 -8.94 38.54 -7.36
N TYR C 50 -8.00 39.31 -7.90
CA TYR C 50 -7.19 40.18 -7.06
C TYR C 50 -8.00 41.35 -6.54
N ALA C 51 -9.00 41.78 -7.30
CA ALA C 51 -9.81 42.89 -6.87
C ALA C 51 -10.68 42.47 -5.71
N ARG C 52 -11.29 41.29 -5.82
CA ARG C 52 -12.17 40.77 -4.77
C ARG C 52 -11.39 40.53 -3.47
N ALA C 53 -10.09 40.26 -3.60
CA ALA C 53 -9.23 40.00 -2.45
C ALA C 53 -8.84 41.30 -1.75
N GLY C 54 -9.01 42.42 -2.43
CA GLY C 54 -8.69 43.71 -1.84
C GLY C 54 -7.54 44.42 -2.51
N ALA C 55 -7.04 43.83 -3.60
CA ALA C 55 -5.93 44.43 -4.33
C ALA C 55 -6.40 45.51 -5.27
N GLU C 56 -5.48 46.39 -5.61
CA GLU C 56 -5.73 47.50 -6.52
C GLU C 56 -4.97 47.19 -7.79
N LEU C 57 -5.67 47.26 -8.92
CA LEU C 57 -5.04 46.98 -10.21
C LEU C 57 -4.45 48.24 -10.81
N VAL C 58 -3.14 48.21 -11.00
CA VAL C 58 -2.40 49.35 -11.51
C VAL C 58 -1.49 49.06 -12.71
N GLY C 59 -0.73 50.07 -13.09
CA GLY C 59 0.20 49.93 -14.20
C GLY C 59 1.57 49.54 -13.67
N ARG C 60 2.46 49.20 -14.59
CA ARG C 60 3.82 48.77 -14.25
C ARG C 60 4.54 49.73 -13.30
N GLU C 61 4.67 50.99 -13.69
CA GLU C 61 5.35 51.98 -12.88
C GLU C 61 4.72 52.19 -11.51
N GLU C 62 3.40 52.12 -11.42
CA GLU C 62 2.73 52.32 -10.14
C GLU C 62 3.05 51.17 -9.18
N ALA C 63 3.24 49.98 -9.74
CA ALA C 63 3.54 48.81 -8.95
C ALA C 63 4.89 48.98 -8.28
N TRP C 64 5.88 49.40 -9.06
CA TRP C 64 7.23 49.62 -8.57
C TRP C 64 7.32 50.79 -7.57
N GLY C 65 6.26 51.59 -7.50
CA GLY C 65 6.29 52.71 -6.58
C GLY C 65 6.07 52.38 -5.12
N ALA C 66 5.69 51.13 -4.83
CA ALA C 66 5.41 50.74 -3.45
C ALA C 66 6.68 50.68 -2.60
N GLU C 67 6.52 50.64 -1.28
CA GLU C 67 7.67 50.59 -0.37
C GLU C 67 8.36 49.26 -0.54
N MET C 68 7.57 48.22 -0.77
CA MET C 68 8.11 46.89 -0.95
C MET C 68 7.53 46.23 -2.18
N VAL C 69 8.42 45.85 -3.09
CA VAL C 69 8.01 45.18 -4.31
C VAL C 69 8.32 43.69 -4.16
N VAL C 70 7.36 42.86 -4.54
CA VAL C 70 7.55 41.43 -4.45
C VAL C 70 7.47 40.82 -5.84
N LYS C 71 8.59 40.26 -6.30
CA LYS C 71 8.64 39.62 -7.61
C LYS C 71 9.02 38.16 -7.48
N VAL C 72 9.24 37.53 -8.63
CA VAL C 72 9.65 36.13 -8.71
C VAL C 72 11.08 36.10 -9.26
N LYS C 73 11.27 36.70 -10.43
CA LYS C 73 12.58 36.77 -11.06
C LYS C 73 13.29 38.09 -10.81
N GLU C 74 14.58 38.13 -11.14
CA GLU C 74 15.36 39.33 -10.94
C GLU C 74 15.04 40.44 -11.93
N PRO C 75 15.27 41.69 -11.54
CA PRO C 75 15.01 42.85 -12.37
C PRO C 75 15.88 42.79 -13.62
N LEU C 76 15.28 42.99 -14.78
CA LEU C 76 16.02 42.99 -16.03
C LEU C 76 16.54 44.42 -16.24
N PRO C 77 17.55 44.59 -17.10
CA PRO C 77 18.11 45.93 -17.34
C PRO C 77 17.02 47.01 -17.49
N GLU C 78 15.95 46.63 -18.16
CA GLU C 78 14.81 47.49 -18.41
C GLU C 78 14.10 47.99 -17.15
N GLU C 79 14.37 47.35 -16.02
CA GLU C 79 13.73 47.74 -14.78
C GLU C 79 14.70 48.39 -13.82
N TYR C 80 15.99 48.26 -14.11
CA TYR C 80 17.04 48.83 -13.27
C TYR C 80 16.65 50.25 -12.82
N GLY C 81 15.84 50.91 -13.65
CA GLY C 81 15.43 52.26 -13.37
C GLY C 81 14.53 52.47 -12.16
N PHE C 82 13.75 51.46 -11.76
CA PHE C 82 12.87 51.61 -10.61
C PHE C 82 13.56 51.37 -9.28
N LEU C 83 14.81 50.89 -9.32
CA LEU C 83 15.54 50.62 -8.09
C LEU C 83 15.84 51.94 -7.40
N ARG C 84 15.59 52.01 -6.09
CA ARG C 84 15.84 53.22 -5.31
C ARG C 84 16.12 52.87 -3.85
N GLU C 85 16.77 53.78 -3.14
CA GLU C 85 17.15 53.53 -1.76
C GLU C 85 16.12 52.95 -0.79
N GLY C 86 15.03 53.66 -0.56
CA GLY C 86 14.05 53.16 0.39
C GLY C 86 13.25 51.92 0.01
N LEU C 87 13.33 51.52 -1.26
CA LEU C 87 12.59 50.37 -1.74
C LEU C 87 13.18 49.04 -1.25
N ILE C 88 12.32 48.14 -0.79
CA ILE C 88 12.77 46.83 -0.36
C ILE C 88 12.22 45.86 -1.41
N LEU C 89 13.13 45.29 -2.19
CA LEU C 89 12.79 44.35 -3.26
C LEU C 89 13.00 42.91 -2.78
N PHE C 90 11.93 42.12 -2.82
CA PHE C 90 11.95 40.73 -2.37
C PHE C 90 11.63 39.80 -3.55
N THR C 91 12.63 39.03 -3.99
CA THR C 91 12.47 38.15 -5.14
C THR C 91 13.70 37.25 -5.27
N TYR C 92 13.70 36.39 -6.28
CA TYR C 92 14.86 35.54 -6.53
C TYR C 92 15.82 36.50 -7.18
N LEU C 93 16.98 36.72 -6.56
CA LEU C 93 17.96 37.66 -7.10
C LEU C 93 19.06 37.05 -7.96
N HIS C 94 19.62 35.92 -7.53
CA HIS C 94 20.70 35.23 -8.27
C HIS C 94 21.75 36.25 -8.76
N LEU C 95 22.31 37.02 -7.83
CA LEU C 95 23.29 38.03 -8.17
C LEU C 95 24.63 37.52 -8.64
N ALA C 96 25.18 36.53 -7.93
CA ALA C 96 26.48 35.99 -8.31
C ALA C 96 26.57 35.69 -9.80
N ALA C 97 25.44 35.40 -10.42
CA ALA C 97 25.41 35.08 -11.84
C ALA C 97 25.02 36.25 -12.71
N ASP C 98 25.10 37.46 -12.17
CA ASP C 98 24.71 38.64 -12.95
C ASP C 98 25.32 39.93 -12.38
N ARG C 99 26.59 40.18 -12.66
CA ARG C 99 27.24 41.37 -12.13
C ARG C 99 26.56 42.67 -12.54
N GLY C 100 26.07 42.73 -13.78
CA GLY C 100 25.39 43.94 -14.24
C GLY C 100 24.27 44.38 -13.31
N LEU C 101 23.50 43.42 -12.81
CA LEU C 101 22.40 43.70 -11.90
C LEU C 101 22.92 44.10 -10.51
N THR C 102 23.84 43.30 -9.98
CA THR C 102 24.41 43.57 -8.66
C THR C 102 25.00 44.97 -8.57
N GLU C 103 25.62 45.42 -9.66
CA GLU C 103 26.21 46.74 -9.69
C GLU C 103 25.12 47.82 -9.78
N ALA C 104 24.03 47.49 -10.47
CA ALA C 104 22.90 48.41 -10.62
C ALA C 104 22.19 48.61 -9.30
N MET C 105 22.05 47.54 -8.53
CA MET C 105 21.40 47.58 -7.22
C MET C 105 22.26 48.23 -6.15
N LEU C 106 23.55 47.92 -6.18
CA LEU C 106 24.49 48.48 -5.23
C LEU C 106 24.57 50.00 -5.40
N ARG C 107 24.69 50.44 -6.64
CA ARG C 107 24.76 51.86 -6.95
C ARG C 107 23.46 52.57 -6.57
N SER C 108 22.35 51.85 -6.66
CA SER C 108 21.02 52.42 -6.38
C SER C 108 20.66 52.63 -4.91
N GLY C 109 21.27 51.88 -4.01
CA GLY C 109 20.96 52.03 -2.60
C GLY C 109 19.74 51.23 -2.18
N VAL C 110 19.13 50.52 -3.14
CA VAL C 110 17.96 49.72 -2.85
C VAL C 110 18.31 48.60 -1.86
N THR C 111 17.32 48.14 -1.11
CA THR C 111 17.57 47.06 -0.18
C THR C 111 16.94 45.79 -0.77
N GLY C 112 17.79 44.89 -1.25
CA GLY C 112 17.34 43.65 -1.86
C GLY C 112 17.46 42.39 -1.02
N ILE C 113 16.43 41.56 -1.08
CA ILE C 113 16.42 40.30 -0.34
C ILE C 113 16.12 39.16 -1.31
N ALA C 114 17.05 38.23 -1.41
CA ALA C 114 16.90 37.10 -2.32
C ALA C 114 16.24 35.90 -1.67
N TYR C 115 15.22 35.38 -2.34
CA TYR C 115 14.54 34.22 -1.81
C TYR C 115 15.53 33.09 -1.59
N GLU C 116 16.45 32.91 -2.53
CA GLU C 116 17.43 31.83 -2.48
C GLU C 116 18.57 31.89 -1.46
N THR C 117 18.71 32.99 -0.72
CA THR C 117 19.77 33.02 0.28
C THR C 117 19.15 33.03 1.67
N VAL C 118 17.83 32.89 1.75
CA VAL C 118 17.16 32.83 3.06
C VAL C 118 17.55 31.45 3.57
N GLN C 119 18.07 31.37 4.79
CA GLN C 119 18.53 30.09 5.28
C GLN C 119 18.22 29.76 6.71
N LEU C 120 17.79 28.51 6.91
CA LEU C 120 17.46 28.00 8.21
C LEU C 120 18.75 27.54 8.87
N PRO C 121 18.72 27.29 10.19
CA PRO C 121 19.93 26.85 10.89
C PRO C 121 20.57 25.58 10.31
N ASP C 122 19.74 24.58 10.03
CA ASP C 122 20.23 23.30 9.50
C ASP C 122 20.75 23.44 8.08
N GLY C 123 20.72 24.65 7.56
CA GLY C 123 21.22 24.90 6.21
C GLY C 123 20.26 24.76 5.06
N THR C 124 18.98 24.49 5.31
CA THR C 124 18.04 24.36 4.19
C THR C 124 17.59 25.74 3.75
N LEU C 125 17.30 25.88 2.46
CA LEU C 125 16.83 27.12 1.88
C LEU C 125 15.32 26.93 1.64
N PRO C 126 14.49 27.22 2.65
CA PRO C 126 13.03 27.06 2.59
C PRO C 126 12.29 27.67 1.40
N LEU C 127 12.80 28.78 0.87
CA LEU C 127 12.16 29.45 -0.26
C LEU C 127 12.64 28.95 -1.61
N LEU C 128 13.57 28.00 -1.60
CA LEU C 128 14.11 27.44 -2.84
C LEU C 128 13.71 25.97 -3.01
N VAL C 129 13.43 25.30 -1.90
CA VAL C 129 13.02 23.90 -1.90
C VAL C 129 11.78 23.63 -2.74
N PRO C 130 10.76 24.51 -2.65
CA PRO C 130 9.52 24.32 -3.42
C PRO C 130 9.78 24.07 -4.91
N MET C 131 10.75 24.79 -5.49
CA MET C 131 11.06 24.62 -6.90
C MET C 131 11.74 23.28 -7.17
N SER C 132 12.61 22.87 -6.25
CA SER C 132 13.28 21.59 -6.39
C SER C 132 12.17 20.53 -6.37
N GLU C 133 11.19 20.75 -5.51
CA GLU C 133 10.07 19.83 -5.40
C GLU C 133 9.25 19.68 -6.67
N VAL C 134 8.87 20.78 -7.32
CA VAL C 134 8.08 20.61 -8.53
C VAL C 134 8.98 20.17 -9.70
N ALA C 135 10.26 20.49 -9.64
CA ALA C 135 11.17 20.05 -10.70
C ALA C 135 11.24 18.53 -10.64
N GLY C 136 11.46 17.99 -9.45
CA GLY C 136 11.51 16.55 -9.27
C GLY C 136 10.29 15.85 -9.83
N ARG C 137 9.09 16.34 -9.49
CA ARG C 137 7.83 15.76 -9.97
C ARG C 137 7.71 15.88 -11.49
N MET C 138 8.25 16.95 -12.05
CA MET C 138 8.18 17.17 -13.49
C MET C 138 9.10 16.24 -14.28
N ALA C 139 10.23 15.90 -13.70
CA ALA C 139 11.22 15.05 -14.37
C ALA C 139 10.68 13.81 -15.09
N PRO C 140 10.08 12.85 -14.36
CA PRO C 140 9.59 11.69 -15.11
C PRO C 140 8.52 12.05 -16.14
N GLN C 141 7.82 13.15 -15.89
CA GLN C 141 6.76 13.63 -16.78
C GLN C 141 7.34 14.05 -18.13
N VAL C 142 8.43 14.81 -18.09
CA VAL C 142 9.08 15.26 -19.31
C VAL C 142 9.81 14.12 -20.00
N GLY C 143 10.38 13.22 -19.21
CA GLY C 143 11.08 12.06 -19.76
C GLY C 143 10.09 11.19 -20.52
N ALA C 144 8.97 10.88 -19.88
CA ALA C 144 7.95 10.08 -20.51
C ALA C 144 7.64 10.66 -21.88
N GLN C 145 7.30 11.95 -21.87
CA GLN C 145 6.95 12.67 -23.08
C GLN C 145 8.00 12.43 -24.17
N PHE C 146 9.26 12.66 -23.82
CA PHE C 146 10.34 12.48 -24.77
C PHE C 146 10.68 11.04 -25.12
N LEU C 147 10.15 10.10 -24.36
CA LEU C 147 10.38 8.70 -24.66
C LEU C 147 9.44 8.33 -25.82
N GLU C 148 8.44 9.18 -26.07
CA GLU C 148 7.50 8.96 -27.17
C GLU C 148 8.29 9.10 -28.49
N LYS C 149 8.09 8.15 -29.40
CA LYS C 149 8.78 8.14 -30.69
C LYS C 149 8.70 9.49 -31.43
N PRO C 150 7.49 10.05 -31.53
CA PRO C 150 7.33 11.33 -32.21
C PRO C 150 8.36 12.40 -31.82
N LYS C 151 8.88 12.31 -30.60
CA LYS C 151 9.86 13.29 -30.11
C LYS C 151 11.26 12.72 -30.22
N GLY C 152 11.39 11.62 -30.97
CA GLY C 152 12.69 11.00 -31.16
C GLY C 152 13.10 9.99 -30.11
N GLY C 153 12.20 9.66 -29.19
CA GLY C 153 12.54 8.71 -28.14
C GLY C 153 12.45 7.26 -28.55
N ARG C 154 12.86 6.38 -27.64
CA ARG C 154 12.86 4.94 -27.88
C ARG C 154 11.43 4.42 -28.14
N GLY C 155 10.44 5.26 -27.86
CA GLY C 155 9.05 4.87 -28.08
C GLY C 155 8.42 3.95 -27.06
N VAL C 156 8.89 4.02 -25.82
CA VAL C 156 8.35 3.16 -24.77
C VAL C 156 7.53 3.89 -23.72
N LEU C 157 6.67 3.12 -23.07
CA LEU C 157 5.79 3.61 -22.02
C LEU C 157 6.44 3.14 -20.71
N LEU C 158 6.72 4.08 -19.80
CA LEU C 158 7.38 3.76 -18.53
C LEU C 158 6.87 2.53 -17.76
N GLY C 159 5.55 2.42 -17.61
CA GLY C 159 5.01 1.29 -16.87
C GLY C 159 4.61 0.10 -17.72
N GLY C 160 4.81 0.21 -19.03
CA GLY C 160 4.42 -0.86 -19.93
C GLY C 160 2.93 -1.14 -19.78
N VAL C 161 2.53 -2.38 -20.01
CA VAL C 161 1.14 -2.80 -19.87
C VAL C 161 1.16 -4.23 -19.38
N PRO C 162 0.00 -4.74 -18.93
CA PRO C 162 -0.01 -6.13 -18.45
C PRO C 162 0.57 -7.03 -19.53
N GLY C 163 1.65 -7.73 -19.22
CA GLY C 163 2.26 -8.62 -20.20
C GLY C 163 3.54 -8.07 -20.80
N VAL C 164 3.68 -6.75 -20.81
CA VAL C 164 4.86 -6.06 -21.34
C VAL C 164 5.61 -5.41 -20.17
N ALA C 165 6.89 -5.72 -20.04
CA ALA C 165 7.72 -5.19 -18.95
C ALA C 165 7.83 -3.68 -18.96
N PRO C 166 7.86 -3.09 -17.77
CA PRO C 166 7.98 -1.64 -17.63
C PRO C 166 9.37 -1.21 -18.03
N ALA C 167 9.55 0.09 -18.18
CA ALA C 167 10.85 0.63 -18.55
C ALA C 167 11.64 0.89 -17.28
N SER C 168 12.93 1.17 -17.46
CA SER C 168 13.84 1.43 -16.36
C SER C 168 14.17 2.92 -16.20
N VAL C 169 13.89 3.43 -15.01
CA VAL C 169 14.15 4.82 -14.70
C VAL C 169 15.24 4.84 -13.64
N VAL C 170 16.35 5.51 -13.93
CA VAL C 170 17.46 5.60 -13.00
C VAL C 170 17.59 7.04 -12.53
N ILE C 171 17.53 7.23 -11.22
CA ILE C 171 17.62 8.56 -10.64
C ILE C 171 18.91 8.75 -9.85
N LEU C 172 19.76 9.67 -10.34
CA LEU C 172 21.03 9.95 -9.68
C LEU C 172 20.88 11.00 -8.60
N GLY C 173 20.84 10.56 -7.34
CA GLY C 173 20.69 11.49 -6.24
C GLY C 173 19.37 11.31 -5.50
N GLY C 174 19.44 11.10 -4.19
CA GLY C 174 18.24 10.90 -3.40
C GLY C 174 17.76 12.09 -2.59
N GLY C 175 18.16 13.29 -2.98
CA GLY C 175 17.72 14.49 -2.27
C GLY C 175 16.29 14.85 -2.65
N THR C 176 15.93 16.11 -2.45
CA THR C 176 14.58 16.58 -2.76
C THR C 176 14.13 16.27 -4.18
N VAL C 177 14.94 16.68 -5.15
CA VAL C 177 14.60 16.44 -6.53
C VAL C 177 14.48 14.98 -6.87
N GLY C 178 15.49 14.20 -6.51
CA GLY C 178 15.48 12.78 -6.83
C GLY C 178 14.36 11.99 -6.17
N THR C 179 14.01 12.38 -4.95
CA THR C 179 12.95 11.71 -4.22
C THR C 179 11.59 12.01 -4.86
N ASN C 180 11.40 13.24 -5.33
CA ASN C 180 10.12 13.56 -5.97
C ASN C 180 10.03 12.95 -7.36
N ALA C 181 11.17 12.75 -8.00
CA ALA C 181 11.21 12.12 -9.31
C ALA C 181 10.75 10.67 -9.11
N ALA C 182 11.35 10.03 -8.11
CA ALA C 182 11.04 8.65 -7.77
C ALA C 182 9.54 8.42 -7.56
N LYS C 183 8.92 9.25 -6.73
CA LYS C 183 7.49 9.11 -6.46
C LYS C 183 6.66 9.02 -7.74
N ILE C 184 6.90 9.93 -8.67
CA ILE C 184 6.15 9.93 -9.93
C ILE C 184 6.55 8.78 -10.88
N ALA C 185 7.84 8.55 -11.03
CA ALA C 185 8.30 7.46 -11.91
C ALA C 185 7.69 6.15 -11.43
N LEU C 186 7.72 5.94 -10.11
CA LEU C 186 7.15 4.73 -9.49
C LEU C 186 5.65 4.71 -9.80
N GLY C 187 5.01 5.84 -9.59
CA GLY C 187 3.59 5.94 -9.84
C GLY C 187 3.23 5.66 -11.29
N MET C 188 4.14 5.99 -12.20
CA MET C 188 3.88 5.75 -13.63
C MET C 188 4.13 4.30 -14.03
N GLY C 189 4.48 3.47 -13.05
CA GLY C 189 4.70 2.06 -13.30
C GLY C 189 6.12 1.59 -13.59
N ALA C 190 7.03 2.52 -13.89
CA ALA C 190 8.40 2.16 -14.21
C ALA C 190 9.17 1.50 -13.08
N GLN C 191 10.18 0.74 -13.45
CA GLN C 191 11.02 0.11 -12.45
C GLN C 191 11.98 1.23 -12.10
N VAL C 192 11.88 1.72 -10.87
CA VAL C 192 12.72 2.81 -10.40
C VAL C 192 13.92 2.38 -9.58
N THR C 193 15.09 2.88 -9.96
CA THR C 193 16.32 2.62 -9.24
C THR C 193 16.98 3.98 -8.99
N ILE C 194 17.13 4.33 -7.72
CA ILE C 194 17.72 5.59 -7.29
C ILE C 194 19.05 5.37 -6.56
N LEU C 195 20.12 6.05 -6.99
CA LEU C 195 21.43 5.91 -6.36
C LEU C 195 21.80 7.16 -5.56
N ASP C 196 22.53 6.98 -4.47
CA ASP C 196 22.94 8.10 -3.64
C ASP C 196 24.16 7.70 -2.81
N VAL C 197 24.93 8.71 -2.40
CA VAL C 197 26.14 8.49 -1.61
C VAL C 197 25.90 8.24 -0.12
N ASN C 198 24.86 8.87 0.42
CA ASN C 198 24.53 8.74 1.83
C ASN C 198 23.65 7.52 2.10
N HIS C 199 24.15 6.61 2.93
CA HIS C 199 23.40 5.40 3.23
C HIS C 199 22.10 5.66 4.00
N LYS C 200 22.12 6.60 4.96
CA LYS C 200 20.91 6.89 5.74
C LYS C 200 19.76 7.34 4.86
N ARG C 201 20.09 8.04 3.78
CA ARG C 201 19.06 8.49 2.87
C ARG C 201 18.48 7.27 2.14
N LEU C 202 19.34 6.36 1.73
CA LEU C 202 18.89 5.15 1.06
C LEU C 202 18.03 4.30 2.00
N GLN C 203 18.40 4.23 3.27
CA GLN C 203 17.63 3.46 4.22
C GLN C 203 16.23 4.09 4.35
N TYR C 204 16.20 5.42 4.40
CA TYR C 204 14.97 6.18 4.51
C TYR C 204 14.11 5.95 3.27
N LEU C 205 14.70 6.13 2.10
CA LEU C 205 13.96 5.91 0.87
C LEU C 205 13.42 4.50 0.81
N ASP C 206 14.15 3.55 1.36
CA ASP C 206 13.71 2.16 1.35
C ASP C 206 12.45 2.03 2.22
N ASP C 207 12.40 2.80 3.31
CA ASP C 207 11.25 2.76 4.21
C ASP C 207 9.99 3.38 3.62
N VAL C 208 10.14 4.60 3.10
CA VAL C 208 9.01 5.33 2.52
C VAL C 208 8.38 4.64 1.31
N PHE C 209 9.17 3.87 0.57
CA PHE C 209 8.68 3.18 -0.61
C PHE C 209 8.49 1.69 -0.38
N GLY C 210 8.51 1.29 0.88
CA GLY C 210 8.35 -0.11 1.18
C GLY C 210 9.58 -0.79 0.62
N GLY C 211 9.44 -1.33 -0.56
CA GLY C 211 10.58 -1.95 -1.20
C GLY C 211 10.46 -1.69 -2.69
N ARG C 212 9.35 -1.05 -3.07
CA ARG C 212 9.03 -0.76 -4.45
C ARG C 212 10.13 -0.11 -5.30
N VAL C 213 10.99 0.69 -4.68
CA VAL C 213 12.06 1.34 -5.44
C VAL C 213 13.42 0.76 -5.06
N ILE C 214 14.18 0.34 -6.08
CA ILE C 214 15.52 -0.24 -5.87
C ILE C 214 16.50 0.83 -5.47
N THR C 215 17.06 0.73 -4.26
CA THR C 215 18.06 1.70 -3.82
C THR C 215 19.46 1.14 -4.04
N LEU C 216 20.34 1.95 -4.63
CA LEU C 216 21.72 1.52 -4.90
C LEU C 216 22.74 2.53 -4.42
N THR C 217 23.78 2.02 -3.78
CA THR C 217 24.83 2.87 -3.28
C THR C 217 25.55 3.42 -4.50
N ALA C 218 25.74 4.74 -4.51
CA ALA C 218 26.37 5.43 -5.62
C ALA C 218 27.87 5.19 -5.80
N THR C 219 28.22 3.95 -6.14
CA THR C 219 29.60 3.57 -6.40
C THR C 219 29.77 3.76 -7.90
N GLU C 220 30.99 3.99 -8.36
CA GLU C 220 31.19 4.15 -9.79
C GLU C 220 30.67 2.94 -10.54
N ALA C 221 30.89 1.74 -9.98
CA ALA C 221 30.44 0.49 -10.60
C ALA C 221 28.92 0.48 -10.75
N ASN C 222 28.22 0.92 -9.69
CA ASN C 222 26.76 0.97 -9.70
C ASN C 222 26.19 2.06 -10.62
N ILE C 223 26.88 3.19 -10.72
CA ILE C 223 26.44 4.27 -11.59
C ILE C 223 26.60 3.83 -13.04
N LYS C 224 27.70 3.14 -13.32
CA LYS C 224 27.99 2.64 -14.66
C LYS C 224 26.90 1.67 -15.17
N LYS C 225 26.65 0.60 -14.42
CA LYS C 225 25.64 -0.39 -14.80
C LYS C 225 24.22 0.14 -14.87
N SER C 226 23.87 1.07 -13.99
CA SER C 226 22.51 1.64 -13.97
C SER C 226 22.26 2.46 -15.21
N VAL C 227 23.21 3.33 -15.54
CA VAL C 227 23.12 4.21 -16.69
C VAL C 227 23.02 3.40 -17.99
N GLN C 228 23.79 2.31 -18.03
CA GLN C 228 23.82 1.46 -19.20
C GLN C 228 22.50 0.77 -19.52
N HIS C 229 21.66 0.56 -18.52
CA HIS C 229 20.39 -0.11 -18.77
C HIS C 229 19.19 0.81 -18.62
N ALA C 230 19.46 2.07 -18.34
CA ALA C 230 18.41 3.05 -18.16
C ALA C 230 17.69 3.41 -19.45
N ASP C 231 16.37 3.52 -19.37
CA ASP C 231 15.58 3.93 -20.52
C ASP C 231 15.44 5.45 -20.35
N LEU C 232 15.25 5.88 -19.11
CA LEU C 232 15.14 7.29 -18.75
C LEU C 232 16.08 7.54 -17.59
N LEU C 233 17.05 8.41 -17.78
CA LEU C 233 18.03 8.75 -16.75
C LEU C 233 17.78 10.15 -16.22
N ILE C 234 17.57 10.27 -14.92
CA ILE C 234 17.32 11.58 -14.34
C ILE C 234 18.42 11.98 -13.39
N GLY C 235 19.09 13.09 -13.71
CA GLY C 235 20.16 13.58 -12.86
C GLY C 235 19.57 14.53 -11.84
N ALA C 236 19.84 14.28 -10.55
CA ALA C 236 19.32 15.15 -9.50
C ALA C 236 20.36 15.47 -8.44
N VAL C 237 21.46 16.12 -8.83
CA VAL C 237 22.51 16.46 -7.86
C VAL C 237 22.93 17.93 -7.95
N LEU C 238 24.22 18.15 -8.24
CA LEU C 238 24.81 19.50 -8.34
C LEU C 238 24.69 20.30 -7.05
N LYS C 246 29.81 15.72 -13.64
CA LYS C 246 31.01 14.90 -13.75
C LYS C 246 30.77 13.47 -13.27
N LEU C 247 29.51 13.11 -13.01
CA LEU C 247 29.17 11.77 -12.54
C LEU C 247 28.95 10.80 -13.72
N VAL C 248 28.53 11.34 -14.85
CA VAL C 248 28.29 10.53 -16.05
C VAL C 248 29.06 11.13 -17.22
N THR C 249 30.07 10.41 -17.70
CA THR C 249 30.91 10.88 -18.80
C THR C 249 30.36 10.45 -20.16
N ARG C 250 30.64 11.22 -21.20
CA ARG C 250 30.18 10.91 -22.54
C ARG C 250 30.53 9.46 -22.89
N ASP C 251 31.53 8.93 -22.18
CA ASP C 251 31.97 7.54 -22.38
C ASP C 251 30.79 6.65 -22.05
N MET C 252 30.30 6.77 -20.82
CA MET C 252 29.16 5.98 -20.34
C MET C 252 27.98 6.20 -21.28
N LEU C 253 27.88 7.41 -21.83
CA LEU C 253 26.80 7.78 -22.75
C LEU C 253 26.65 6.77 -23.89
N SER C 254 27.77 6.22 -24.36
CA SER C 254 27.72 5.24 -25.44
C SER C 254 27.21 3.88 -24.98
N LEU C 255 27.10 3.70 -23.67
CA LEU C 255 26.61 2.44 -23.10
C LEU C 255 25.08 2.39 -23.15
N MET C 256 24.45 3.55 -23.06
CA MET C 256 23.00 3.64 -23.06
C MET C 256 22.40 3.19 -24.38
N LYS C 257 21.28 2.47 -24.30
CA LYS C 257 20.63 2.02 -25.50
C LYS C 257 20.12 3.26 -26.18
N GLU C 258 20.03 3.22 -27.51
CA GLU C 258 19.57 4.39 -28.25
C GLU C 258 18.10 4.67 -27.99
N GLY C 259 17.73 5.93 -28.08
CA GLY C 259 16.35 6.32 -27.84
C GLY C 259 16.11 6.63 -26.37
N ALA C 260 17.05 6.23 -25.53
CA ALA C 260 16.95 6.52 -24.11
C ALA C 260 17.05 8.02 -23.97
N VAL C 261 16.48 8.59 -22.93
CA VAL C 261 16.58 10.02 -22.80
C VAL C 261 17.10 10.39 -21.43
N ILE C 262 17.70 11.56 -21.36
CA ILE C 262 18.28 12.08 -20.15
C ILE C 262 17.67 13.42 -19.78
N VAL C 263 17.36 13.60 -18.52
CA VAL C 263 16.80 14.85 -18.03
C VAL C 263 17.64 15.15 -16.80
N ASP C 264 18.41 16.24 -16.86
CA ASP C 264 19.25 16.63 -15.74
C ASP C 264 18.67 17.89 -15.14
N VAL C 265 18.00 17.76 -14.00
CA VAL C 265 17.40 18.91 -13.34
C VAL C 265 18.48 19.91 -12.95
N ALA C 266 19.69 19.42 -12.66
CA ALA C 266 20.80 20.28 -12.26
C ALA C 266 21.30 21.21 -13.38
N TYR C 286 18.45 17.75 -28.13
CA TYR C 286 19.45 17.27 -29.09
C TYR C 286 19.95 15.84 -28.80
N VAL C 287 20.34 15.13 -29.86
CA VAL C 287 20.83 13.75 -29.76
C VAL C 287 22.36 13.58 -29.80
N VAL C 288 22.87 12.71 -28.93
CA VAL C 288 24.30 12.39 -28.84
C VAL C 288 24.43 10.88 -28.56
N ASP C 289 24.93 10.14 -29.54
CA ASP C 289 25.11 8.69 -29.45
C ASP C 289 23.79 7.91 -29.46
N GLY C 290 22.76 8.50 -30.07
CA GLY C 290 21.46 7.85 -30.13
C GLY C 290 20.64 8.12 -28.88
N VAL C 291 21.21 8.91 -27.96
CA VAL C 291 20.55 9.27 -26.72
C VAL C 291 19.99 10.69 -26.78
N VAL C 292 18.73 10.85 -26.41
CA VAL C 292 18.05 12.14 -26.44
C VAL C 292 18.24 12.94 -25.15
N HIS C 293 18.88 14.10 -25.27
CA HIS C 293 19.14 14.98 -24.13
C HIS C 293 18.08 16.08 -24.00
N TYR C 294 17.55 16.24 -22.79
CA TYR C 294 16.58 17.29 -22.55
C TYR C 294 17.22 18.41 -21.74
N GLY C 295 17.37 19.58 -22.36
CA GLY C 295 17.97 20.72 -21.69
C GLY C 295 17.11 21.96 -21.80
N VAL C 296 16.14 22.09 -20.89
CA VAL C 296 15.23 23.22 -20.86
C VAL C 296 14.98 23.65 -19.42
N ALA C 297 15.98 24.34 -18.86
CA ALA C 297 16.00 24.85 -17.49
C ALA C 297 14.74 24.73 -16.63
N ASN C 298 14.06 25.85 -16.43
CA ASN C 298 12.88 25.91 -15.58
C ASN C 298 11.72 24.97 -15.94
N MET C 299 11.81 23.71 -15.50
CA MET C 299 10.72 22.75 -15.73
C MET C 299 9.51 23.26 -14.97
N PRO C 300 9.74 23.82 -13.78
CA PRO C 300 8.64 24.33 -12.97
C PRO C 300 7.85 25.40 -13.75
N GLY C 301 8.48 25.95 -14.79
CA GLY C 301 7.85 26.95 -15.62
C GLY C 301 6.72 26.38 -16.45
N ALA C 302 6.79 25.09 -16.78
CA ALA C 302 5.75 24.44 -17.56
C ALA C 302 4.45 24.36 -16.76
N VAL C 303 4.58 24.44 -15.44
CA VAL C 303 3.42 24.40 -14.56
C VAL C 303 3.44 25.59 -13.59
N PRO C 304 3.41 26.81 -14.15
CA PRO C 304 3.43 28.07 -13.42
C PRO C 304 2.44 28.19 -12.27
N ARG C 305 1.21 27.71 -12.45
CA ARG C 305 0.23 27.83 -11.36
C ARG C 305 0.62 27.00 -10.15
N THR C 306 1.16 25.80 -10.36
CA THR C 306 1.60 24.96 -9.24
C THR C 306 2.82 25.64 -8.62
N SER C 307 3.79 25.99 -9.46
CA SER C 307 4.99 26.65 -8.96
C SER C 307 4.63 27.89 -8.16
N THR C 308 3.73 28.69 -8.69
CA THR C 308 3.27 29.92 -8.04
C THR C 308 2.76 29.72 -6.61
N PHE C 309 2.05 28.63 -6.37
CA PHE C 309 1.54 28.36 -5.03
C PHE C 309 2.62 27.77 -4.13
N ALA C 310 3.46 26.91 -4.71
CA ALA C 310 4.52 26.27 -3.96
C ALA C 310 5.52 27.32 -3.49
N LEU C 311 5.71 28.37 -4.27
CA LEU C 311 6.64 29.43 -3.89
C LEU C 311 5.99 30.44 -2.93
N THR C 312 4.84 30.97 -3.32
CA THR C 312 4.15 31.95 -2.50
C THR C 312 3.65 31.38 -1.18
N ASN C 313 3.37 30.07 -1.13
CA ASN C 313 2.91 29.50 0.14
C ASN C 313 4.01 29.63 1.17
N GLN C 314 5.27 29.67 0.72
CA GLN C 314 6.40 29.79 1.64
C GLN C 314 6.82 31.24 1.82
N THR C 315 6.83 32.03 0.74
CA THR C 315 7.25 33.43 0.85
C THR C 315 6.30 34.33 1.63
N LEU C 316 5.00 34.10 1.48
CA LEU C 316 3.99 34.90 2.16
C LEU C 316 4.26 35.18 3.64
N PRO C 317 4.62 34.15 4.42
CA PRO C 317 4.89 34.41 5.84
C PRO C 317 5.92 35.52 6.05
N TYR C 318 6.93 35.55 5.18
CA TYR C 318 7.98 36.56 5.25
C TYR C 318 7.43 37.90 4.78
N VAL C 319 6.66 37.88 3.71
CA VAL C 319 6.07 39.10 3.19
C VAL C 319 5.26 39.78 4.29
N LEU C 320 4.51 38.99 5.05
CA LEU C 320 3.70 39.49 6.17
C LEU C 320 4.57 40.14 7.24
N LYS C 321 5.69 39.50 7.58
CA LYS C 321 6.62 40.02 8.57
C LYS C 321 7.23 41.35 8.11
N LEU C 322 7.66 41.38 6.86
CA LEU C 322 8.24 42.59 6.30
C LEU C 322 7.21 43.71 6.26
N ALA C 323 5.98 43.39 5.85
CA ALA C 323 4.92 44.38 5.78
C ALA C 323 4.60 44.92 7.16
N GLU C 324 4.65 44.05 8.14
CA GLU C 324 4.35 44.44 9.51
C GLU C 324 5.47 45.13 10.29
N LYS C 325 6.71 44.68 10.11
CA LYS C 325 7.82 45.22 10.87
C LYS C 325 8.92 45.93 10.10
N GLY C 326 8.75 46.09 8.80
CA GLY C 326 9.79 46.73 8.03
C GLY C 326 11.03 45.86 8.11
N LEU C 327 12.19 46.50 8.06
CA LEU C 327 13.45 45.78 8.10
C LEU C 327 13.70 45.03 9.41
N ASP C 328 12.92 45.32 10.44
CA ASP C 328 13.10 44.64 11.72
C ASP C 328 12.70 43.18 11.63
N ALA C 329 12.07 42.81 10.50
CA ALA C 329 11.68 41.43 10.31
C ALA C 329 12.97 40.63 10.24
N LEU C 330 13.98 41.20 9.59
CA LEU C 330 15.29 40.56 9.42
C LEU C 330 16.04 40.41 10.73
N LEU C 331 15.99 41.44 11.57
CA LEU C 331 16.70 41.42 12.84
C LEU C 331 16.02 40.52 13.87
N GLU C 332 14.83 40.02 13.56
CA GLU C 332 14.10 39.12 14.45
C GLU C 332 14.02 37.71 13.87
N ASP C 333 14.77 37.47 12.79
CA ASP C 333 14.80 36.17 12.13
C ASP C 333 16.15 36.02 11.42
N ALA C 334 16.99 35.13 11.94
CA ALA C 334 18.31 34.90 11.37
C ALA C 334 18.18 34.40 9.94
N ALA C 335 17.19 33.54 9.72
CA ALA C 335 16.94 32.98 8.40
C ALA C 335 16.61 34.10 7.42
N LEU C 336 15.57 34.86 7.71
CA LEU C 336 15.21 35.94 6.82
C LEU C 336 16.36 36.93 6.67
N LEU C 337 17.25 37.01 7.66
CA LEU C 337 18.36 37.95 7.62
C LEU C 337 19.35 37.64 6.49
N LYS C 338 19.70 36.37 6.35
CA LYS C 338 20.64 35.93 5.33
C LYS C 338 20.10 36.18 3.93
N GLY C 339 18.83 36.52 3.84
CA GLY C 339 18.23 36.78 2.56
C GLY C 339 18.74 38.08 1.97
N LEU C 340 19.18 38.98 2.85
CA LEU C 340 19.67 40.28 2.43
C LEU C 340 20.93 40.19 1.56
N ASN C 341 20.87 40.77 0.36
CA ASN C 341 22.00 40.75 -0.56
C ASN C 341 22.58 42.15 -0.73
N THR C 342 21.71 43.15 -0.74
CA THR C 342 22.14 44.54 -0.86
C THR C 342 21.32 45.44 0.06
N HIS C 343 21.88 46.58 0.41
CA HIS C 343 21.22 47.56 1.27
C HIS C 343 22.06 48.83 1.36
N LYS C 344 21.54 49.90 0.79
CA LYS C 344 22.22 51.19 0.82
C LYS C 344 23.64 51.14 0.25
N GLY C 345 23.82 50.43 -0.85
CA GLY C 345 25.14 50.34 -1.46
C GLY C 345 26.05 49.30 -0.86
N ARG C 346 25.57 48.57 0.14
CA ARG C 346 26.38 47.52 0.76
C ARG C 346 25.99 46.16 0.24
N LEU C 347 26.98 45.33 -0.10
CA LEU C 347 26.72 43.97 -0.57
C LEU C 347 26.77 43.16 0.71
N THR C 348 25.64 42.58 1.09
CA THR C 348 25.56 41.84 2.33
C THR C 348 25.53 40.33 2.25
N HIS C 349 25.99 39.77 1.14
CA HIS C 349 26.01 38.31 1.01
C HIS C 349 27.44 37.88 0.66
N PRO C 350 28.11 37.17 1.58
CA PRO C 350 29.49 36.72 1.32
C PRO C 350 29.66 36.03 -0.03
N GLY C 351 28.74 35.14 -0.34
CA GLY C 351 28.81 34.42 -1.60
C GLY C 351 28.89 35.35 -2.78
N VAL C 352 27.95 36.29 -2.87
CA VAL C 352 27.94 37.24 -3.97
C VAL C 352 29.22 38.07 -3.98
N ALA C 353 29.72 38.39 -2.80
CA ALA C 353 30.94 39.18 -2.69
C ALA C 353 32.14 38.43 -3.27
N GLU C 354 32.45 37.28 -2.68
CA GLU C 354 33.57 36.43 -3.10
C GLU C 354 33.48 36.19 -4.60
N ALA C 355 32.25 36.26 -5.10
CA ALA C 355 31.94 36.04 -6.51
C ALA C 355 32.35 37.16 -7.44
N PHE C 356 32.28 38.41 -6.99
CA PHE C 356 32.66 39.50 -7.86
C PHE C 356 33.87 40.25 -7.32
N GLY C 357 34.48 39.68 -6.30
CA GLY C 357 35.63 40.33 -5.71
C GLY C 357 35.22 41.67 -5.15
N LEU C 358 34.14 41.66 -4.36
CA LEU C 358 33.63 42.90 -3.77
C LEU C 358 33.60 42.91 -2.24
N PRO C 359 33.63 44.11 -1.65
CA PRO C 359 33.60 44.26 -0.19
C PRO C 359 32.35 43.64 0.43
N TYR C 360 32.56 42.73 1.38
CA TYR C 360 31.42 42.07 2.04
C TYR C 360 31.08 42.73 3.37
N THR C 361 29.88 43.30 3.45
CA THR C 361 29.46 43.94 4.67
C THR C 361 28.44 43.04 5.36
N PRO C 362 28.67 42.71 6.64
CA PRO C 362 27.75 41.84 7.36
C PRO C 362 26.33 42.41 7.23
N PRO C 363 25.34 41.56 6.95
CA PRO C 363 23.96 42.04 6.80
C PRO C 363 23.43 42.74 8.04
N GLU C 364 23.62 42.14 9.21
CA GLU C 364 23.15 42.74 10.45
C GLU C 364 23.87 44.05 10.71
N GLU C 365 25.08 44.18 10.18
CA GLU C 365 25.87 45.39 10.36
C GLU C 365 25.45 46.48 9.40
N ALA C 366 25.18 46.10 8.16
CA ALA C 366 24.77 47.06 7.14
C ALA C 366 23.38 47.59 7.46
N LEU C 367 22.55 46.72 8.02
CA LEU C 367 21.18 47.08 8.37
C LEU C 367 21.17 48.16 9.45
N ARG C 368 22.08 48.05 10.42
CA ARG C 368 22.17 49.00 11.51
C ARG C 368 23.11 50.17 11.20
N GLY C 369 23.00 50.71 10.01
CA GLY C 369 23.83 51.82 9.60
C GLY C 369 23.43 52.31 8.22
N MET D 1 -44.44 12.40 -18.00
CA MET D 1 -45.21 11.78 -16.89
C MET D 1 -45.05 12.65 -15.65
N VAL D 2 -46.05 12.62 -14.78
CA VAL D 2 -46.02 13.39 -13.55
C VAL D 2 -45.57 12.45 -12.45
N ILE D 3 -44.42 12.75 -11.86
CA ILE D 3 -43.83 11.92 -10.80
C ILE D 3 -43.93 12.60 -9.44
N GLY D 4 -44.42 11.87 -8.45
CA GLY D 4 -44.56 12.43 -7.11
C GLY D 4 -43.61 11.86 -6.07
N VAL D 5 -43.15 12.73 -5.16
CA VAL D 5 -42.24 12.32 -4.10
C VAL D 5 -42.77 12.63 -2.70
N PRO D 6 -43.57 11.71 -2.13
CA PRO D 6 -44.11 11.95 -0.77
C PRO D 6 -42.94 12.00 0.20
N LYS D 7 -43.12 12.69 1.32
CA LYS D 7 -42.07 12.77 2.35
C LYS D 7 -42.24 11.60 3.30
N GLU D 8 -41.18 10.81 3.48
CA GLU D 8 -41.25 9.66 4.38
C GLU D 8 -41.84 10.11 5.71
N ILE D 9 -42.87 9.38 6.17
CA ILE D 9 -43.56 9.71 7.42
C ILE D 9 -43.23 8.77 8.59
N LYS D 10 -42.76 7.57 8.28
CA LYS D 10 -42.41 6.60 9.31
C LYS D 10 -41.38 7.26 10.23
N THR D 11 -41.67 7.26 11.54
CA THR D 11 -40.79 7.92 12.50
C THR D 11 -39.31 7.54 12.38
N LEU D 12 -38.47 8.56 12.37
CA LEU D 12 -37.02 8.42 12.29
C LEU D 12 -36.48 8.20 10.87
N GLU D 13 -37.39 7.97 9.92
CA GLU D 13 -36.97 7.77 8.54
C GLU D 13 -36.58 9.13 7.93
N ASN D 14 -35.29 9.28 7.61
CA ASN D 14 -34.78 10.54 7.07
C ASN D 14 -34.34 10.49 5.60
N ARG D 15 -34.47 9.33 4.98
CA ARG D 15 -34.10 9.19 3.58
C ARG D 15 -35.21 9.76 2.69
N VAL D 16 -34.86 10.06 1.44
CA VAL D 16 -35.79 10.57 0.45
C VAL D 16 -35.62 9.74 -0.82
N ALA D 17 -36.72 9.34 -1.44
CA ALA D 17 -36.69 8.51 -2.65
C ALA D 17 -36.18 9.17 -3.94
N LEU D 18 -35.92 10.48 -3.92
CA LEU D 18 -35.43 11.17 -5.11
C LEU D 18 -34.65 12.44 -4.75
N THR D 19 -33.61 12.73 -5.52
CA THR D 19 -32.77 13.88 -5.26
C THR D 19 -32.86 14.98 -6.31
N PRO D 20 -32.41 16.20 -5.98
CA PRO D 20 -32.48 17.28 -6.96
C PRO D 20 -31.86 16.84 -8.28
N GLY D 21 -30.76 16.11 -8.21
CA GLY D 21 -30.12 15.61 -9.42
C GLY D 21 -31.04 14.66 -10.17
N GLY D 22 -31.82 13.89 -9.41
CA GLY D 22 -32.77 12.98 -10.00
C GLY D 22 -33.89 13.77 -10.67
N VAL D 23 -34.43 14.72 -9.91
CA VAL D 23 -35.51 15.57 -10.43
C VAL D 23 -35.07 16.21 -11.74
N GLU D 24 -33.85 16.72 -11.76
CA GLU D 24 -33.32 17.37 -12.95
C GLU D 24 -33.28 16.43 -14.16
N SER D 25 -32.96 15.17 -13.93
CA SER D 25 -32.91 14.20 -15.01
C SER D 25 -34.31 13.95 -15.59
N LEU D 26 -35.31 13.83 -14.72
CA LEU D 26 -36.67 13.61 -15.17
C LEU D 26 -37.14 14.83 -15.98
N VAL D 27 -37.16 15.98 -15.30
CA VAL D 27 -37.59 17.25 -15.90
C VAL D 27 -36.89 17.45 -17.25
N ARG D 28 -35.59 17.22 -17.28
CA ARG D 28 -34.82 17.39 -18.49
C ARG D 28 -35.35 16.51 -19.62
N ARG D 29 -36.12 15.50 -19.27
CA ARG D 29 -36.69 14.59 -20.26
C ARG D 29 -38.16 14.90 -20.49
N GLY D 30 -38.60 16.05 -20.01
CA GLY D 30 -39.97 16.46 -20.22
C GLY D 30 -40.96 16.13 -19.11
N HIS D 31 -40.61 15.22 -18.22
CA HIS D 31 -41.54 14.89 -17.15
C HIS D 31 -41.61 16.04 -16.16
N THR D 32 -42.58 15.97 -15.25
CA THR D 32 -42.75 16.98 -14.23
C THR D 32 -42.73 16.26 -12.90
N VAL D 33 -42.08 16.84 -11.89
CA VAL D 33 -41.98 16.21 -10.59
C VAL D 33 -42.57 17.00 -9.46
N LEU D 34 -43.39 16.30 -8.68
CA LEU D 34 -44.04 16.90 -7.53
C LEU D 34 -43.30 16.40 -6.29
N VAL D 35 -42.61 17.33 -5.64
CA VAL D 35 -41.84 17.03 -4.45
C VAL D 35 -42.51 17.66 -3.24
N GLU D 36 -42.95 16.84 -2.29
CA GLU D 36 -43.58 17.38 -1.09
C GLU D 36 -42.55 18.19 -0.33
N ARG D 37 -43.00 19.25 0.33
CA ARG D 37 -42.13 20.13 1.11
C ARG D 37 -41.41 19.34 2.19
N GLY D 38 -40.11 19.60 2.32
CA GLY D 38 -39.30 18.93 3.33
C GLY D 38 -39.04 17.44 3.14
N ALA D 39 -39.33 16.92 1.95
CA ALA D 39 -39.10 15.49 1.69
C ALA D 39 -37.63 15.15 1.83
N GLY D 40 -36.77 16.08 1.39
CA GLY D 40 -35.34 15.85 1.46
C GLY D 40 -34.61 16.52 2.62
N GLU D 41 -35.34 17.10 3.56
CA GLU D 41 -34.70 17.76 4.69
C GLU D 41 -33.97 16.81 5.62
N GLY D 42 -34.48 15.60 5.77
CA GLY D 42 -33.83 14.63 6.63
C GLY D 42 -32.47 14.22 6.08
N SER D 43 -32.19 14.60 4.84
CA SER D 43 -30.91 14.28 4.19
C SER D 43 -30.17 15.53 3.77
N GLY D 44 -30.60 16.69 4.26
CA GLY D 44 -29.93 17.94 3.88
C GLY D 44 -30.18 18.41 2.46
N LEU D 45 -31.28 17.94 1.88
CA LEU D 45 -31.68 18.32 0.53
C LEU D 45 -32.91 19.22 0.71
N SER D 46 -32.67 20.54 0.70
CA SER D 46 -33.72 21.54 0.89
C SER D 46 -34.69 21.72 -0.27
N ASP D 47 -35.86 22.29 0.03
CA ASP D 47 -36.86 22.55 -1.00
C ASP D 47 -36.23 23.44 -2.07
N ALA D 48 -35.41 24.39 -1.64
CA ALA D 48 -34.74 25.30 -2.56
C ALA D 48 -34.06 24.50 -3.66
N GLU D 49 -33.23 23.55 -3.26
CA GLU D 49 -32.49 22.72 -4.20
C GLU D 49 -33.39 22.06 -5.25
N TYR D 50 -34.45 21.39 -4.79
CA TYR D 50 -35.39 20.73 -5.70
C TYR D 50 -35.95 21.71 -6.71
N ALA D 51 -36.54 22.78 -6.19
CA ALA D 51 -37.13 23.84 -7.00
C ALA D 51 -36.18 24.27 -8.10
N ARG D 52 -34.92 24.49 -7.75
CA ARG D 52 -33.94 24.88 -8.75
C ARG D 52 -33.71 23.74 -9.73
N ALA D 53 -33.95 22.51 -9.29
CA ALA D 53 -33.77 21.37 -10.17
C ALA D 53 -34.91 21.35 -11.18
N GLY D 54 -36.00 22.01 -10.82
CA GLY D 54 -37.15 22.09 -11.71
C GLY D 54 -38.37 21.33 -11.19
N ALA D 55 -38.35 20.97 -9.92
CA ALA D 55 -39.48 20.25 -9.35
C ALA D 55 -40.51 21.22 -8.81
N GLU D 56 -41.70 20.72 -8.51
CA GLU D 56 -42.73 21.57 -7.97
C GLU D 56 -42.96 21.21 -6.51
N LEU D 57 -42.83 22.21 -5.65
CA LEU D 57 -42.99 22.03 -4.21
C LEU D 57 -44.44 21.98 -3.77
N VAL D 58 -44.94 20.78 -3.51
CA VAL D 58 -46.33 20.62 -3.14
C VAL D 58 -46.59 20.04 -1.76
N GLY D 59 -47.84 19.65 -1.55
CA GLY D 59 -48.24 19.10 -0.27
C GLY D 59 -48.37 17.59 -0.32
N ARG D 60 -48.59 17.01 0.85
CA ARG D 60 -48.73 15.59 1.01
C ARG D 60 -49.60 15.00 -0.10
N GLU D 61 -50.89 15.31 -0.04
CA GLU D 61 -51.88 14.79 -1.00
C GLU D 61 -51.54 15.01 -2.47
N GLU D 62 -51.03 16.19 -2.80
CA GLU D 62 -50.68 16.50 -4.18
C GLU D 62 -49.62 15.52 -4.71
N ALA D 63 -48.65 15.20 -3.87
CA ALA D 63 -47.56 14.28 -4.23
C ALA D 63 -48.10 12.92 -4.66
N TRP D 64 -49.07 12.39 -3.91
CA TRP D 64 -49.68 11.08 -4.21
C TRP D 64 -50.59 11.16 -5.44
N GLY D 65 -50.76 12.36 -5.96
CA GLY D 65 -51.60 12.54 -7.12
C GLY D 65 -50.94 12.12 -8.43
N ALA D 66 -49.62 12.14 -8.46
CA ALA D 66 -48.87 11.77 -9.68
C ALA D 66 -49.21 10.35 -10.15
N GLU D 67 -48.78 9.99 -11.36
CA GLU D 67 -49.07 8.66 -11.88
C GLU D 67 -48.11 7.65 -11.26
N MET D 68 -46.92 8.14 -10.90
CA MET D 68 -45.88 7.33 -10.27
C MET D 68 -45.39 7.97 -8.98
N VAL D 69 -45.45 7.21 -7.88
CA VAL D 69 -44.98 7.69 -6.59
C VAL D 69 -43.70 6.94 -6.16
N VAL D 70 -42.62 7.70 -5.99
CA VAL D 70 -41.34 7.12 -5.59
C VAL D 70 -41.13 7.31 -4.08
N LYS D 71 -40.98 6.21 -3.35
CA LYS D 71 -40.76 6.31 -1.92
C LYS D 71 -39.61 5.41 -1.43
N VAL D 72 -39.31 5.53 -0.15
CA VAL D 72 -38.26 4.75 0.48
C VAL D 72 -38.92 3.62 1.26
N LYS D 73 -39.69 3.98 2.29
CA LYS D 73 -40.36 2.97 3.10
C LYS D 73 -41.75 2.64 2.56
N GLU D 74 -42.33 1.57 3.09
CA GLU D 74 -43.65 1.15 2.63
C GLU D 74 -44.74 2.02 3.21
N PRO D 75 -45.91 2.06 2.55
CA PRO D 75 -47.08 2.84 2.97
C PRO D 75 -47.58 2.39 4.36
N LEU D 76 -47.75 3.36 5.25
CA LEU D 76 -48.23 3.07 6.60
C LEU D 76 -49.77 3.08 6.57
N PRO D 77 -50.42 2.33 7.48
CA PRO D 77 -51.90 2.27 7.52
C PRO D 77 -52.53 3.61 7.18
N GLU D 78 -52.06 4.66 7.85
CA GLU D 78 -52.53 6.02 7.64
C GLU D 78 -52.49 6.44 6.18
N GLU D 79 -51.62 5.82 5.38
CA GLU D 79 -51.49 6.18 3.96
C GLU D 79 -52.27 5.29 2.99
N TYR D 80 -52.68 4.10 3.44
CA TYR D 80 -53.41 3.16 2.59
C TYR D 80 -54.43 3.88 1.70
N GLY D 81 -54.92 5.02 2.16
CA GLY D 81 -55.88 5.80 1.39
C GLY D 81 -55.46 6.14 -0.03
N PHE D 82 -54.35 6.85 -0.20
CA PHE D 82 -53.88 7.25 -1.52
C PHE D 82 -53.67 6.09 -2.50
N LEU D 83 -53.73 4.86 -2.00
CA LEU D 83 -53.55 3.70 -2.85
C LEU D 83 -54.72 3.57 -3.81
N ARG D 84 -54.43 3.51 -5.11
CA ARG D 84 -55.46 3.40 -6.14
C ARG D 84 -54.96 2.65 -7.39
N GLU D 85 -55.89 2.03 -8.12
CA GLU D 85 -55.54 1.24 -9.30
C GLU D 85 -54.63 1.87 -10.35
N GLY D 86 -54.88 3.11 -10.73
CA GLY D 86 -54.04 3.73 -11.76
C GLY D 86 -52.67 4.21 -11.34
N LEU D 87 -52.32 3.96 -10.09
CA LEU D 87 -51.05 4.40 -9.51
C LEU D 87 -49.90 3.39 -9.49
N ILE D 88 -48.72 3.83 -9.92
CA ILE D 88 -47.53 3.00 -9.90
C ILE D 88 -46.68 3.47 -8.70
N LEU D 89 -46.61 2.62 -7.67
CA LEU D 89 -45.87 2.90 -6.45
C LEU D 89 -44.54 2.14 -6.42
N PHE D 90 -43.44 2.87 -6.35
CA PHE D 90 -42.10 2.30 -6.34
C PHE D 90 -41.43 2.50 -4.98
N THR D 91 -41.21 1.40 -4.26
CA THR D 91 -40.61 1.50 -2.94
C THR D 91 -40.26 0.16 -2.29
N TYR D 92 -39.66 0.22 -1.09
CA TYR D 92 -39.34 -0.99 -0.33
C TYR D 92 -40.69 -1.37 0.23
N LEU D 93 -41.12 -2.60 -0.04
CA LEU D 93 -42.43 -3.02 0.44
C LEU D 93 -42.40 -4.12 1.49
N HIS D 94 -41.38 -4.96 1.46
CA HIS D 94 -41.26 -6.07 2.40
C HIS D 94 -42.66 -6.60 2.72
N LEU D 95 -43.35 -7.10 1.68
CA LEU D 95 -44.71 -7.59 1.82
C LEU D 95 -44.89 -8.86 2.64
N ALA D 96 -43.96 -9.80 2.53
CA ALA D 96 -44.06 -11.05 3.26
C ALA D 96 -44.06 -10.86 4.78
N ALA D 97 -43.76 -9.64 5.21
CA ALA D 97 -43.71 -9.35 6.65
C ALA D 97 -44.83 -8.44 7.13
N ASP D 98 -45.69 -8.01 6.22
CA ASP D 98 -46.79 -7.11 6.58
C ASP D 98 -48.06 -7.46 5.81
N ARG D 99 -48.77 -8.48 6.27
CA ARG D 99 -50.00 -8.92 5.62
C ARG D 99 -51.02 -7.80 5.43
N GLY D 100 -51.25 -7.03 6.50
CA GLY D 100 -52.21 -5.93 6.41
C GLY D 100 -51.94 -5.01 5.23
N LEU D 101 -50.66 -4.76 4.97
CA LEU D 101 -50.23 -3.92 3.86
C LEU D 101 -50.47 -4.66 2.53
N THR D 102 -50.13 -5.95 2.50
CA THR D 102 -50.32 -6.76 1.30
C THR D 102 -51.79 -6.74 0.89
N GLU D 103 -52.67 -7.00 1.85
CA GLU D 103 -54.09 -7.01 1.60
C GLU D 103 -54.56 -5.64 1.12
N ALA D 104 -54.15 -4.58 1.82
CA ALA D 104 -54.54 -3.21 1.47
C ALA D 104 -54.16 -2.79 0.04
N MET D 105 -53.01 -3.25 -0.46
CA MET D 105 -52.59 -2.89 -1.81
C MET D 105 -53.34 -3.71 -2.84
N LEU D 106 -53.42 -5.03 -2.59
CA LEU D 106 -54.13 -5.92 -3.48
C LEU D 106 -55.55 -5.38 -3.63
N ARG D 107 -56.18 -5.06 -2.49
CA ARG D 107 -57.54 -4.54 -2.50
C ARG D 107 -57.62 -3.24 -3.31
N SER D 108 -56.66 -2.34 -3.12
CA SER D 108 -56.67 -1.07 -3.85
C SER D 108 -56.41 -1.19 -5.35
N GLY D 109 -55.90 -2.35 -5.78
CA GLY D 109 -55.63 -2.55 -7.19
C GLY D 109 -54.47 -1.74 -7.75
N VAL D 110 -53.73 -1.06 -6.87
CA VAL D 110 -52.58 -0.25 -7.28
C VAL D 110 -51.52 -1.16 -7.89
N THR D 111 -50.55 -0.56 -8.59
CA THR D 111 -49.48 -1.35 -9.19
C THR D 111 -48.20 -1.08 -8.41
N GLY D 112 -47.91 -1.97 -7.44
CA GLY D 112 -46.75 -1.81 -6.58
C GLY D 112 -45.52 -2.62 -6.93
N ILE D 113 -44.40 -1.92 -7.04
CA ILE D 113 -43.11 -2.53 -7.36
C ILE D 113 -42.16 -2.42 -6.18
N ALA D 114 -41.70 -3.56 -5.69
CA ALA D 114 -40.79 -3.59 -4.55
C ALA D 114 -39.33 -3.50 -4.96
N TYR D 115 -38.59 -2.56 -4.37
CA TYR D 115 -37.17 -2.42 -4.66
C TYR D 115 -36.46 -3.74 -4.37
N GLU D 116 -36.79 -4.34 -3.23
CA GLU D 116 -36.15 -5.57 -2.77
C GLU D 116 -36.39 -6.85 -3.58
N THR D 117 -37.17 -6.79 -4.65
CA THR D 117 -37.39 -8.00 -5.44
C THR D 117 -36.90 -7.84 -6.86
N VAL D 118 -36.49 -6.62 -7.23
CA VAL D 118 -35.94 -6.41 -8.56
C VAL D 118 -34.74 -7.34 -8.50
N GLN D 119 -34.64 -8.28 -9.44
CA GLN D 119 -33.57 -9.25 -9.36
C GLN D 119 -32.88 -9.60 -10.68
N LEU D 120 -31.55 -9.57 -10.65
CA LEU D 120 -30.74 -9.89 -11.81
C LEU D 120 -30.62 -11.39 -12.08
N PRO D 121 -30.18 -11.75 -13.30
CA PRO D 121 -30.02 -13.16 -13.66
C PRO D 121 -29.15 -13.94 -12.67
N ASP D 122 -28.03 -13.38 -12.25
CA ASP D 122 -27.15 -14.07 -11.30
C ASP D 122 -27.74 -14.14 -9.89
N GLY D 123 -28.89 -13.50 -9.69
CA GLY D 123 -29.54 -13.54 -8.40
C GLY D 123 -29.45 -12.31 -7.51
N THR D 124 -28.54 -11.38 -7.81
CA THR D 124 -28.39 -10.21 -6.96
C THR D 124 -29.59 -9.26 -6.96
N LEU D 125 -29.78 -8.59 -5.82
CA LEU D 125 -30.84 -7.63 -5.62
C LEU D 125 -30.17 -6.26 -5.66
N PRO D 126 -30.02 -5.71 -6.88
CA PRO D 126 -29.39 -4.40 -7.10
C PRO D 126 -29.91 -3.22 -6.29
N LEU D 127 -31.18 -3.25 -5.89
CA LEU D 127 -31.71 -2.12 -5.14
C LEU D 127 -31.68 -2.32 -3.64
N LEU D 128 -31.04 -3.40 -3.23
CA LEU D 128 -30.91 -3.73 -1.82
C LEU D 128 -29.43 -3.74 -1.42
N VAL D 129 -28.57 -4.05 -2.39
CA VAL D 129 -27.12 -4.08 -2.18
C VAL D 129 -26.60 -2.80 -1.56
N PRO D 130 -26.98 -1.63 -2.11
CA PRO D 130 -26.50 -0.35 -1.57
C PRO D 130 -26.63 -0.26 -0.05
N MET D 131 -27.79 -0.67 0.49
CA MET D 131 -28.00 -0.61 1.93
C MET D 131 -27.13 -1.60 2.68
N SER D 132 -26.83 -2.75 2.06
CA SER D 132 -25.99 -3.77 2.68
C SER D 132 -24.59 -3.16 2.85
N GLU D 133 -24.17 -2.39 1.85
CA GLU D 133 -22.87 -1.73 1.84
C GLU D 133 -22.68 -0.68 2.95
N VAL D 134 -23.63 0.25 3.12
CA VAL D 134 -23.43 1.25 4.17
C VAL D 134 -23.49 0.58 5.54
N ALA D 135 -24.40 -0.38 5.69
CA ALA D 135 -24.54 -1.12 6.93
C ALA D 135 -23.20 -1.72 7.30
N GLY D 136 -22.55 -2.30 6.29
CA GLY D 136 -21.23 -2.88 6.49
C GLY D 136 -20.22 -1.83 6.92
N ARG D 137 -20.17 -0.71 6.21
CA ARG D 137 -19.23 0.37 6.55
C ARG D 137 -19.54 0.90 7.94
N MET D 138 -20.82 0.91 8.29
CA MET D 138 -21.27 1.42 9.58
C MET D 138 -20.94 0.49 10.73
N ALA D 139 -21.11 -0.81 10.52
CA ALA D 139 -20.88 -1.82 11.54
C ALA D 139 -19.65 -1.56 12.45
N PRO D 140 -18.44 -1.49 11.87
CA PRO D 140 -17.29 -1.25 12.76
C PRO D 140 -17.30 0.12 13.43
N GLN D 141 -17.90 1.09 12.77
CA GLN D 141 -17.97 2.44 13.33
C GLN D 141 -18.86 2.46 14.61
N VAL D 142 -19.95 1.71 14.58
CA VAL D 142 -20.87 1.63 15.70
C VAL D 142 -20.24 0.79 16.81
N GLY D 143 -19.49 -0.23 16.43
CA GLY D 143 -18.83 -1.07 17.42
C GLY D 143 -17.83 -0.27 18.21
N ALA D 144 -17.00 0.51 17.52
CA ALA D 144 -15.99 1.32 18.19
C ALA D 144 -16.65 2.20 19.25
N GLN D 145 -17.80 2.76 18.88
CA GLN D 145 -18.57 3.64 19.77
C GLN D 145 -18.98 2.94 21.06
N PHE D 146 -19.48 1.72 20.94
CA PHE D 146 -19.89 0.98 22.12
C PHE D 146 -18.76 0.28 22.85
N LEU D 147 -17.56 0.44 22.32
CA LEU D 147 -16.38 -0.13 22.96
C LEU D 147 -15.89 0.95 23.90
N GLU D 148 -16.42 2.16 23.74
CA GLU D 148 -16.07 3.28 24.59
C GLU D 148 -16.63 3.02 26.01
N LYS D 149 -15.82 3.27 27.03
CA LYS D 149 -16.22 3.03 28.42
C LYS D 149 -17.56 3.69 28.81
N PRO D 150 -17.75 4.96 28.47
CA PRO D 150 -19.01 5.64 28.81
C PRO D 150 -20.23 4.91 28.26
N LYS D 151 -20.05 4.22 27.13
CA LYS D 151 -21.15 3.48 26.52
C LYS D 151 -21.25 2.08 27.11
N GLY D 152 -20.44 1.82 28.14
CA GLY D 152 -20.46 0.54 28.81
C GLY D 152 -19.48 -0.49 28.30
N GLY D 153 -18.68 -0.13 27.31
CA GLY D 153 -17.73 -1.06 26.75
C GLY D 153 -16.40 -1.17 27.48
N ARG D 154 -15.60 -2.12 27.01
CA ARG D 154 -14.28 -2.41 27.55
C ARG D 154 -13.38 -1.17 27.66
N GLY D 155 -13.64 -0.16 26.81
CA GLY D 155 -12.86 1.07 26.84
C GLY D 155 -11.55 1.00 26.08
N VAL D 156 -11.58 0.42 24.88
CA VAL D 156 -10.36 0.30 24.08
C VAL D 156 -10.53 0.86 22.68
N LEU D 157 -9.39 1.20 22.09
CA LEU D 157 -9.30 1.75 20.75
C LEU D 157 -9.08 0.61 19.76
N LEU D 158 -9.93 0.51 18.72
CA LEU D 158 -9.78 -0.57 17.74
C LEU D 158 -8.37 -0.75 17.23
N GLY D 159 -7.64 0.34 16.98
CA GLY D 159 -6.28 0.21 16.48
C GLY D 159 -5.19 0.52 17.50
N GLY D 160 -5.58 0.76 18.76
CA GLY D 160 -4.60 1.11 19.78
C GLY D 160 -3.85 2.40 19.44
N VAL D 161 -2.61 2.47 19.89
CA VAL D 161 -1.73 3.61 19.63
C VAL D 161 -0.33 3.03 19.59
N PRO D 162 0.64 3.70 18.94
CA PRO D 162 1.99 3.13 18.90
C PRO D 162 2.43 2.63 20.27
N GLY D 163 2.87 1.38 20.31
CA GLY D 163 3.32 0.80 21.56
C GLY D 163 2.25 -0.02 22.27
N VAL D 164 0.99 0.17 21.85
CA VAL D 164 -0.16 -0.53 22.43
C VAL D 164 -0.90 -1.34 21.33
N ALA D 165 -0.89 -2.66 21.48
CA ALA D 165 -1.53 -3.57 20.52
C ALA D 165 -2.96 -3.20 20.13
N PRO D 166 -3.31 -3.38 18.85
CA PRO D 166 -4.65 -3.06 18.39
C PRO D 166 -5.67 -4.09 18.90
N ALA D 167 -6.94 -3.74 18.83
CA ALA D 167 -7.97 -4.65 19.29
C ALA D 167 -8.24 -5.72 18.22
N SER D 168 -9.10 -6.68 18.55
CA SER D 168 -9.45 -7.74 17.62
C SER D 168 -10.89 -7.58 17.12
N VAL D 169 -11.06 -7.53 15.79
CA VAL D 169 -12.40 -7.42 15.22
C VAL D 169 -12.64 -8.68 14.40
N VAL D 170 -13.65 -9.44 14.80
CA VAL D 170 -13.98 -10.68 14.12
C VAL D 170 -15.25 -10.47 13.34
N ILE D 171 -15.21 -10.83 12.07
CA ILE D 171 -16.36 -10.64 11.19
C ILE D 171 -16.84 -11.97 10.65
N LEU D 172 -18.09 -12.31 10.96
CA LEU D 172 -18.68 -13.57 10.49
C LEU D 172 -19.40 -13.36 9.16
N GLY D 173 -18.81 -13.88 8.09
CA GLY D 173 -19.42 -13.74 6.78
C GLY D 173 -18.62 -12.80 5.91
N GLY D 174 -18.20 -13.27 4.74
CA GLY D 174 -17.42 -12.44 3.85
C GLY D 174 -18.22 -11.87 2.69
N GLY D 175 -19.53 -11.74 2.88
CA GLY D 175 -20.37 -11.20 1.83
C GLY D 175 -20.19 -9.71 1.66
N THR D 176 -21.21 -9.07 1.07
CA THR D 176 -21.18 -7.63 0.84
C THR D 176 -21.05 -6.84 2.14
N VAL D 177 -21.83 -7.22 3.15
CA VAL D 177 -21.76 -6.53 4.45
C VAL D 177 -20.41 -6.76 5.12
N GLY D 178 -20.00 -8.03 5.22
CA GLY D 178 -18.75 -8.37 5.86
C GLY D 178 -17.53 -7.69 5.26
N THR D 179 -17.44 -7.70 3.93
CA THR D 179 -16.31 -7.10 3.23
C THR D 179 -16.16 -5.63 3.51
N ASN D 180 -17.27 -4.89 3.48
CA ASN D 180 -17.22 -3.47 3.76
C ASN D 180 -16.93 -3.23 5.24
N ALA D 181 -17.42 -4.11 6.10
CA ALA D 181 -17.16 -3.97 7.52
C ALA D 181 -15.65 -4.12 7.65
N ALA D 182 -15.10 -5.03 6.85
CA ALA D 182 -13.68 -5.32 6.83
C ALA D 182 -12.81 -4.13 6.46
N LYS D 183 -13.13 -3.49 5.35
CA LYS D 183 -12.35 -2.33 4.90
C LYS D 183 -12.23 -1.29 6.04
N ILE D 184 -13.35 -1.00 6.70
CA ILE D 184 -13.33 -0.01 7.76
C ILE D 184 -12.59 -0.47 9.02
N ALA D 185 -12.85 -1.68 9.48
CA ALA D 185 -12.17 -2.18 10.67
C ALA D 185 -10.66 -2.12 10.43
N LEU D 186 -10.23 -2.54 9.24
CA LEU D 186 -8.82 -2.51 8.90
C LEU D 186 -8.35 -1.05 9.00
N GLY D 187 -9.02 -0.19 8.27
CA GLY D 187 -8.68 1.22 8.27
C GLY D 187 -8.56 1.84 9.64
N MET D 188 -9.42 1.43 10.57
CA MET D 188 -9.38 1.97 11.92
C MET D 188 -8.26 1.32 12.72
N GLY D 189 -7.50 0.45 12.04
CA GLY D 189 -6.35 -0.21 12.64
C GLY D 189 -6.48 -1.51 13.41
N ALA D 190 -7.66 -2.10 13.42
CA ALA D 190 -7.88 -3.35 14.14
C ALA D 190 -7.29 -4.56 13.47
N GLN D 191 -7.00 -5.59 14.27
CA GLN D 191 -6.51 -6.84 13.71
C GLN D 191 -7.81 -7.45 13.23
N VAL D 192 -8.00 -7.47 11.92
CA VAL D 192 -9.23 -7.99 11.37
C VAL D 192 -9.14 -9.45 10.92
N THR D 193 -9.99 -10.28 11.50
CA THR D 193 -10.06 -11.67 11.10
C THR D 193 -11.49 -11.86 10.58
N ILE D 194 -11.60 -12.41 9.38
CA ILE D 194 -12.89 -12.63 8.73
C ILE D 194 -13.09 -14.10 8.34
N LEU D 195 -14.27 -14.63 8.65
CA LEU D 195 -14.56 -16.01 8.33
C LEU D 195 -15.73 -16.12 7.38
N ASP D 196 -15.67 -17.15 6.55
CA ASP D 196 -16.69 -17.44 5.57
C ASP D 196 -16.63 -18.93 5.21
N VAL D 197 -17.76 -19.46 4.75
CA VAL D 197 -17.83 -20.84 4.35
C VAL D 197 -17.25 -21.09 2.96
N ASN D 198 -17.26 -20.07 2.09
CA ASN D 198 -16.74 -20.25 0.75
C ASN D 198 -15.26 -19.95 0.61
N HIS D 199 -14.52 -20.94 0.09
CA HIS D 199 -13.09 -20.76 -0.07
C HIS D 199 -12.70 -19.80 -1.18
N LYS D 200 -13.37 -19.86 -2.31
CA LYS D 200 -13.03 -18.95 -3.39
C LYS D 200 -13.15 -17.50 -2.95
N ARG D 201 -14.10 -17.24 -2.05
CA ARG D 201 -14.32 -15.89 -1.55
C ARG D 201 -13.19 -15.48 -0.62
N LEU D 202 -12.70 -16.45 0.14
CA LEU D 202 -11.61 -16.20 1.07
C LEU D 202 -10.35 -15.94 0.24
N GLN D 203 -10.18 -16.70 -0.84
CA GLN D 203 -9.02 -16.50 -1.70
C GLN D 203 -9.07 -15.08 -2.28
N TYR D 204 -10.26 -14.65 -2.65
CA TYR D 204 -10.44 -13.32 -3.21
C TYR D 204 -10.19 -12.24 -2.16
N LEU D 205 -10.70 -12.45 -0.95
CA LEU D 205 -10.50 -11.46 0.10
C LEU D 205 -9.03 -11.33 0.44
N ASP D 206 -8.28 -12.41 0.28
CA ASP D 206 -6.85 -12.33 0.57
C ASP D 206 -6.18 -11.47 -0.48
N ASP D 207 -6.72 -11.48 -1.69
CA ASP D 207 -6.16 -10.67 -2.76
C ASP D 207 -6.43 -9.18 -2.58
N VAL D 208 -7.68 -8.84 -2.26
CA VAL D 208 -8.04 -7.44 -2.11
C VAL D 208 -7.43 -6.76 -0.90
N PHE D 209 -7.04 -7.55 0.08
CA PHE D 209 -6.46 -7.01 1.31
C PHE D 209 -4.97 -7.32 1.46
N GLY D 210 -4.37 -7.88 0.41
CA GLY D 210 -2.96 -8.22 0.47
C GLY D 210 -2.81 -9.42 1.37
N GLY D 211 -2.66 -9.15 2.65
CA GLY D 211 -2.57 -10.21 3.64
C GLY D 211 -2.91 -9.57 4.97
N ARG D 212 -3.18 -8.27 4.91
CA ARG D 212 -3.52 -7.46 6.08
C ARG D 212 -4.67 -8.00 6.90
N VAL D 213 -5.64 -8.64 6.25
CA VAL D 213 -6.78 -9.21 6.95
C VAL D 213 -6.63 -10.72 7.03
N ILE D 214 -6.86 -11.29 8.22
CA ILE D 214 -6.78 -12.73 8.43
C ILE D 214 -8.04 -13.40 7.91
N THR D 215 -7.89 -14.41 7.05
CA THR D 215 -9.03 -15.14 6.52
C THR D 215 -9.05 -16.50 7.18
N LEU D 216 -10.22 -16.90 7.67
CA LEU D 216 -10.39 -18.19 8.32
C LEU D 216 -11.62 -18.95 7.84
N THR D 217 -11.46 -20.22 7.49
CA THR D 217 -12.61 -21.00 7.05
C THR D 217 -13.58 -21.02 8.21
N ALA D 218 -14.85 -20.77 7.90
CA ALA D 218 -15.85 -20.73 8.94
C ALA D 218 -16.20 -22.08 9.51
N THR D 219 -15.20 -22.84 9.96
CA THR D 219 -15.49 -24.13 10.57
C THR D 219 -15.90 -23.79 12.01
N GLU D 220 -16.57 -24.73 12.68
CA GLU D 220 -16.99 -24.47 14.05
C GLU D 220 -15.83 -24.15 14.99
N ALA D 221 -14.71 -24.87 14.84
CA ALA D 221 -13.53 -24.64 15.67
C ALA D 221 -13.07 -23.18 15.58
N ASN D 222 -12.90 -22.69 14.35
CA ASN D 222 -12.47 -21.31 14.11
C ASN D 222 -13.46 -20.24 14.57
N ILE D 223 -14.76 -20.54 14.44
CA ILE D 223 -15.79 -19.60 14.87
C ILE D 223 -15.68 -19.44 16.37
N LYS D 224 -15.60 -20.58 17.06
CA LYS D 224 -15.50 -20.60 18.51
C LYS D 224 -14.25 -19.86 19.01
N LYS D 225 -13.08 -20.15 18.43
CA LYS D 225 -11.85 -19.49 18.83
C LYS D 225 -11.84 -17.99 18.51
N SER D 226 -12.27 -17.62 17.30
CA SER D 226 -12.29 -16.23 16.91
C SER D 226 -13.16 -15.43 17.86
N VAL D 227 -14.38 -15.92 18.04
CA VAL D 227 -15.37 -15.31 18.92
C VAL D 227 -14.84 -15.04 20.32
N GLN D 228 -14.06 -15.99 20.81
CA GLN D 228 -13.50 -15.94 22.15
C GLN D 228 -12.48 -14.85 22.42
N HIS D 229 -11.76 -14.44 21.39
CA HIS D 229 -10.75 -13.40 21.52
C HIS D 229 -11.17 -12.09 20.86
N ALA D 230 -12.43 -12.03 20.43
CA ALA D 230 -12.96 -10.83 19.78
C ALA D 230 -13.28 -9.73 20.75
N ASP D 231 -12.99 -8.50 20.35
CA ASP D 231 -13.31 -7.34 21.16
C ASP D 231 -14.60 -6.81 20.53
N LEU D 232 -14.69 -6.98 19.21
CA LEU D 232 -15.85 -6.54 18.44
C LEU D 232 -16.21 -7.66 17.51
N LEU D 233 -17.40 -8.22 17.69
CA LEU D 233 -17.86 -9.31 16.83
C LEU D 233 -18.91 -8.72 15.91
N ILE D 234 -18.78 -8.99 14.61
CA ILE D 234 -19.73 -8.47 13.63
C ILE D 234 -20.43 -9.57 12.84
N GLY D 235 -21.73 -9.68 13.07
CA GLY D 235 -22.50 -10.68 12.36
C GLY D 235 -22.86 -10.17 10.98
N ALA D 236 -22.48 -10.91 9.95
CA ALA D 236 -22.75 -10.48 8.60
C ALA D 236 -23.20 -11.64 7.71
N VAL D 237 -24.39 -12.19 7.99
CA VAL D 237 -24.90 -13.30 7.19
C VAL D 237 -26.43 -13.36 7.08
N LEU D 238 -27.03 -14.36 7.73
CA LEU D 238 -28.48 -14.55 7.71
C LEU D 238 -29.02 -14.77 6.30
N LYS D 246 -28.16 -18.54 14.95
CA LYS D 246 -27.79 -19.91 15.26
C LYS D 246 -26.28 -20.17 15.03
N LEU D 247 -25.53 -19.15 14.63
CA LEU D 247 -24.09 -19.30 14.40
C LEU D 247 -23.27 -19.15 15.67
N VAL D 248 -23.74 -18.32 16.59
CA VAL D 248 -23.08 -18.09 17.87
C VAL D 248 -24.15 -18.25 18.96
N THR D 249 -24.03 -19.30 19.77
CA THR D 249 -24.99 -19.59 20.83
C THR D 249 -24.72 -18.80 22.12
N ARG D 250 -25.74 -18.70 22.99
CA ARG D 250 -25.60 -17.96 24.24
C ARG D 250 -24.58 -18.62 25.16
N ASP D 251 -24.11 -19.78 24.73
CA ASP D 251 -23.10 -20.53 25.48
C ASP D 251 -21.74 -19.93 25.09
N MET D 252 -21.53 -19.73 23.80
CA MET D 252 -20.29 -19.13 23.29
C MET D 252 -20.16 -17.71 23.81
N LEU D 253 -21.31 -17.07 24.05
CA LEU D 253 -21.33 -15.70 24.54
C LEU D 253 -20.54 -15.59 25.83
N SER D 254 -20.51 -16.67 26.59
CA SER D 254 -19.79 -16.71 27.86
C SER D 254 -18.29 -16.93 27.69
N LEU D 255 -17.82 -16.95 26.45
CA LEU D 255 -16.40 -17.16 26.20
C LEU D 255 -15.74 -15.82 25.89
N MET D 256 -16.56 -14.81 25.63
CA MET D 256 -16.04 -13.49 25.30
C MET D 256 -15.70 -12.65 26.54
N LYS D 257 -14.68 -11.82 26.41
CA LYS D 257 -14.25 -10.98 27.51
C LYS D 257 -15.30 -9.91 27.75
N GLU D 258 -15.55 -9.61 29.01
CA GLU D 258 -16.53 -8.59 29.32
C GLU D 258 -16.07 -7.28 28.72
N GLY D 259 -17.02 -6.54 28.12
CA GLY D 259 -16.69 -5.27 27.51
C GLY D 259 -16.70 -5.41 26.00
N ALA D 260 -16.74 -6.65 25.54
CA ALA D 260 -16.77 -6.94 24.11
C ALA D 260 -18.16 -6.60 23.62
N VAL D 261 -18.28 -6.18 22.37
CA VAL D 261 -19.60 -5.85 21.87
C VAL D 261 -19.83 -6.60 20.58
N ILE D 262 -21.11 -6.90 20.34
CA ILE D 262 -21.54 -7.63 19.17
C ILE D 262 -22.48 -6.75 18.36
N VAL D 263 -22.22 -6.64 17.06
CA VAL D 263 -23.06 -5.88 16.14
C VAL D 263 -23.48 -6.85 15.04
N ASP D 264 -24.75 -7.23 15.05
CA ASP D 264 -25.27 -8.16 14.05
C ASP D 264 -26.08 -7.39 13.03
N VAL D 265 -25.57 -7.27 11.82
CA VAL D 265 -26.27 -6.51 10.80
C VAL D 265 -27.64 -7.11 10.44
N ALA D 266 -27.76 -8.43 10.50
CA ALA D 266 -29.00 -9.12 10.18
C ALA D 266 -30.15 -8.65 11.09
N TYR D 286 -28.25 -3.15 25.36
CA TYR D 286 -28.31 -3.99 26.55
C TYR D 286 -27.08 -4.90 26.68
N VAL D 287 -26.91 -5.49 27.86
CA VAL D 287 -25.77 -6.38 28.12
C VAL D 287 -26.25 -7.79 28.49
N VAL D 288 -25.40 -8.79 28.22
CA VAL D 288 -25.68 -10.19 28.51
C VAL D 288 -24.35 -10.93 28.67
N ASP D 289 -23.98 -11.26 29.91
CA ASP D 289 -22.71 -11.94 30.22
C ASP D 289 -21.52 -11.01 30.12
N GLY D 290 -21.73 -9.74 30.45
CA GLY D 290 -20.65 -8.76 30.39
C GLY D 290 -20.44 -8.19 29.00
N VAL D 291 -20.98 -8.87 27.99
CA VAL D 291 -20.85 -8.46 26.59
C VAL D 291 -21.96 -7.47 26.23
N VAL D 292 -21.66 -6.48 25.39
CA VAL D 292 -22.68 -5.51 24.99
C VAL D 292 -23.27 -5.86 23.63
N HIS D 293 -24.60 -5.78 23.53
CA HIS D 293 -25.30 -6.09 22.29
C HIS D 293 -25.87 -4.85 21.60
N TYR D 294 -25.54 -4.66 20.33
CA TYR D 294 -26.09 -3.52 19.62
C TYR D 294 -27.26 -4.00 18.77
N GLY D 295 -28.47 -3.58 19.15
CA GLY D 295 -29.65 -3.98 18.41
C GLY D 295 -30.49 -2.81 17.94
N VAL D 296 -30.00 -2.13 16.90
CA VAL D 296 -30.69 -0.97 16.35
C VAL D 296 -30.77 -1.07 14.83
N ALA D 297 -31.83 -1.71 14.37
CA ALA D 297 -32.14 -1.94 12.96
C ALA D 297 -31.37 -1.18 11.87
N ASN D 298 -32.03 -0.19 11.29
CA ASN D 298 -31.46 0.58 10.19
C ASN D 298 -30.20 1.40 10.47
N MET D 299 -29.03 0.77 10.36
CA MET D 299 -27.77 1.48 10.57
C MET D 299 -27.66 2.53 9.46
N PRO D 300 -28.08 2.17 8.23
CA PRO D 300 -28.01 3.13 7.14
C PRO D 300 -28.86 4.37 7.47
N GLY D 301 -29.79 4.20 8.41
CA GLY D 301 -30.63 5.30 8.83
C GLY D 301 -29.88 6.34 9.65
N ALA D 302 -28.77 5.95 10.28
CA ALA D 302 -27.97 6.88 11.07
C ALA D 302 -27.30 7.88 10.13
N VAL D 303 -27.12 7.48 8.88
CA VAL D 303 -26.51 8.31 7.84
C VAL D 303 -27.41 8.37 6.61
N PRO D 304 -28.57 9.01 6.75
CA PRO D 304 -29.55 9.13 5.67
C PRO D 304 -29.02 9.80 4.39
N ARG D 305 -28.30 10.90 4.53
CA ARG D 305 -27.78 11.56 3.35
C ARG D 305 -26.96 10.60 2.51
N THR D 306 -26.03 9.89 3.15
CA THR D 306 -25.22 8.92 2.42
C THR D 306 -26.08 7.81 1.82
N SER D 307 -27.06 7.35 2.59
CA SER D 307 -27.94 6.27 2.14
C SER D 307 -28.84 6.69 0.98
N THR D 308 -29.47 7.86 1.11
CA THR D 308 -30.36 8.37 0.08
C THR D 308 -29.66 8.33 -1.29
N PHE D 309 -28.41 8.78 -1.32
CA PHE D 309 -27.64 8.80 -2.55
C PHE D 309 -27.24 7.40 -3.03
N ALA D 310 -26.95 6.51 -2.09
CA ALA D 310 -26.56 5.15 -2.44
C ALA D 310 -27.72 4.43 -3.11
N LEU D 311 -28.93 4.60 -2.56
CA LEU D 311 -30.15 3.98 -3.09
C LEU D 311 -30.61 4.63 -4.39
N THR D 312 -30.89 5.93 -4.32
CA THR D 312 -31.37 6.66 -5.48
C THR D 312 -30.43 6.58 -6.67
N ASN D 313 -29.15 6.31 -6.44
CA ASN D 313 -28.24 6.20 -7.56
C ASN D 313 -28.53 4.93 -8.35
N GLN D 314 -29.06 3.93 -7.65
CA GLN D 314 -29.37 2.66 -8.28
C GLN D 314 -30.78 2.65 -8.87
N THR D 315 -31.72 3.26 -8.14
CA THR D 315 -33.11 3.31 -8.57
C THR D 315 -33.37 4.26 -9.73
N LEU D 316 -32.70 5.41 -9.75
CA LEU D 316 -32.92 6.39 -10.83
C LEU D 316 -33.04 5.74 -12.21
N PRO D 317 -32.08 4.90 -12.62
CA PRO D 317 -32.21 4.30 -13.95
C PRO D 317 -33.58 3.66 -14.18
N TYR D 318 -34.12 2.96 -13.18
CA TYR D 318 -35.43 2.32 -13.30
C TYR D 318 -36.54 3.35 -13.34
N VAL D 319 -36.41 4.41 -12.54
CA VAL D 319 -37.40 5.46 -12.50
C VAL D 319 -37.53 6.12 -13.87
N LEU D 320 -36.41 6.27 -14.55
CA LEU D 320 -36.42 6.88 -15.88
C LEU D 320 -37.17 6.01 -16.89
N LYS D 321 -36.98 4.70 -16.81
CA LYS D 321 -37.65 3.78 -17.71
C LYS D 321 -39.14 3.75 -17.40
N LEU D 322 -39.47 3.66 -16.11
CA LEU D 322 -40.87 3.62 -15.71
C LEU D 322 -41.58 4.88 -16.20
N ALA D 323 -40.91 6.02 -16.12
CA ALA D 323 -41.50 7.29 -16.55
C ALA D 323 -41.66 7.37 -18.06
N GLU D 324 -40.72 6.76 -18.77
CA GLU D 324 -40.75 6.78 -20.22
C GLU D 324 -41.64 5.72 -20.86
N LYS D 325 -41.71 4.53 -20.26
CA LYS D 325 -42.52 3.46 -20.84
C LYS D 325 -43.57 2.88 -19.92
N GLY D 326 -43.77 3.49 -18.76
CA GLY D 326 -44.77 2.98 -17.84
C GLY D 326 -44.62 1.49 -17.64
N LEU D 327 -45.73 0.77 -17.74
CA LEU D 327 -45.71 -0.68 -17.53
C LEU D 327 -44.88 -1.48 -18.54
N ASP D 328 -44.52 -0.86 -19.67
CA ASP D 328 -43.73 -1.57 -20.66
C ASP D 328 -42.27 -1.67 -20.20
N ALA D 329 -41.90 -0.85 -19.23
CA ALA D 329 -40.55 -0.87 -18.70
C ALA D 329 -40.33 -2.22 -18.02
N LEU D 330 -41.37 -2.73 -17.35
CA LEU D 330 -41.26 -4.01 -16.68
C LEU D 330 -41.23 -5.15 -17.66
N LEU D 331 -42.01 -5.05 -18.74
CA LEU D 331 -42.04 -6.11 -19.73
C LEU D 331 -40.75 -6.19 -20.53
N GLU D 332 -39.96 -5.12 -20.52
CA GLU D 332 -38.70 -5.11 -21.26
C GLU D 332 -37.48 -5.38 -20.38
N ASP D 333 -37.70 -5.49 -19.07
CA ASP D 333 -36.60 -5.76 -18.13
C ASP D 333 -37.02 -6.88 -17.19
N ALA D 334 -36.40 -8.04 -17.35
CA ALA D 334 -36.70 -9.18 -16.52
C ALA D 334 -36.49 -8.85 -15.04
N ALA D 335 -35.38 -8.17 -14.75
CA ALA D 335 -35.04 -7.79 -13.39
C ALA D 335 -36.16 -6.96 -12.75
N LEU D 336 -36.48 -5.82 -13.38
CA LEU D 336 -37.54 -4.94 -12.89
C LEU D 336 -38.87 -5.68 -12.81
N LEU D 337 -39.12 -6.54 -13.79
CA LEU D 337 -40.37 -7.30 -13.81
C LEU D 337 -40.58 -8.03 -12.48
N LYS D 338 -39.52 -8.69 -11.99
CA LYS D 338 -39.60 -9.42 -10.73
C LYS D 338 -39.87 -8.48 -9.56
N GLY D 339 -39.67 -7.19 -9.78
CA GLY D 339 -39.92 -6.21 -8.74
C GLY D 339 -41.40 -5.94 -8.54
N LEU D 340 -42.21 -6.33 -9.52
CA LEU D 340 -43.66 -6.14 -9.44
C LEU D 340 -44.21 -7.07 -8.38
N ASN D 341 -44.94 -6.51 -7.42
CA ASN D 341 -45.53 -7.32 -6.34
C ASN D 341 -47.05 -7.41 -6.42
N THR D 342 -47.70 -6.33 -6.83
CA THR D 342 -49.17 -6.33 -6.93
C THR D 342 -49.58 -5.46 -8.10
N HIS D 343 -50.66 -5.84 -8.78
CA HIS D 343 -51.15 -5.07 -9.93
C HIS D 343 -52.61 -5.37 -10.23
N LYS D 344 -53.48 -4.41 -9.93
CA LYS D 344 -54.91 -4.59 -10.16
C LYS D 344 -55.51 -5.70 -9.31
N GLY D 345 -55.16 -5.75 -8.03
CA GLY D 345 -55.70 -6.77 -7.14
C GLY D 345 -55.04 -8.13 -7.31
N ARG D 346 -53.97 -8.17 -8.09
CA ARG D 346 -53.24 -9.41 -8.34
C ARG D 346 -51.91 -9.46 -7.60
N LEU D 347 -51.65 -10.59 -6.93
CA LEU D 347 -50.38 -10.77 -6.25
C LEU D 347 -49.49 -11.33 -7.36
N THR D 348 -48.34 -10.70 -7.59
CA THR D 348 -47.46 -11.14 -8.66
C THR D 348 -46.08 -11.59 -8.22
N HIS D 349 -45.94 -11.91 -6.94
CA HIS D 349 -44.67 -12.37 -6.40
C HIS D 349 -44.89 -13.70 -5.70
N PRO D 350 -44.47 -14.80 -6.34
CA PRO D 350 -44.63 -16.15 -5.77
C PRO D 350 -44.35 -16.26 -4.28
N GLY D 351 -43.27 -15.62 -3.82
CA GLY D 351 -42.92 -15.68 -2.41
C GLY D 351 -44.00 -15.15 -1.46
N VAL D 352 -44.48 -13.93 -1.70
CA VAL D 352 -45.49 -13.33 -0.83
C VAL D 352 -46.80 -14.12 -0.87
N ALA D 353 -47.01 -14.86 -1.96
CA ALA D 353 -48.20 -15.69 -2.12
C ALA D 353 -48.11 -16.92 -1.23
N GLU D 354 -46.99 -17.63 -1.31
CA GLU D 354 -46.79 -18.82 -0.49
C GLU D 354 -46.76 -18.46 1.00
N ALA D 355 -46.09 -17.34 1.33
CA ALA D 355 -45.98 -16.90 2.71
C ALA D 355 -47.34 -16.61 3.34
N PHE D 356 -48.20 -15.93 2.58
CA PHE D 356 -49.54 -15.59 3.06
C PHE D 356 -50.62 -16.49 2.46
N GLY D 357 -50.21 -17.66 1.98
CA GLY D 357 -51.15 -18.60 1.38
C GLY D 357 -52.19 -17.90 0.52
N LEU D 358 -51.76 -17.32 -0.60
CA LEU D 358 -52.69 -16.63 -1.49
C LEU D 358 -52.43 -16.95 -2.96
N PRO D 359 -53.30 -16.44 -3.86
CA PRO D 359 -53.21 -16.67 -5.32
C PRO D 359 -52.05 -15.97 -6.05
N TYR D 360 -51.05 -16.73 -6.47
CA TYR D 360 -49.93 -16.14 -7.19
C TYR D 360 -50.21 -16.01 -8.67
N THR D 361 -50.23 -14.78 -9.15
CA THR D 361 -50.49 -14.46 -10.55
C THR D 361 -49.21 -13.94 -11.21
N PRO D 362 -48.68 -14.67 -12.21
CA PRO D 362 -47.45 -14.23 -12.89
C PRO D 362 -47.47 -12.73 -13.14
N PRO D 363 -46.32 -12.04 -12.92
CA PRO D 363 -46.31 -10.60 -13.14
C PRO D 363 -46.50 -10.24 -14.61
N GLU D 364 -45.85 -10.97 -15.51
CA GLU D 364 -45.99 -10.71 -16.94
C GLU D 364 -47.43 -10.97 -17.37
N GLU D 365 -48.04 -11.95 -16.73
CA GLU D 365 -49.41 -12.33 -17.02
C GLU D 365 -50.32 -11.23 -16.48
N ALA D 366 -50.20 -10.95 -15.18
CA ALA D 366 -51.00 -9.93 -14.52
C ALA D 366 -50.87 -8.57 -15.17
N LEU D 367 -49.68 -8.28 -15.68
CA LEU D 367 -49.40 -7.01 -16.34
C LEU D 367 -50.15 -6.91 -17.67
N ARG D 368 -50.27 -8.03 -18.37
CA ARG D 368 -50.96 -8.09 -19.66
C ARG D 368 -52.40 -8.55 -19.42
N GLY D 369 -53.22 -7.63 -18.93
CA GLY D 369 -54.60 -7.95 -18.63
C GLY D 369 -55.11 -7.00 -17.57
N MET E 1 49.09 4.10 -4.17
CA MET E 1 49.44 3.13 -3.09
C MET E 1 49.26 1.67 -3.54
N VAL E 2 49.82 0.75 -2.75
CA VAL E 2 49.70 -0.68 -3.03
C VAL E 2 48.78 -1.27 -1.98
N ILE E 3 47.62 -1.73 -2.44
CA ILE E 3 46.59 -2.27 -1.59
C ILE E 3 46.47 -3.78 -1.75
N GLY E 4 46.55 -4.50 -0.63
CA GLY E 4 46.46 -5.93 -0.68
C GLY E 4 45.15 -6.47 -0.16
N VAL E 5 44.61 -7.48 -0.84
CA VAL E 5 43.35 -8.08 -0.46
C VAL E 5 43.51 -9.57 -0.23
N PRO E 6 43.84 -9.98 1.00
CA PRO E 6 44.00 -11.41 1.28
C PRO E 6 42.68 -12.16 1.20
N LYS E 7 42.75 -13.47 1.00
CA LYS E 7 41.57 -14.30 0.95
C LYS E 7 41.24 -14.59 2.40
N GLU E 8 39.95 -14.62 2.74
CA GLU E 8 39.56 -14.91 4.11
C GLU E 8 39.80 -16.40 4.39
N ILE E 9 40.67 -16.68 5.35
CA ILE E 9 40.98 -18.06 5.71
C ILE E 9 40.16 -18.58 6.88
N LYS E 10 39.43 -17.70 7.55
CA LYS E 10 38.60 -18.11 8.67
C LYS E 10 37.58 -19.08 8.09
N THR E 11 37.51 -20.29 8.65
CA THR E 11 36.60 -21.31 8.15
C THR E 11 35.17 -20.82 7.93
N LEU E 12 34.63 -21.16 6.77
CA LEU E 12 33.27 -20.79 6.39
C LEU E 12 33.07 -19.34 6.00
N GLU E 13 34.14 -18.55 6.01
CA GLU E 13 34.03 -17.14 5.64
C GLU E 13 34.14 -17.04 4.13
N ASN E 14 33.08 -16.55 3.49
CA ASN E 14 33.08 -16.43 2.04
C ASN E 14 33.00 -15.05 1.46
N ARG E 15 33.03 -14.04 2.32
CA ARG E 15 32.98 -12.65 1.86
C ARG E 15 34.37 -12.20 1.48
N VAL E 16 34.46 -11.10 0.73
CA VAL E 16 35.74 -10.53 0.32
C VAL E 16 35.72 -9.00 0.48
N ALA E 17 36.78 -8.47 1.08
CA ALA E 17 36.87 -7.03 1.38
C ALA E 17 36.94 -6.05 0.22
N LEU E 18 37.02 -6.56 -1.00
CA LEU E 18 37.07 -5.65 -2.13
C LEU E 18 36.44 -6.35 -3.32
N THR E 19 35.70 -5.61 -4.13
CA THR E 19 35.05 -6.16 -5.32
C THR E 19 35.76 -5.71 -6.59
N PRO E 20 35.53 -6.41 -7.71
CA PRO E 20 36.19 -5.99 -8.96
C PRO E 20 35.95 -4.50 -9.20
N GLY E 21 34.69 -4.10 -9.13
CA GLY E 21 34.32 -2.70 -9.35
C GLY E 21 35.04 -1.72 -8.43
N GLY E 22 35.40 -2.17 -7.24
CA GLY E 22 36.11 -1.32 -6.30
C GLY E 22 37.58 -1.24 -6.67
N VAL E 23 38.09 -2.32 -7.25
CA VAL E 23 39.48 -2.36 -7.69
C VAL E 23 39.62 -1.39 -8.85
N GLU E 24 38.56 -1.33 -9.65
CA GLU E 24 38.52 -0.43 -10.79
C GLU E 24 38.64 1.03 -10.35
N SER E 25 37.98 1.37 -9.25
CA SER E 25 38.05 2.74 -8.75
C SER E 25 39.47 3.07 -8.33
N LEU E 26 40.09 2.20 -7.54
CA LEU E 26 41.44 2.42 -7.06
C LEU E 26 42.47 2.52 -8.19
N VAL E 27 42.43 1.55 -9.10
CA VAL E 27 43.35 1.53 -10.22
C VAL E 27 43.17 2.78 -11.08
N ARG E 28 41.91 3.17 -11.25
CA ARG E 28 41.52 4.37 -12.02
C ARG E 28 42.18 5.59 -11.38
N ARG E 29 42.46 5.49 -10.10
CA ARG E 29 43.08 6.59 -9.37
C ARG E 29 44.56 6.36 -9.09
N GLY E 30 45.22 5.64 -9.98
CA GLY E 30 46.65 5.40 -9.85
C GLY E 30 47.18 4.44 -8.82
N HIS E 31 46.32 3.71 -8.13
CA HIS E 31 46.82 2.76 -7.13
C HIS E 31 46.97 1.38 -7.76
N THR E 32 47.71 0.51 -7.10
CA THR E 32 47.87 -0.86 -7.58
C THR E 32 47.28 -1.79 -6.52
N VAL E 33 46.43 -2.70 -6.97
CA VAL E 33 45.75 -3.62 -6.07
C VAL E 33 46.20 -5.08 -6.23
N LEU E 34 46.69 -5.65 -5.14
CA LEU E 34 47.15 -7.03 -5.12
C LEU E 34 46.09 -7.94 -4.53
N VAL E 35 45.27 -8.56 -5.38
CA VAL E 35 44.22 -9.44 -4.91
C VAL E 35 44.68 -10.90 -4.92
N GLU E 36 44.56 -11.57 -3.77
CA GLU E 36 44.96 -12.97 -3.67
C GLU E 36 44.02 -13.83 -4.49
N ARG E 37 44.59 -14.76 -5.23
CA ARG E 37 43.81 -15.65 -6.07
C ARG E 37 42.73 -16.34 -5.26
N GLY E 38 41.53 -16.39 -5.82
CA GLY E 38 40.42 -17.05 -5.15
C GLY E 38 39.73 -16.32 -4.01
N ALA E 39 40.20 -15.11 -3.68
CA ALA E 39 39.61 -14.34 -2.60
C ALA E 39 38.13 -14.04 -2.77
N GLY E 40 37.66 -13.94 -4.01
CA GLY E 40 36.27 -13.64 -4.25
C GLY E 40 35.40 -14.80 -4.70
N GLU E 41 35.99 -16.00 -4.79
CA GLU E 41 35.23 -17.16 -5.24
C GLU E 41 34.03 -17.45 -4.36
N GLY E 42 34.24 -17.39 -3.05
CA GLY E 42 33.16 -17.66 -2.12
C GLY E 42 31.95 -16.76 -2.30
N SER E 43 32.16 -15.64 -3.00
CA SER E 43 31.11 -14.65 -3.26
C SER E 43 30.83 -14.57 -4.75
N GLY E 44 31.32 -15.55 -5.50
CA GLY E 44 31.12 -15.58 -6.94
C GLY E 44 31.87 -14.55 -7.76
N LEU E 45 33.00 -14.04 -7.25
CA LEU E 45 33.79 -13.06 -7.98
C LEU E 45 35.15 -13.70 -8.35
N SER E 46 35.22 -14.25 -9.56
CA SER E 46 36.42 -14.95 -10.05
C SER E 46 37.69 -14.12 -10.15
N ASP E 47 38.83 -14.82 -10.31
CA ASP E 47 40.13 -14.15 -10.46
C ASP E 47 40.16 -13.32 -11.75
N ALA E 48 39.52 -13.84 -12.78
CA ALA E 48 39.44 -13.16 -14.08
C ALA E 48 38.75 -11.79 -13.98
N GLU E 49 37.62 -11.74 -13.26
CA GLU E 49 36.90 -10.48 -13.09
C GLU E 49 37.81 -9.44 -12.46
N TYR E 50 38.58 -9.87 -11.46
CA TYR E 50 39.52 -9.00 -10.76
C TYR E 50 40.65 -8.59 -11.70
N ALA E 51 41.02 -9.48 -12.61
CA ALA E 51 42.08 -9.20 -13.56
C ALA E 51 41.62 -8.10 -14.53
N ARG E 52 40.43 -8.28 -15.13
CA ARG E 52 39.91 -7.29 -16.07
C ARG E 52 39.76 -5.97 -15.37
N ALA E 53 39.44 -6.02 -14.08
CA ALA E 53 39.26 -4.82 -13.29
C ALA E 53 40.59 -4.08 -13.10
N GLY E 54 41.67 -4.72 -13.50
CA GLY E 54 42.98 -4.12 -13.38
C GLY E 54 43.79 -4.53 -12.15
N ALA E 55 43.35 -5.57 -11.46
CA ALA E 55 44.07 -6.01 -10.26
C ALA E 55 45.15 -7.04 -10.58
N GLU E 56 46.12 -7.18 -9.68
CA GLU E 56 47.19 -8.15 -9.86
C GLU E 56 46.88 -9.36 -8.98
N LEU E 57 46.60 -10.48 -9.63
CA LEU E 57 46.28 -11.71 -8.93
C LEU E 57 47.55 -12.32 -8.37
N VAL E 58 47.67 -12.28 -7.04
CA VAL E 58 48.84 -12.79 -6.35
C VAL E 58 48.56 -13.90 -5.36
N GLY E 59 49.63 -14.30 -4.68
CA GLY E 59 49.55 -15.33 -3.67
C GLY E 59 49.31 -14.73 -2.31
N ARG E 60 49.19 -15.59 -1.31
CA ARG E 60 48.94 -15.18 0.06
C ARG E 60 49.93 -14.14 0.60
N GLU E 61 51.22 -14.42 0.48
CA GLU E 61 52.24 -13.51 0.99
C GLU E 61 52.29 -12.17 0.26
N GLU E 62 52.20 -12.18 -1.08
CA GLU E 62 52.23 -10.92 -1.82
C GLU E 62 51.16 -9.94 -1.33
N ALA E 63 49.94 -10.43 -1.12
CA ALA E 63 48.83 -9.60 -0.69
C ALA E 63 49.14 -8.87 0.61
N TRP E 64 49.73 -9.57 1.56
CA TRP E 64 50.06 -8.97 2.84
C TRP E 64 51.23 -7.99 2.74
N GLY E 65 51.95 -8.02 1.62
CA GLY E 65 53.09 -7.12 1.46
C GLY E 65 52.72 -5.70 1.09
N ALA E 66 51.44 -5.46 0.85
CA ALA E 66 50.95 -4.14 0.47
C ALA E 66 51.07 -3.15 1.63
N GLU E 67 50.91 -1.87 1.33
CA GLU E 67 50.99 -0.84 2.35
C GLU E 67 49.76 -0.92 3.23
N MET E 68 48.62 -1.18 2.59
CA MET E 68 47.36 -1.29 3.31
C MET E 68 46.62 -2.56 2.93
N VAL E 69 46.42 -3.42 3.92
CA VAL E 69 45.69 -4.66 3.68
C VAL E 69 44.23 -4.47 4.09
N VAL E 70 43.32 -4.79 3.18
CA VAL E 70 41.89 -4.68 3.46
C VAL E 70 41.31 -6.08 3.59
N LYS E 71 40.74 -6.39 4.76
CA LYS E 71 40.18 -7.71 4.99
C LYS E 71 38.73 -7.63 5.47
N VAL E 72 38.16 -8.80 5.78
CA VAL E 72 36.80 -8.86 6.29
C VAL E 72 36.87 -9.24 7.76
N LYS E 73 37.49 -10.37 8.05
CA LYS E 73 37.62 -10.85 9.43
C LYS E 73 38.97 -10.46 10.01
N GLU E 74 39.15 -10.67 11.30
CA GLU E 74 40.41 -10.32 11.94
C GLU E 74 41.47 -11.36 11.66
N PRO E 75 42.76 -10.95 11.74
CA PRO E 75 43.87 -11.85 11.48
C PRO E 75 43.91 -12.99 12.49
N LEU E 76 44.10 -14.22 12.02
CA LEU E 76 44.17 -15.36 12.91
C LEU E 76 45.61 -15.49 13.34
N PRO E 77 45.90 -16.34 14.34
CA PRO E 77 47.27 -16.54 14.83
C PRO E 77 48.24 -16.77 13.69
N GLU E 78 47.88 -17.71 12.83
CA GLU E 78 48.65 -18.07 11.65
C GLU E 78 49.01 -16.85 10.79
N GLU E 79 48.29 -15.75 10.96
CA GLU E 79 48.54 -14.54 10.17
C GLU E 79 49.29 -13.45 10.92
N TYR E 80 49.66 -13.72 12.17
CA TYR E 80 50.37 -12.74 12.98
C TYR E 80 51.72 -12.35 12.42
N GLY E 81 52.37 -13.27 11.74
CA GLY E 81 53.66 -12.96 11.16
C GLY E 81 53.62 -11.81 10.15
N PHE E 82 52.49 -11.63 9.46
CA PHE E 82 52.37 -10.58 8.45
C PHE E 82 52.22 -9.17 9.02
N LEU E 83 52.00 -9.08 10.32
CA LEU E 83 51.85 -7.79 10.98
C LEU E 83 53.22 -7.12 11.15
N ARG E 84 53.33 -5.89 10.66
CA ARG E 84 54.57 -5.14 10.74
C ARG E 84 54.22 -3.68 11.02
N GLU E 85 55.23 -2.85 11.25
CA GLU E 85 54.98 -1.45 11.59
C GLU E 85 54.36 -0.53 10.54
N GLY E 86 54.97 -0.42 9.37
CA GLY E 86 54.40 0.47 8.37
C GLY E 86 53.05 0.07 7.78
N LEU E 87 52.55 -1.10 8.16
CA LEU E 87 51.28 -1.60 7.63
C LEU E 87 49.99 -1.04 8.22
N ILE E 88 49.07 -0.70 7.34
CA ILE E 88 47.77 -0.21 7.77
C ILE E 88 46.76 -1.31 7.41
N LEU E 89 46.15 -1.90 8.44
CA LEU E 89 45.16 -2.97 8.28
C LEU E 89 43.74 -2.45 8.50
N PHE E 90 42.87 -2.70 7.54
CA PHE E 90 41.49 -2.23 7.60
C PHE E 90 40.53 -3.41 7.50
N THR E 91 39.87 -3.72 8.62
CA THR E 91 38.94 -4.85 8.69
C THR E 91 38.16 -4.85 10.01
N TYR E 92 37.31 -5.85 10.21
CA TYR E 92 36.57 -5.98 11.46
C TYR E 92 37.63 -6.59 12.40
N LEU E 93 37.95 -5.91 13.49
CA LEU E 93 38.95 -6.44 14.42
C LEU E 93 38.32 -7.07 15.65
N HIS E 94 37.32 -6.41 16.22
CA HIS E 94 36.66 -6.91 17.42
C HIS E 94 37.72 -7.18 18.49
N LEU E 95 38.61 -6.20 18.69
CA LEU E 95 39.70 -6.29 19.65
C LEU E 95 39.30 -6.58 21.09
N ALA E 96 38.26 -5.92 21.56
CA ALA E 96 37.79 -6.13 22.93
C ALA E 96 37.46 -7.60 23.22
N ALA E 97 37.41 -8.41 22.16
CA ALA E 97 37.11 -9.82 22.33
C ALA E 97 38.27 -10.73 21.97
N ASP E 98 39.46 -10.18 21.85
CA ASP E 98 40.64 -10.98 21.48
C ASP E 98 41.93 -10.34 21.98
N ARG E 99 42.33 -10.64 23.20
CA ARG E 99 43.55 -10.08 23.75
C ARG E 99 44.76 -10.47 22.92
N GLY E 100 44.91 -11.77 22.68
CA GLY E 100 46.05 -12.26 21.90
C GLY E 100 46.30 -11.47 20.63
N LEU E 101 45.23 -11.17 19.91
CA LEU E 101 45.33 -10.40 18.68
C LEU E 101 45.82 -9.00 19.01
N THR E 102 45.11 -8.33 19.91
CA THR E 102 45.48 -6.99 20.31
C THR E 102 46.96 -6.88 20.66
N GLU E 103 47.46 -7.83 21.44
CA GLU E 103 48.86 -7.83 21.84
C GLU E 103 49.75 -8.04 20.63
N ALA E 104 49.36 -8.99 19.79
CA ALA E 104 50.12 -9.29 18.58
C ALA E 104 50.22 -8.01 17.76
N MET E 105 49.11 -7.30 17.64
CA MET E 105 49.09 -6.06 16.87
C MET E 105 49.90 -4.93 17.51
N LEU E 106 49.84 -4.81 18.84
CA LEU E 106 50.61 -3.76 19.52
C LEU E 106 52.11 -4.05 19.46
N ARG E 107 52.48 -5.32 19.60
CA ARG E 107 53.89 -5.70 19.54
C ARG E 107 54.47 -5.46 18.15
N SER E 108 53.69 -5.79 17.12
CA SER E 108 54.13 -5.62 15.74
C SER E 108 54.22 -4.14 15.39
N GLY E 109 53.38 -3.32 16.03
CA GLY E 109 53.39 -1.90 15.76
C GLY E 109 52.57 -1.58 14.53
N VAL E 110 51.69 -2.53 14.16
CA VAL E 110 50.84 -2.34 13.01
C VAL E 110 49.71 -1.37 13.33
N THR E 111 49.45 -0.45 12.39
CA THR E 111 48.35 0.48 12.58
C THR E 111 47.10 -0.24 12.11
N GLY E 112 46.21 -0.54 13.05
CA GLY E 112 44.98 -1.24 12.71
C GLY E 112 43.72 -0.39 12.81
N ILE E 113 42.97 -0.33 11.72
CA ILE E 113 41.75 0.43 11.69
C ILE E 113 40.60 -0.56 11.62
N ALA E 114 39.66 -0.43 12.56
CA ALA E 114 38.52 -1.33 12.64
C ALA E 114 37.22 -0.77 12.08
N TYR E 115 36.55 -1.57 11.24
CA TYR E 115 35.28 -1.13 10.65
C TYR E 115 34.26 -0.77 11.72
N GLU E 116 34.07 -1.67 12.68
CA GLU E 116 33.08 -1.48 13.73
C GLU E 116 33.25 -0.28 14.65
N THR E 117 34.44 0.31 14.73
CA THR E 117 34.56 1.46 15.61
C THR E 117 34.52 2.78 14.84
N VAL E 118 34.48 2.73 13.51
CA VAL E 118 34.37 3.96 12.72
C VAL E 118 33.00 4.44 13.17
N GLN E 119 32.94 5.65 13.70
CA GLN E 119 31.67 6.13 14.22
C GLN E 119 31.31 7.55 13.84
N LEU E 120 30.05 7.75 13.51
CA LEU E 120 29.57 9.06 13.12
C LEU E 120 29.18 9.88 14.36
N PRO E 121 29.04 11.21 14.19
CA PRO E 121 28.67 12.13 15.29
C PRO E 121 27.44 11.68 16.06
N ASP E 122 26.39 11.31 15.35
CA ASP E 122 25.16 10.87 15.99
C ASP E 122 25.30 9.50 16.65
N GLY E 123 26.46 8.87 16.52
CA GLY E 123 26.70 7.58 17.14
C GLY E 123 26.58 6.30 16.31
N THR E 124 26.16 6.39 15.05
CA THR E 124 26.03 5.17 14.27
C THR E 124 27.36 4.63 13.76
N LEU E 125 27.41 3.31 13.57
CA LEU E 125 28.60 2.61 13.07
C LEU E 125 28.28 2.20 11.63
N PRO E 126 28.50 3.13 10.68
CA PRO E 126 28.24 2.95 9.24
C PRO E 126 28.84 1.73 8.54
N LEU E 127 29.92 1.17 9.08
CA LEU E 127 30.57 0.02 8.46
C LEU E 127 30.11 -1.27 9.15
N LEU E 128 29.28 -1.10 10.16
CA LEU E 128 28.70 -2.21 10.90
C LEU E 128 27.24 -2.33 10.50
N VAL E 129 26.61 -1.20 10.21
CA VAL E 129 25.21 -1.15 9.83
C VAL E 129 24.83 -2.12 8.72
N PRO E 130 25.63 -2.19 7.63
CA PRO E 130 25.37 -3.08 6.50
C PRO E 130 25.09 -4.52 6.91
N MET E 131 25.91 -5.05 7.83
CA MET E 131 25.74 -6.41 8.32
C MET E 131 24.49 -6.58 9.19
N SER E 132 24.18 -5.58 10.02
CA SER E 132 23.00 -5.63 10.86
C SER E 132 21.79 -5.75 9.93
N GLU E 133 21.86 -5.08 8.80
CA GLU E 133 20.81 -5.12 7.81
C GLU E 133 20.63 -6.51 7.17
N VAL E 134 21.70 -7.18 6.76
CA VAL E 134 21.47 -8.49 6.15
C VAL E 134 21.12 -9.54 7.19
N ALA E 135 21.60 -9.36 8.42
CA ALA E 135 21.30 -10.29 9.51
C ALA E 135 19.80 -10.22 9.78
N GLY E 136 19.26 -9.01 9.66
CA GLY E 136 17.85 -8.78 9.87
C GLY E 136 17.00 -9.38 8.75
N ARG E 137 17.34 -9.11 7.50
CA ARG E 137 16.58 -9.67 6.39
C ARG E 137 16.64 -11.19 6.45
N MET E 138 17.77 -11.71 6.94
CA MET E 138 18.00 -13.14 7.06
C MET E 138 17.29 -13.82 8.20
N ALA E 139 17.08 -13.11 9.31
CA ALA E 139 16.41 -13.71 10.48
C ALA E 139 15.07 -14.46 10.23
N PRO E 140 14.08 -13.82 9.57
CA PRO E 140 12.87 -14.63 9.39
C PRO E 140 13.03 -15.73 8.36
N GLN E 141 14.00 -15.56 7.46
CA GLN E 141 14.29 -16.54 6.43
C GLN E 141 14.74 -17.83 7.14
N VAL E 142 15.71 -17.68 8.03
CA VAL E 142 16.23 -18.83 8.76
C VAL E 142 15.20 -19.39 9.72
N GLY E 143 14.46 -18.51 10.39
CA GLY E 143 13.45 -18.97 11.33
C GLY E 143 12.40 -19.81 10.63
N ALA E 144 11.94 -19.36 9.46
CA ALA E 144 10.94 -20.08 8.70
C ALA E 144 11.46 -21.48 8.40
N GLN E 145 12.73 -21.54 8.01
CA GLN E 145 13.37 -22.79 7.69
C GLN E 145 13.29 -23.78 8.86
N PHE E 146 13.61 -23.32 10.07
CA PHE E 146 13.58 -24.17 11.25
C PHE E 146 12.19 -24.38 11.83
N LEU E 147 11.21 -23.71 11.24
CA LEU E 147 9.83 -23.88 11.67
C LEU E 147 9.31 -25.09 10.91
N GLU E 148 10.01 -25.48 9.85
CA GLU E 148 9.63 -26.65 9.05
C GLU E 148 9.80 -27.90 9.93
N LYS E 149 8.86 -28.83 9.86
CA LYS E 149 8.93 -30.03 10.71
C LYS E 149 10.22 -30.86 10.60
N PRO E 150 10.69 -31.13 9.37
CA PRO E 150 11.92 -31.92 9.23
C PRO E 150 13.10 -31.34 10.02
N LYS E 151 13.08 -30.02 10.23
CA LYS E 151 14.12 -29.35 11.01
C LYS E 151 13.78 -29.41 12.49
N GLY E 152 12.62 -29.95 12.82
CA GLY E 152 12.21 -30.06 14.21
C GLY E 152 11.35 -28.90 14.70
N GLY E 153 10.88 -28.08 13.77
CA GLY E 153 10.05 -26.95 14.15
C GLY E 153 8.61 -27.37 14.28
N ARG E 154 7.79 -26.46 14.81
CA ARG E 154 6.35 -26.70 15.02
C ARG E 154 5.67 -27.13 13.74
N GLY E 155 6.35 -26.88 12.62
CA GLY E 155 5.86 -27.26 11.31
C GLY E 155 4.87 -26.32 10.65
N VAL E 156 5.02 -25.01 10.82
CA VAL E 156 4.08 -24.08 10.20
C VAL E 156 4.64 -23.07 9.20
N LEU E 157 3.72 -22.44 8.46
CA LEU E 157 4.02 -21.45 7.45
C LEU E 157 3.84 -20.08 8.11
N LEU E 158 4.83 -19.19 8.03
CA LEU E 158 4.68 -17.89 8.67
C LEU E 158 3.44 -17.10 8.28
N GLY E 159 3.04 -17.20 7.01
CA GLY E 159 1.86 -16.48 6.59
C GLY E 159 0.61 -17.32 6.36
N GLY E 160 0.69 -18.61 6.66
CA GLY E 160 -0.46 -19.48 6.44
C GLY E 160 -0.85 -19.48 4.97
N VAL E 161 -2.12 -19.80 4.72
CA VAL E 161 -2.72 -19.84 3.39
C VAL E 161 -4.15 -19.30 3.59
N PRO E 162 -4.84 -18.94 2.50
CA PRO E 162 -6.21 -18.41 2.66
C PRO E 162 -7.05 -19.37 3.50
N GLY E 163 -7.67 -18.85 4.56
CA GLY E 163 -8.49 -19.69 5.43
C GLY E 163 -7.74 -20.25 6.65
N VAL E 164 -6.42 -20.14 6.65
CA VAL E 164 -5.60 -20.64 7.74
C VAL E 164 -4.76 -19.51 8.31
N ALA E 165 -5.00 -19.15 9.57
CA ALA E 165 -4.29 -18.07 10.21
C ALA E 165 -2.77 -18.13 10.10
N PRO E 166 -2.12 -16.98 10.03
CA PRO E 166 -0.65 -16.91 9.94
C PRO E 166 0.02 -17.17 11.28
N ALA E 167 1.33 -17.29 11.27
CA ALA E 167 2.07 -17.52 12.50
C ALA E 167 2.40 -16.19 13.14
N SER E 168 2.89 -16.24 14.37
CA SER E 168 3.24 -15.04 15.11
C SER E 168 4.74 -14.88 15.25
N VAL E 169 5.25 -13.76 14.77
CA VAL E 169 6.67 -13.48 14.86
C VAL E 169 6.85 -12.30 15.80
N VAL E 170 7.62 -12.50 16.86
CA VAL E 170 7.87 -11.41 17.78
C VAL E 170 9.32 -11.01 17.62
N ILE E 171 9.56 -9.72 17.47
CA ILE E 171 10.88 -9.16 17.29
C ILE E 171 11.24 -8.31 18.50
N LEU E 172 12.33 -8.66 19.17
CA LEU E 172 12.80 -7.93 20.33
C LEU E 172 13.85 -6.93 19.88
N GLY E 173 13.43 -5.69 19.68
CA GLY E 173 14.36 -4.65 19.25
C GLY E 173 13.92 -4.04 17.94
N GLY E 174 13.84 -2.71 17.90
CA GLY E 174 13.42 -2.02 16.69
C GLY E 174 14.60 -1.33 16.02
N GLY E 175 15.81 -1.76 16.37
CA GLY E 175 16.99 -1.18 15.78
C GLY E 175 17.10 -1.54 14.31
N THR E 176 18.32 -1.68 13.82
CA THR E 176 18.48 -2.02 12.42
C THR E 176 18.14 -3.50 12.13
N VAL E 177 18.65 -4.42 12.94
CA VAL E 177 18.34 -5.83 12.73
C VAL E 177 16.83 -6.04 12.78
N GLY E 178 16.23 -5.59 13.88
CA GLY E 178 14.80 -5.74 14.10
C GLY E 178 13.87 -5.20 13.03
N THR E 179 14.15 -4.00 12.53
CA THR E 179 13.33 -3.37 11.48
C THR E 179 13.48 -4.16 10.18
N ASN E 180 14.69 -4.65 9.91
CA ASN E 180 14.91 -5.42 8.70
C ASN E 180 14.27 -6.79 8.84
N ALA E 181 14.16 -7.29 10.07
CA ALA E 181 13.51 -8.57 10.30
C ALA E 181 12.01 -8.39 10.07
N ALA E 182 11.47 -7.29 10.59
CA ALA E 182 10.05 -6.97 10.43
C ALA E 182 9.66 -6.93 8.96
N LYS E 183 10.38 -6.17 8.15
CA LYS E 183 10.05 -6.08 6.74
C LYS E 183 9.86 -7.47 6.13
N ILE E 184 10.86 -8.34 6.29
CA ILE E 184 10.77 -9.67 5.73
C ILE E 184 9.70 -10.55 6.36
N ALA E 185 9.54 -10.46 7.68
CA ALA E 185 8.52 -11.24 8.40
C ALA E 185 7.13 -10.82 7.95
N LEU E 186 6.91 -9.52 7.86
CA LEU E 186 5.63 -8.97 7.43
C LEU E 186 5.37 -9.40 5.99
N GLY E 187 6.44 -9.44 5.19
CA GLY E 187 6.34 -9.82 3.79
C GLY E 187 6.03 -11.28 3.57
N MET E 188 6.41 -12.13 4.51
CA MET E 188 6.12 -13.54 4.37
C MET E 188 4.72 -13.78 4.91
N GLY E 189 4.04 -12.68 5.27
CA GLY E 189 2.68 -12.74 5.75
C GLY E 189 2.40 -13.11 7.18
N ALA E 190 3.42 -13.08 8.02
CA ALA E 190 3.25 -13.41 9.42
C ALA E 190 2.64 -12.24 10.18
N GLN E 191 2.10 -12.50 11.38
CA GLN E 191 1.59 -11.40 12.17
C GLN E 191 2.83 -10.93 12.93
N VAL E 192 3.38 -9.80 12.52
CA VAL E 192 4.57 -9.30 13.15
C VAL E 192 4.29 -8.31 14.27
N THR E 193 4.97 -8.54 15.38
CA THR E 193 4.86 -7.67 16.53
C THR E 193 6.30 -7.37 16.96
N ILE E 194 6.68 -6.10 16.96
CA ILE E 194 8.03 -5.70 17.33
C ILE E 194 8.02 -4.85 18.61
N LEU E 195 8.96 -5.13 19.52
CA LEU E 195 9.05 -4.36 20.77
C LEU E 195 10.33 -3.54 20.86
N ASP E 196 10.26 -2.43 21.58
CA ASP E 196 11.41 -1.57 21.74
C ASP E 196 11.17 -0.64 22.90
N VAL E 197 12.24 -0.10 23.46
CA VAL E 197 12.08 0.79 24.59
C VAL E 197 12.00 2.27 24.22
N ASN E 198 12.35 2.61 22.99
CA ASN E 198 12.27 4.00 22.57
C ASN E 198 10.93 4.24 21.88
N HIS E 199 10.18 5.19 22.39
CA HIS E 199 8.87 5.48 21.82
C HIS E 199 8.94 6.13 20.44
N LYS E 200 9.88 7.06 20.25
CA LYS E 200 10.02 7.73 18.97
C LYS E 200 10.28 6.70 17.89
N ARG E 201 11.12 5.72 18.19
CA ARG E 201 11.41 4.67 17.22
C ARG E 201 10.14 3.89 16.85
N LEU E 202 9.29 3.64 17.83
CA LEU E 202 8.07 2.91 17.56
C LEU E 202 7.11 3.73 16.73
N GLN E 203 7.09 5.05 16.97
CA GLN E 203 6.22 5.94 16.22
C GLN E 203 6.68 5.88 14.78
N TYR E 204 8.00 5.96 14.59
CA TYR E 204 8.57 5.91 13.26
C TYR E 204 8.20 4.62 12.55
N LEU E 205 8.42 3.48 13.21
CA LEU E 205 8.09 2.20 12.60
C LEU E 205 6.61 2.11 12.24
N ASP E 206 5.77 2.69 13.09
CA ASP E 206 4.33 2.68 12.87
C ASP E 206 3.98 3.48 11.60
N ASP E 207 4.73 4.55 11.34
CA ASP E 207 4.48 5.35 10.15
C ASP E 207 4.96 4.59 8.91
N VAL E 208 6.09 3.90 9.01
CA VAL E 208 6.64 3.17 7.87
C VAL E 208 5.87 1.91 7.47
N PHE E 209 5.22 1.26 8.43
CA PHE E 209 4.47 0.04 8.15
C PHE E 209 2.98 0.21 8.04
N GLY E 210 2.51 1.45 8.06
CA GLY E 210 1.08 1.70 7.98
C GLY E 210 0.55 1.39 9.36
N GLY E 211 0.35 0.12 9.64
CA GLY E 211 -0.14 -0.31 10.93
C GLY E 211 -0.19 -1.81 10.78
N ARG E 212 0.45 -2.27 9.70
CA ARG E 212 0.52 -3.67 9.35
C ARG E 212 1.31 -4.45 10.37
N VAL E 213 2.19 -3.77 11.09
CA VAL E 213 3.01 -4.41 12.12
C VAL E 213 2.64 -3.83 13.48
N ILE E 214 2.48 -4.70 14.48
CA ILE E 214 2.14 -4.28 15.83
C ILE E 214 3.35 -3.79 16.60
N THR E 215 3.28 -2.56 17.12
CA THR E 215 4.38 -2.00 17.87
C THR E 215 4.04 -2.03 19.36
N LEU E 216 4.86 -2.71 20.16
CA LEU E 216 4.64 -2.78 21.60
C LEU E 216 5.82 -2.21 22.40
N THR E 217 5.50 -1.35 23.37
CA THR E 217 6.52 -0.77 24.22
C THR E 217 7.16 -1.94 24.95
N ALA E 218 8.48 -1.95 25.02
CA ALA E 218 9.20 -3.06 25.65
C ALA E 218 9.19 -3.15 27.17
N THR E 219 8.01 -3.27 27.77
CA THR E 219 7.94 -3.43 29.22
C THR E 219 8.06 -4.93 29.45
N GLU E 220 8.36 -5.32 30.67
CA GLU E 220 8.50 -6.74 30.96
C GLU E 220 7.18 -7.47 30.72
N ALA E 221 6.06 -6.85 31.07
CA ALA E 221 4.76 -7.50 30.87
C ALA E 221 4.55 -7.80 29.40
N ASN E 222 4.85 -6.81 28.58
CA ASN E 222 4.72 -6.95 27.14
C ASN E 222 5.72 -7.99 26.58
N ILE E 223 6.96 -7.95 27.03
CA ILE E 223 7.95 -8.91 26.55
C ILE E 223 7.51 -10.31 26.92
N LYS E 224 7.02 -10.47 28.15
CA LYS E 224 6.59 -11.77 28.62
C LYS E 224 5.40 -12.35 27.85
N LYS E 225 4.38 -11.55 27.60
CA LYS E 225 3.22 -12.04 26.86
C LYS E 225 3.53 -12.25 25.39
N SER E 226 4.48 -11.47 24.86
CA SER E 226 4.85 -11.60 23.46
C SER E 226 5.56 -12.91 23.20
N VAL E 227 6.56 -13.20 24.03
CA VAL E 227 7.35 -14.43 23.91
C VAL E 227 6.46 -15.65 24.06
N GLN E 228 5.49 -15.57 24.96
CA GLN E 228 4.62 -16.70 25.21
C GLN E 228 3.78 -17.19 24.06
N HIS E 229 3.39 -16.28 23.16
CA HIS E 229 2.55 -16.64 22.03
C HIS E 229 3.30 -16.65 20.71
N ALA E 230 4.60 -16.40 20.79
CA ALA E 230 5.44 -16.36 19.60
C ALA E 230 5.66 -17.72 18.97
N ASP E 231 5.54 -17.79 17.64
CA ASP E 231 5.78 -19.03 16.91
C ASP E 231 7.25 -18.94 16.47
N LEU E 232 7.73 -17.72 16.27
CA LEU E 232 9.11 -17.43 15.89
C LEU E 232 9.56 -16.22 16.69
N LEU E 233 10.68 -16.36 17.40
CA LEU E 233 11.16 -15.24 18.20
C LEU E 233 12.55 -14.81 17.74
N ILE E 234 12.65 -13.55 17.33
CA ILE E 234 13.90 -12.98 16.85
C ILE E 234 14.44 -12.00 17.89
N GLY E 235 15.70 -12.20 18.28
CA GLY E 235 16.30 -11.30 19.25
C GLY E 235 17.12 -10.30 18.45
N ALA E 236 16.96 -9.01 18.73
CA ALA E 236 17.69 -8.01 18.00
C ALA E 236 18.11 -6.81 18.86
N VAL E 237 18.84 -7.07 19.94
CA VAL E 237 19.31 -5.98 20.80
C VAL E 237 20.75 -6.21 21.28
N LEU E 238 20.95 -6.27 22.60
CA LEU E 238 22.26 -6.48 23.24
C LEU E 238 23.05 -5.18 23.35
N LYS E 246 19.42 -11.15 28.97
CA LYS E 246 18.58 -11.24 30.16
C LYS E 246 17.13 -10.82 29.88
N LEU E 247 16.84 -10.46 28.63
CA LEU E 247 15.49 -10.03 28.26
C LEU E 247 14.48 -11.19 28.31
N VAL E 248 14.97 -12.40 28.07
CA VAL E 248 14.13 -13.60 28.09
C VAL E 248 14.81 -14.68 28.95
N THR E 249 14.15 -15.07 30.03
CA THR E 249 14.68 -16.09 30.93
C THR E 249 14.13 -17.47 30.61
N ARG E 250 14.87 -18.52 30.98
CA ARG E 250 14.46 -19.89 30.73
C ARG E 250 13.07 -20.14 31.30
N ASP E 251 12.68 -19.31 32.26
CA ASP E 251 11.36 -19.42 32.87
C ASP E 251 10.34 -19.20 31.76
N MET E 252 10.45 -18.04 31.10
CA MET E 252 9.55 -17.68 30.01
C MET E 252 9.63 -18.74 28.92
N LEU E 253 10.83 -19.27 28.72
CA LEU E 253 11.09 -20.30 27.71
C LEU E 253 10.08 -21.44 27.80
N SER E 254 9.58 -21.68 29.00
CA SER E 254 8.60 -22.74 29.22
C SER E 254 7.21 -22.27 28.82
N LEU E 255 7.07 -20.96 28.64
CA LEU E 255 5.78 -20.37 28.25
C LEU E 255 5.57 -20.55 26.75
N MET E 256 6.68 -20.72 26.04
CA MET E 256 6.66 -20.88 24.59
C MET E 256 6.11 -22.22 24.17
N LYS E 257 5.24 -22.20 23.17
CA LYS E 257 4.65 -23.41 22.66
C LYS E 257 5.79 -24.26 22.15
N GLU E 258 5.59 -25.56 22.07
CA GLU E 258 6.66 -26.41 21.58
C GLU E 258 6.76 -26.30 20.07
N GLY E 259 7.98 -26.47 19.56
CA GLY E 259 8.20 -26.39 18.14
C GLY E 259 8.56 -24.97 17.70
N ALA E 260 8.23 -24.00 18.56
CA ALA E 260 8.52 -22.61 18.25
C ALA E 260 10.03 -22.49 18.18
N VAL E 261 10.53 -21.53 17.41
CA VAL E 261 11.96 -21.38 17.27
C VAL E 261 12.40 -19.97 17.64
N ILE E 262 13.64 -19.88 18.11
CA ILE E 262 14.23 -18.61 18.51
C ILE E 262 15.48 -18.38 17.69
N VAL E 263 15.59 -17.17 17.14
CA VAL E 263 16.75 -16.78 16.37
C VAL E 263 17.31 -15.51 17.02
N ASP E 264 18.43 -15.66 17.71
CA ASP E 264 19.05 -14.51 18.37
C ASP E 264 20.24 -14.05 17.55
N VAL E 265 20.08 -12.91 16.88
CA VAL E 265 21.14 -12.35 16.06
C VAL E 265 22.29 -11.85 16.93
N ALA E 266 21.94 -11.16 18.01
CA ALA E 266 22.91 -10.62 18.95
C ALA E 266 23.94 -11.65 19.44
N TYR E 286 19.89 -26.76 18.90
CA TYR E 286 19.42 -27.63 19.99
C TYR E 286 17.99 -27.31 20.42
N VAL E 287 17.51 -28.06 21.42
CA VAL E 287 16.16 -27.88 21.95
C VAL E 287 16.18 -27.76 23.47
N VAL E 288 15.25 -26.97 24.01
CA VAL E 288 15.11 -26.74 25.46
C VAL E 288 13.65 -26.37 25.76
N ASP E 289 12.90 -27.30 26.34
CA ASP E 289 11.47 -27.11 26.67
C ASP E 289 10.56 -27.26 25.44
N GLY E 290 11.09 -27.90 24.40
CA GLY E 290 10.34 -28.12 23.18
C GLY E 290 10.61 -27.01 22.16
N VAL E 291 11.26 -25.95 22.62
CA VAL E 291 11.58 -24.81 21.76
C VAL E 291 12.94 -25.01 21.09
N VAL E 292 12.99 -24.82 19.78
CA VAL E 292 14.23 -24.98 19.04
C VAL E 292 15.03 -23.68 18.99
N HIS E 293 16.24 -23.71 19.56
CA HIS E 293 17.15 -22.56 19.60
C HIS E 293 18.12 -22.58 18.41
N TYR E 294 18.21 -21.47 17.70
CA TYR E 294 19.12 -21.39 16.56
C TYR E 294 20.30 -20.49 16.86
N GLY E 295 21.44 -21.12 17.11
CA GLY E 295 22.64 -20.37 17.42
C GLY E 295 23.74 -20.69 16.42
N VAL E 296 23.82 -19.86 15.37
CA VAL E 296 24.83 -20.02 14.33
C VAL E 296 25.34 -18.64 13.91
N ALA E 297 26.29 -18.14 14.70
CA ALA E 297 26.92 -16.84 14.51
C ALA E 297 26.52 -15.96 13.30
N ASN E 298 27.42 -15.90 12.32
CA ASN E 298 27.27 -15.07 11.13
C ASN E 298 26.21 -15.46 10.08
N MET E 299 24.99 -14.94 10.24
CA MET E 299 23.92 -15.21 9.29
C MET E 299 24.24 -14.58 7.94
N PRO E 300 24.89 -13.40 7.95
CA PRO E 300 25.26 -12.71 6.70
C PRO E 300 26.18 -13.61 5.87
N GLY E 301 26.72 -14.65 6.52
CA GLY E 301 27.61 -15.60 5.88
C GLY E 301 26.90 -16.59 4.98
N ALA E 302 25.60 -16.78 5.21
CA ALA E 302 24.79 -17.69 4.41
C ALA E 302 24.63 -17.10 3.01
N VAL E 303 24.61 -15.77 2.92
CA VAL E 303 24.50 -15.07 1.65
C VAL E 303 25.72 -14.15 1.49
N PRO E 304 26.91 -14.77 1.36
CA PRO E 304 28.20 -14.08 1.21
C PRO E 304 28.27 -13.04 0.09
N ARG E 305 27.68 -13.31 -1.06
CA ARG E 305 27.69 -12.35 -2.16
C ARG E 305 26.94 -11.05 -1.78
N THR E 306 25.71 -11.17 -1.29
CA THR E 306 24.95 -9.99 -0.91
C THR E 306 25.70 -9.19 0.16
N SER E 307 26.31 -9.90 1.11
CA SER E 307 27.04 -9.25 2.19
C SER E 307 28.28 -8.51 1.71
N THR E 308 29.04 -9.13 0.81
CA THR E 308 30.26 -8.48 0.29
C THR E 308 29.92 -7.12 -0.31
N PHE E 309 28.88 -7.09 -1.14
CA PHE E 309 28.46 -5.87 -1.77
C PHE E 309 27.91 -4.87 -0.75
N ALA E 310 27.14 -5.37 0.22
CA ALA E 310 26.59 -4.51 1.27
C ALA E 310 27.72 -3.87 2.08
N LEU E 311 28.75 -4.65 2.38
CA LEU E 311 29.90 -4.17 3.15
C LEU E 311 30.84 -3.29 2.35
N THR E 312 31.32 -3.82 1.22
CA THR E 312 32.24 -3.09 0.36
C THR E 312 31.65 -1.81 -0.21
N ASN E 313 30.34 -1.77 -0.47
CA ASN E 313 29.75 -0.55 -0.98
C ASN E 313 29.93 0.57 0.03
N GLN E 314 30.08 0.20 1.30
CA GLN E 314 30.25 1.20 2.35
C GLN E 314 31.72 1.51 2.62
N THR E 315 32.57 0.48 2.67
CA THR E 315 33.99 0.69 2.96
C THR E 315 34.78 1.31 1.81
N LEU E 316 34.41 1.02 0.56
CA LEU E 316 35.13 1.55 -0.59
C LEU E 316 35.55 3.02 -0.53
N PRO E 317 34.62 3.93 -0.20
CA PRO E 317 34.95 5.36 -0.13
C PRO E 317 36.05 5.63 0.91
N TYR E 318 36.04 4.86 2.00
CA TYR E 318 37.05 5.01 3.04
C TYR E 318 38.39 4.48 2.53
N VAL E 319 38.35 3.35 1.83
CA VAL E 319 39.56 2.76 1.27
C VAL E 319 40.17 3.77 0.29
N LEU E 320 39.33 4.39 -0.53
CA LEU E 320 39.77 5.37 -1.50
C LEU E 320 40.47 6.52 -0.79
N LYS E 321 39.96 6.93 0.37
CA LYS E 321 40.55 8.03 1.13
C LYS E 321 41.87 7.66 1.78
N LEU E 322 41.99 6.42 2.24
CA LEU E 322 43.21 5.96 2.86
C LEU E 322 44.27 5.74 1.78
N ALA E 323 43.83 5.30 0.61
CA ALA E 323 44.75 5.06 -0.48
C ALA E 323 45.36 6.38 -0.94
N GLU E 324 44.52 7.40 -1.02
CA GLU E 324 44.91 8.72 -1.47
C GLU E 324 45.76 9.57 -0.51
N LYS E 325 45.40 9.60 0.77
CA LYS E 325 46.13 10.42 1.73
C LYS E 325 46.72 9.67 2.91
N GLY E 326 46.71 8.35 2.86
CA GLY E 326 47.25 7.59 3.96
C GLY E 326 46.55 7.86 5.28
N LEU E 327 47.30 7.84 6.39
CA LEU E 327 46.71 8.09 7.70
C LEU E 327 46.14 9.51 7.81
N ASP E 328 46.62 10.44 6.95
CA ASP E 328 46.12 11.82 6.99
C ASP E 328 44.61 11.84 6.82
N ALA E 329 44.08 10.73 6.28
CA ALA E 329 42.66 10.59 6.05
C ALA E 329 41.91 10.57 7.38
N LEU E 330 42.56 10.04 8.41
CA LEU E 330 41.94 9.99 9.73
C LEU E 330 41.97 11.39 10.37
N LEU E 331 43.02 12.15 10.09
CA LEU E 331 43.12 13.48 10.63
C LEU E 331 42.19 14.42 9.89
N GLU E 332 41.58 13.95 8.81
CA GLU E 332 40.66 14.76 8.03
C GLU E 332 39.24 14.22 8.10
N ASP E 333 39.00 13.24 8.96
CA ASP E 333 37.69 12.65 9.11
C ASP E 333 37.55 12.08 10.52
N ALA E 334 36.79 12.80 11.35
CA ALA E 334 36.58 12.41 12.74
C ALA E 334 35.95 11.03 12.93
N ALA E 335 35.07 10.64 12.02
CA ALA E 335 34.40 9.34 12.10
C ALA E 335 35.38 8.20 11.82
N LEU E 336 36.20 8.38 10.79
CA LEU E 336 37.19 7.39 10.42
C LEU E 336 38.28 7.29 11.50
N LEU E 337 38.55 8.40 12.17
CA LEU E 337 39.57 8.44 13.22
C LEU E 337 39.28 7.46 14.34
N LYS E 338 38.03 7.42 14.77
CA LYS E 338 37.65 6.53 15.85
C LYS E 338 37.83 5.08 15.44
N GLY E 339 38.17 4.86 14.17
CA GLY E 339 38.39 3.51 13.69
C GLY E 339 39.75 2.98 14.12
N LEU E 340 40.65 3.89 14.44
CA LEU E 340 41.99 3.51 14.87
C LEU E 340 41.99 2.78 16.21
N ASN E 341 42.57 1.59 16.23
CA ASN E 341 42.64 0.78 17.44
C ASN E 341 44.10 0.53 17.86
N THR E 342 45.03 0.56 16.91
CA THR E 342 46.44 0.34 17.22
C THR E 342 47.33 1.17 16.29
N HIS E 343 48.55 1.48 16.76
CA HIS E 343 49.50 2.27 15.97
C HIS E 343 50.83 2.41 16.69
N LYS E 344 51.90 2.03 16.00
CA LYS E 344 53.25 2.10 16.54
C LYS E 344 53.28 1.63 17.99
N GLY E 345 52.55 0.56 18.27
CA GLY E 345 52.52 0.00 19.61
C GLY E 345 51.51 0.67 20.55
N ARG E 346 50.91 1.75 20.08
CA ARG E 346 49.93 2.49 20.89
C ARG E 346 48.51 1.95 20.70
N LEU E 347 47.86 1.61 21.81
CA LEU E 347 46.48 1.13 21.76
C LEU E 347 45.57 2.36 21.76
N THR E 348 45.10 2.75 20.58
CA THR E 348 44.29 3.94 20.42
C THR E 348 42.77 3.87 20.60
N HIS E 349 42.27 2.83 21.26
CA HIS E 349 40.84 2.74 21.47
C HIS E 349 40.51 2.50 22.94
N PRO E 350 39.80 3.46 23.57
CA PRO E 350 39.37 3.47 24.97
C PRO E 350 38.62 2.24 25.48
N GLY E 351 37.65 1.75 24.70
CA GLY E 351 36.90 0.60 25.13
C GLY E 351 37.81 -0.59 25.34
N VAL E 352 38.63 -0.87 24.33
CA VAL E 352 39.57 -1.98 24.39
C VAL E 352 40.60 -1.80 25.50
N ALA E 353 41.18 -0.60 25.60
CA ALA E 353 42.19 -0.31 26.61
C ALA E 353 41.68 -0.61 28.02
N GLU E 354 40.50 -0.07 28.34
CA GLU E 354 39.90 -0.28 29.65
C GLU E 354 39.59 -1.75 29.88
N ALA E 355 39.07 -2.40 28.85
CA ALA E 355 38.72 -3.81 28.91
C ALA E 355 39.90 -4.70 29.28
N PHE E 356 41.06 -4.43 28.70
CA PHE E 356 42.24 -5.22 29.00
C PHE E 356 43.15 -4.57 30.03
N GLY E 357 42.79 -3.36 30.45
CA GLY E 357 43.61 -2.67 31.43
C GLY E 357 44.99 -2.37 30.86
N LEU E 358 45.00 -1.65 29.76
CA LEU E 358 46.24 -1.27 29.10
C LEU E 358 46.26 0.23 28.85
N PRO E 359 47.46 0.81 28.70
CA PRO E 359 47.64 2.24 28.45
C PRO E 359 46.93 2.71 27.18
N TYR E 360 45.92 3.55 27.35
CA TYR E 360 45.17 4.10 26.23
C TYR E 360 45.82 5.39 25.75
N THR E 361 45.88 5.58 24.43
CA THR E 361 46.48 6.77 23.86
C THR E 361 45.52 7.32 22.81
N PRO E 362 45.11 8.58 22.95
CA PRO E 362 44.19 9.19 21.97
C PRO E 362 44.73 9.08 20.54
N PRO E 363 43.92 8.53 19.62
CA PRO E 363 44.28 8.35 18.22
C PRO E 363 44.93 9.54 17.53
N GLU E 364 44.38 10.73 17.74
CA GLU E 364 44.96 11.93 17.12
C GLU E 364 46.38 12.19 17.68
N GLU E 365 46.63 11.75 18.90
CA GLU E 365 47.94 11.95 19.50
C GLU E 365 48.95 10.92 19.00
N ALA E 366 48.57 9.65 19.09
CA ALA E 366 49.43 8.56 18.64
C ALA E 366 49.78 8.74 17.16
N LEU E 367 48.86 9.32 16.39
CA LEU E 367 49.05 9.53 14.96
C LEU E 367 50.12 10.58 14.65
N ARG E 368 50.27 11.56 15.56
CA ARG E 368 51.26 12.61 15.40
C ARG E 368 52.46 12.35 16.31
N GLY E 369 53.12 11.22 16.06
CA GLY E 369 54.28 10.82 16.84
C GLY E 369 54.87 9.53 16.30
N MET F 1 -22.60 -42.42 12.63
CA MET F 1 -21.59 -43.26 11.92
C MET F 1 -20.28 -43.37 12.70
N VAL F 2 -19.64 -44.53 12.61
CA VAL F 2 -18.36 -44.76 13.28
C VAL F 2 -17.29 -44.41 12.28
N ILE F 3 -16.61 -43.30 12.53
CA ILE F 3 -15.57 -42.81 11.64
C ILE F 3 -14.18 -43.12 12.19
N GLY F 4 -13.28 -43.52 11.30
CA GLY F 4 -11.94 -43.86 11.72
C GLY F 4 -10.84 -42.99 11.15
N VAL F 5 -9.79 -42.80 11.95
CA VAL F 5 -8.65 -41.99 11.56
C VAL F 5 -7.36 -42.74 11.84
N PRO F 6 -6.90 -43.55 10.87
CA PRO F 6 -5.65 -44.31 11.06
C PRO F 6 -4.47 -43.35 11.07
N LYS F 7 -3.32 -43.81 11.55
CA LYS F 7 -2.14 -42.97 11.53
C LYS F 7 -1.47 -43.16 10.18
N GLU F 8 -1.00 -42.07 9.58
CA GLU F 8 -0.34 -42.18 8.29
C GLU F 8 0.96 -42.97 8.46
N ILE F 9 1.13 -44.04 7.69
CA ILE F 9 2.33 -44.85 7.80
C ILE F 9 3.36 -44.56 6.73
N LYS F 10 2.93 -44.00 5.61
CA LYS F 10 3.86 -43.65 4.54
C LYS F 10 4.94 -42.80 5.20
N THR F 11 6.20 -43.16 4.98
CA THR F 11 7.33 -42.46 5.60
C THR F 11 7.39 -40.96 5.34
N LEU F 12 7.67 -40.22 6.42
CA LEU F 12 7.79 -38.77 6.39
C LEU F 12 6.45 -38.01 6.29
N GLU F 13 5.34 -38.74 6.11
CA GLU F 13 4.03 -38.11 6.03
C GLU F 13 3.60 -37.69 7.42
N ASN F 14 3.53 -36.38 7.69
CA ASN F 14 3.17 -35.92 9.02
C ASN F 14 1.81 -35.25 9.18
N ARG F 15 1.02 -35.23 8.11
CA ARG F 15 -0.31 -34.62 8.16
C ARG F 15 -1.30 -35.64 8.70
N VAL F 16 -2.51 -35.20 9.04
CA VAL F 16 -3.56 -36.10 9.55
C VAL F 16 -4.90 -35.70 8.95
N ALA F 17 -5.72 -36.68 8.60
CA ALA F 17 -7.01 -36.43 7.96
C ALA F 17 -8.08 -35.73 8.76
N LEU F 18 -7.89 -35.64 10.07
CA LEU F 18 -8.91 -35.01 10.90
C LEU F 18 -8.26 -34.33 12.10
N THR F 19 -8.69 -33.12 12.40
CA THR F 19 -8.13 -32.39 13.54
C THR F 19 -9.05 -32.59 14.74
N PRO F 20 -8.58 -32.23 15.94
CA PRO F 20 -9.43 -32.38 17.12
C PRO F 20 -10.69 -31.54 16.93
N GLY F 21 -10.52 -30.36 16.35
CA GLY F 21 -11.64 -29.47 16.11
C GLY F 21 -12.67 -30.15 15.24
N GLY F 22 -12.18 -30.88 14.23
CA GLY F 22 -13.08 -31.58 13.33
C GLY F 22 -13.76 -32.74 14.05
N VAL F 23 -13.01 -33.41 14.92
CA VAL F 23 -13.56 -34.52 15.69
C VAL F 23 -14.70 -34.00 16.55
N GLU F 24 -14.47 -32.88 17.22
CA GLU F 24 -15.49 -32.31 18.08
C GLU F 24 -16.79 -32.07 17.32
N SER F 25 -16.68 -31.56 16.09
CA SER F 25 -17.88 -31.29 15.30
C SER F 25 -18.65 -32.57 15.04
N LEU F 26 -17.92 -33.66 14.82
CA LEU F 26 -18.53 -34.96 14.58
C LEU F 26 -19.19 -35.51 15.84
N VAL F 27 -18.40 -35.68 16.91
CA VAL F 27 -18.91 -36.20 18.16
C VAL F 27 -20.10 -35.37 18.64
N ARG F 28 -20.02 -34.06 18.42
CA ARG F 28 -21.08 -33.13 18.81
C ARG F 28 -22.40 -33.45 18.14
N ARG F 29 -22.31 -34.02 16.94
CA ARG F 29 -23.47 -34.39 16.13
C ARG F 29 -23.94 -35.81 16.33
N GLY F 30 -23.34 -36.50 17.30
CA GLY F 30 -23.75 -37.86 17.56
C GLY F 30 -22.94 -38.96 16.92
N HIS F 31 -21.90 -38.62 16.18
CA HIS F 31 -21.08 -39.67 15.56
C HIS F 31 -19.99 -40.05 16.52
N THR F 32 -19.31 -41.15 16.24
CA THR F 32 -18.23 -41.60 17.10
C THR F 32 -16.97 -41.72 16.23
N VAL F 33 -15.87 -41.16 16.73
CA VAL F 33 -14.61 -41.16 16.00
C VAL F 33 -13.49 -41.93 16.69
N LEU F 34 -12.92 -42.88 15.97
CA LEU F 34 -11.79 -43.66 16.48
C LEU F 34 -10.53 -43.08 15.85
N VAL F 35 -9.69 -42.51 16.70
CA VAL F 35 -8.43 -41.90 16.26
C VAL F 35 -7.25 -42.73 16.75
N GLU F 36 -6.50 -43.30 15.82
CA GLU F 36 -5.33 -44.11 16.20
C GLU F 36 -4.33 -43.27 16.97
N ARG F 37 -3.80 -43.82 18.06
CA ARG F 37 -2.83 -43.09 18.87
C ARG F 37 -1.67 -42.59 18.03
N GLY F 38 -1.29 -41.34 18.27
CA GLY F 38 -0.17 -40.73 17.56
C GLY F 38 -0.49 -40.28 16.14
N ALA F 39 -1.73 -40.46 15.70
CA ALA F 39 -2.08 -40.05 14.35
C ALA F 39 -1.88 -38.55 14.11
N GLY F 40 -1.89 -37.75 15.17
CA GLY F 40 -1.73 -36.32 14.99
C GLY F 40 -0.43 -35.73 15.47
N GLU F 41 0.40 -36.54 16.13
CA GLU F 41 1.67 -36.04 16.64
C GLU F 41 2.49 -35.32 15.58
N GLY F 42 2.43 -35.82 14.34
CA GLY F 42 3.19 -35.21 13.25
C GLY F 42 2.85 -33.75 12.99
N SER F 43 1.65 -33.33 13.37
CA SER F 43 1.21 -31.96 13.20
C SER F 43 0.99 -31.23 14.52
N GLY F 44 1.55 -31.80 15.59
CA GLY F 44 1.42 -31.20 16.91
C GLY F 44 0.06 -31.39 17.56
N LEU F 45 -0.74 -32.28 16.99
CA LEU F 45 -2.07 -32.59 17.51
C LEU F 45 -1.98 -33.87 18.36
N SER F 46 -1.82 -33.69 19.67
CA SER F 46 -1.67 -34.81 20.60
C SER F 46 -2.92 -35.63 20.86
N ASP F 47 -2.72 -36.83 21.40
CA ASP F 47 -3.84 -37.70 21.70
C ASP F 47 -4.74 -37.07 22.74
N ALA F 48 -4.15 -36.32 23.67
CA ALA F 48 -4.92 -35.67 24.73
C ALA F 48 -5.99 -34.74 24.15
N GLU F 49 -5.62 -33.95 23.13
CA GLU F 49 -6.58 -33.02 22.50
C GLU F 49 -7.72 -33.82 21.87
N TYR F 50 -7.34 -34.85 21.12
CA TYR F 50 -8.34 -35.70 20.47
C TYR F 50 -9.22 -36.32 21.54
N ALA F 51 -8.68 -36.47 22.75
CA ALA F 51 -9.45 -37.03 23.84
C ALA F 51 -10.49 -36.02 24.33
N ARG F 52 -10.07 -34.78 24.59
CA ARG F 52 -11.02 -33.77 25.07
C ARG F 52 -12.05 -33.47 24.00
N ALA F 53 -11.68 -33.68 22.74
CA ALA F 53 -12.58 -33.41 21.63
C ALA F 53 -13.66 -34.47 21.52
N GLY F 54 -13.55 -35.52 22.34
CA GLY F 54 -14.54 -36.57 22.30
C GLY F 54 -14.20 -37.82 21.53
N ALA F 55 -13.05 -37.84 20.85
CA ALA F 55 -12.65 -39.02 20.09
C ALA F 55 -12.28 -40.20 21.03
N GLU F 56 -12.06 -41.37 20.43
CA GLU F 56 -11.65 -42.55 21.18
C GLU F 56 -10.28 -42.93 20.66
N LEU F 57 -9.31 -42.94 21.56
CA LEU F 57 -7.94 -43.30 21.20
C LEU F 57 -7.83 -44.80 21.03
N VAL F 58 -7.67 -45.24 19.79
CA VAL F 58 -7.59 -46.66 19.51
C VAL F 58 -6.29 -47.06 18.86
N GLY F 59 -6.23 -48.32 18.45
CA GLY F 59 -5.05 -48.83 17.81
C GLY F 59 -5.27 -48.81 16.32
N ARG F 60 -4.29 -49.32 15.59
CA ARG F 60 -4.37 -49.35 14.14
C ARG F 60 -5.61 -50.05 13.58
N GLU F 61 -5.74 -51.35 13.89
CA GLU F 61 -6.85 -52.16 13.37
C GLU F 61 -8.24 -51.66 13.78
N GLU F 62 -8.35 -51.19 15.02
CA GLU F 62 -9.61 -50.67 15.52
C GLU F 62 -10.03 -49.51 14.62
N ALA F 63 -9.07 -48.63 14.31
CA ALA F 63 -9.33 -47.46 13.47
C ALA F 63 -9.92 -47.85 12.10
N TRP F 64 -9.36 -48.89 11.49
CA TRP F 64 -9.85 -49.35 10.19
C TRP F 64 -11.18 -50.07 10.34
N GLY F 65 -11.61 -50.26 11.59
CA GLY F 65 -12.87 -50.94 11.84
C GLY F 65 -14.10 -50.06 11.69
N ALA F 66 -13.91 -48.78 11.38
CA ALA F 66 -15.01 -47.84 11.22
C ALA F 66 -15.72 -47.95 9.86
N GLU F 67 -16.93 -47.41 9.77
CA GLU F 67 -17.68 -47.46 8.52
C GLU F 67 -16.95 -46.63 7.48
N MET F 68 -16.46 -45.46 7.90
CA MET F 68 -15.73 -44.59 7.01
C MET F 68 -14.38 -44.29 7.61
N VAL F 69 -13.35 -44.45 6.80
CA VAL F 69 -11.99 -44.19 7.21
C VAL F 69 -11.52 -42.96 6.45
N VAL F 70 -11.11 -41.93 7.19
CA VAL F 70 -10.61 -40.69 6.59
C VAL F 70 -9.10 -40.64 6.71
N LYS F 71 -8.43 -40.50 5.57
CA LYS F 71 -6.97 -40.47 5.55
C LYS F 71 -6.42 -39.31 4.71
N VAL F 72 -5.09 -39.26 4.62
CA VAL F 72 -4.38 -38.25 3.85
C VAL F 72 -3.81 -38.85 2.57
N LYS F 73 -2.93 -39.85 2.73
CA LYS F 73 -2.32 -40.52 1.59
C LYS F 73 -3.07 -41.78 1.20
N GLU F 74 -2.67 -42.39 0.10
CA GLU F 74 -3.32 -43.61 -0.38
C GLU F 74 -2.87 -44.82 0.46
N PRO F 75 -3.62 -45.92 0.41
CA PRO F 75 -3.27 -47.13 1.16
C PRO F 75 -2.02 -47.81 0.60
N LEU F 76 -1.07 -48.12 1.47
CA LEU F 76 0.15 -48.81 1.04
C LEU F 76 -0.17 -50.30 1.01
N PRO F 77 0.61 -51.10 0.26
CA PRO F 77 0.38 -52.55 0.17
C PRO F 77 0.12 -53.17 1.54
N GLU F 78 0.92 -52.73 2.50
CA GLU F 78 0.83 -53.20 3.87
C GLU F 78 -0.57 -53.04 4.44
N GLU F 79 -1.34 -52.12 3.86
CA GLU F 79 -2.70 -51.86 4.35
C GLU F 79 -3.84 -52.39 3.48
N TYR F 80 -3.50 -53.06 2.38
CA TYR F 80 -4.52 -53.57 1.49
C TYR F 80 -5.52 -54.50 2.18
N GLY F 81 -5.11 -55.10 3.30
CA GLY F 81 -5.98 -56.01 4.04
C GLY F 81 -7.18 -55.41 4.75
N PHE F 82 -7.12 -54.12 5.04
CA PHE F 82 -8.23 -53.46 5.74
C PHE F 82 -9.30 -53.05 4.74
N LEU F 83 -9.00 -53.15 3.44
CA LEU F 83 -9.97 -52.80 2.42
C LEU F 83 -11.05 -53.85 2.32
N ARG F 84 -12.30 -53.44 2.50
CA ARG F 84 -13.43 -54.36 2.43
C ARG F 84 -14.61 -53.69 1.74
N GLU F 85 -15.66 -54.46 1.46
CA GLU F 85 -16.83 -53.92 0.76
C GLU F 85 -17.57 -52.75 1.40
N GLY F 86 -18.11 -52.97 2.60
CA GLY F 86 -18.86 -51.91 3.26
C GLY F 86 -18.08 -50.72 3.79
N LEU F 87 -16.77 -50.69 3.58
CA LEU F 87 -15.94 -49.60 4.07
C LEU F 87 -15.79 -48.45 3.07
N ILE F 88 -16.18 -47.24 3.48
CA ILE F 88 -16.03 -46.09 2.61
C ILE F 88 -14.73 -45.40 2.99
N LEU F 89 -13.79 -45.39 2.06
CA LEU F 89 -12.48 -44.78 2.27
C LEU F 89 -12.45 -43.41 1.61
N PHE F 90 -11.97 -42.41 2.35
CA PHE F 90 -11.91 -41.02 1.87
C PHE F 90 -10.49 -40.48 2.06
N THR F 91 -9.75 -40.36 0.97
CA THR F 91 -8.37 -39.89 1.05
C THR F 91 -7.80 -39.56 -0.33
N TYR F 92 -6.52 -39.20 -0.38
CA TYR F 92 -5.88 -38.96 -1.67
C TYR F 92 -5.62 -40.38 -2.16
N LEU F 93 -5.97 -40.67 -3.41
CA LEU F 93 -5.76 -42.01 -3.95
C LEU F 93 -4.76 -42.04 -5.09
N HIS F 94 -4.88 -41.09 -6.03
CA HIS F 94 -4.00 -40.98 -7.19
C HIS F 94 -3.90 -42.31 -7.95
N LEU F 95 -5.02 -43.02 -8.03
CA LEU F 95 -5.08 -44.32 -8.68
C LEU F 95 -4.38 -44.40 -10.06
N ALA F 96 -4.73 -43.48 -10.95
CA ALA F 96 -4.15 -43.45 -12.29
C ALA F 96 -2.65 -43.69 -12.26
N ALA F 97 -2.01 -43.42 -11.12
CA ALA F 97 -0.56 -43.59 -10.99
C ALA F 97 -0.09 -44.82 -10.22
N ASP F 98 -1.03 -45.66 -9.79
CA ASP F 98 -0.70 -46.89 -9.06
C ASP F 98 -1.68 -47.98 -9.45
N ARG F 99 -1.29 -48.82 -10.40
CA ARG F 99 -2.18 -49.88 -10.83
C ARG F 99 -2.38 -50.89 -9.71
N GLY F 100 -1.31 -51.15 -8.97
CA GLY F 100 -1.40 -52.08 -7.86
C GLY F 100 -2.63 -51.74 -7.04
N LEU F 101 -2.60 -50.56 -6.44
CA LEU F 101 -3.70 -50.07 -5.61
C LEU F 101 -5.07 -50.13 -6.30
N THR F 102 -5.14 -49.75 -7.57
CA THR F 102 -6.42 -49.75 -8.29
C THR F 102 -7.07 -51.13 -8.30
N GLU F 103 -6.27 -52.19 -8.37
CA GLU F 103 -6.79 -53.55 -8.39
C GLU F 103 -7.12 -54.03 -6.98
N ALA F 104 -6.21 -53.78 -6.05
CA ALA F 104 -6.41 -54.18 -4.67
C ALA F 104 -7.71 -53.61 -4.08
N MET F 105 -8.06 -52.39 -4.47
CA MET F 105 -9.28 -51.77 -3.98
C MET F 105 -10.48 -52.32 -4.71
N LEU F 106 -10.28 -52.61 -5.99
CA LEU F 106 -11.34 -53.16 -6.82
C LEU F 106 -11.69 -54.55 -6.32
N ARG F 107 -10.68 -55.40 -6.15
CA ARG F 107 -10.91 -56.75 -5.68
C ARG F 107 -11.58 -56.73 -4.30
N SER F 108 -11.23 -55.73 -3.48
CA SER F 108 -11.79 -55.61 -2.13
C SER F 108 -13.22 -55.07 -2.09
N GLY F 109 -13.69 -54.52 -3.22
CA GLY F 109 -15.05 -53.98 -3.27
C GLY F 109 -15.30 -52.76 -2.41
N VAL F 110 -14.23 -52.21 -1.84
CA VAL F 110 -14.31 -51.03 -0.99
C VAL F 110 -14.77 -49.80 -1.78
N THR F 111 -15.57 -48.95 -1.15
CA THR F 111 -16.01 -47.74 -1.83
C THR F 111 -15.01 -46.63 -1.49
N GLY F 112 -14.19 -46.27 -2.48
CA GLY F 112 -13.18 -45.25 -2.29
C GLY F 112 -13.49 -43.91 -2.94
N ILE F 113 -13.38 -42.84 -2.16
CA ILE F 113 -13.64 -41.49 -2.64
C ILE F 113 -12.31 -40.73 -2.65
N ALA F 114 -11.89 -40.30 -3.82
CA ALA F 114 -10.62 -39.58 -3.98
C ALA F 114 -10.83 -38.09 -3.79
N TYR F 115 -10.01 -37.47 -2.93
CA TYR F 115 -10.10 -36.04 -2.66
C TYR F 115 -9.87 -35.29 -3.97
N GLU F 116 -8.83 -35.73 -4.67
CA GLU F 116 -8.39 -35.11 -5.92
C GLU F 116 -9.39 -35.08 -7.07
N THR F 117 -10.39 -35.95 -7.04
CA THR F 117 -11.34 -35.95 -8.14
C THR F 117 -12.64 -35.26 -7.82
N VAL F 118 -12.83 -34.91 -6.55
CA VAL F 118 -14.03 -34.17 -6.14
C VAL F 118 -13.86 -32.87 -6.93
N GLN F 119 -14.88 -32.44 -7.65
CA GLN F 119 -14.72 -31.26 -8.48
C GLN F 119 -15.97 -30.47 -8.81
N LEU F 120 -15.89 -29.17 -8.63
CA LEU F 120 -17.01 -28.25 -8.89
C LEU F 120 -17.33 -28.07 -10.37
N PRO F 121 -18.52 -27.51 -10.67
CA PRO F 121 -18.98 -27.27 -12.04
C PRO F 121 -17.98 -26.52 -12.90
N ASP F 122 -17.27 -25.56 -12.31
CA ASP F 122 -16.29 -24.76 -13.04
C ASP F 122 -14.98 -25.51 -13.27
N GLY F 123 -14.93 -26.75 -12.81
CA GLY F 123 -13.72 -27.54 -12.98
C GLY F 123 -12.69 -27.49 -11.87
N THR F 124 -12.92 -26.70 -10.82
CA THR F 124 -11.95 -26.62 -9.74
C THR F 124 -12.02 -27.83 -8.82
N LEU F 125 -10.85 -28.26 -8.35
CA LEU F 125 -10.73 -29.40 -7.45
C LEU F 125 -10.52 -28.83 -6.05
N PRO F 126 -11.61 -28.42 -5.39
CA PRO F 126 -11.60 -27.83 -4.05
C PRO F 126 -10.84 -28.53 -2.92
N LEU F 127 -10.57 -29.83 -3.05
CA LEU F 127 -9.85 -30.54 -1.99
C LEU F 127 -8.38 -30.71 -2.31
N LEU F 128 -7.96 -30.19 -3.46
CA LEU F 128 -6.58 -30.26 -3.93
C LEU F 128 -5.98 -28.84 -3.89
N VAL F 129 -6.85 -27.85 -4.03
CA VAL F 129 -6.47 -26.44 -4.02
C VAL F 129 -5.66 -26.02 -2.78
N PRO F 130 -6.01 -26.54 -1.60
CA PRO F 130 -5.24 -26.14 -0.41
C PRO F 130 -3.75 -26.45 -0.55
N MET F 131 -3.43 -27.68 -0.93
CA MET F 131 -2.04 -28.09 -1.09
C MET F 131 -1.33 -27.27 -2.17
N SER F 132 -2.09 -26.90 -3.21
CA SER F 132 -1.53 -26.09 -4.28
C SER F 132 -1.15 -24.71 -3.70
N GLU F 133 -1.97 -24.24 -2.78
CA GLU F 133 -1.74 -22.95 -2.16
C GLU F 133 -0.53 -22.91 -1.24
N VAL F 134 -0.29 -23.95 -0.43
CA VAL F 134 0.88 -23.88 0.45
C VAL F 134 2.16 -24.14 -0.35
N ALA F 135 2.05 -24.96 -1.40
CA ALA F 135 3.19 -25.26 -2.24
C ALA F 135 3.75 -23.95 -2.77
N GLY F 136 2.86 -23.10 -3.29
CA GLY F 136 3.27 -21.82 -3.81
C GLY F 136 3.92 -20.95 -2.74
N ARG F 137 3.26 -20.86 -1.59
CA ARG F 137 3.77 -20.08 -0.47
C ARG F 137 5.17 -20.59 -0.11
N MET F 138 5.38 -21.90 -0.25
CA MET F 138 6.64 -22.55 0.08
C MET F 138 7.78 -22.39 -0.94
N ALA F 139 7.46 -22.46 -2.22
CA ALA F 139 8.48 -22.34 -3.28
C ALA F 139 9.53 -21.25 -3.06
N PRO F 140 9.11 -19.99 -2.88
CA PRO F 140 10.16 -18.98 -2.68
C PRO F 140 10.89 -19.13 -1.34
N GLN F 141 10.27 -19.80 -0.38
CA GLN F 141 10.90 -20.00 0.93
C GLN F 141 12.00 -21.05 0.76
N VAL F 142 11.66 -22.15 0.09
CA VAL F 142 12.60 -23.20 -0.16
C VAL F 142 13.67 -22.66 -1.10
N GLY F 143 13.26 -21.87 -2.08
CA GLY F 143 14.21 -21.29 -3.03
C GLY F 143 15.26 -20.42 -2.35
N ALA F 144 14.81 -19.54 -1.47
CA ALA F 144 15.70 -18.66 -0.73
C ALA F 144 16.75 -19.45 0.04
N GLN F 145 16.30 -20.52 0.67
CA GLN F 145 17.19 -21.38 1.44
C GLN F 145 18.32 -21.90 0.58
N PHE F 146 17.99 -22.31 -0.64
CA PHE F 146 18.99 -22.85 -1.54
C PHE F 146 19.82 -21.86 -2.30
N LEU F 147 19.46 -20.59 -2.24
CA LEU F 147 20.26 -19.57 -2.88
C LEU F 147 21.41 -19.31 -1.90
N GLU F 148 21.29 -19.90 -0.71
CA GLU F 148 22.32 -19.76 0.33
C GLU F 148 23.61 -20.50 -0.02
N LYS F 149 24.73 -19.81 0.07
CA LYS F 149 26.03 -20.38 -0.26
C LYS F 149 26.29 -21.74 0.40
N PRO F 150 25.97 -21.88 1.69
CA PRO F 150 26.22 -23.19 2.30
C PRO F 150 25.47 -24.32 1.61
N LYS F 151 24.39 -23.99 0.90
CA LYS F 151 23.61 -25.02 0.21
C LYS F 151 24.05 -25.05 -1.26
N GLY F 152 25.21 -24.45 -1.52
CA GLY F 152 25.75 -24.42 -2.86
C GLY F 152 25.10 -23.43 -3.81
N GLY F 153 24.26 -22.55 -3.28
CA GLY F 153 23.60 -21.57 -4.11
C GLY F 153 24.47 -20.36 -4.40
N ARG F 154 23.93 -19.45 -5.21
CA ARG F 154 24.63 -18.24 -5.61
C ARG F 154 25.08 -17.37 -4.43
N GLY F 155 24.40 -17.48 -3.29
CA GLY F 155 24.77 -16.72 -2.10
C GLY F 155 24.16 -15.33 -2.00
N VAL F 156 22.94 -15.18 -2.48
CA VAL F 156 22.28 -13.88 -2.44
C VAL F 156 20.97 -13.91 -1.71
N LEU F 157 20.56 -12.72 -1.28
CA LEU F 157 19.32 -12.46 -0.57
C LEU F 157 18.29 -12.00 -1.59
N LEU F 158 17.11 -12.61 -1.59
CA LEU F 158 16.07 -12.22 -2.55
C LEU F 158 15.79 -10.73 -2.67
N GLY F 159 15.73 -10.03 -1.53
CA GLY F 159 15.44 -8.62 -1.60
C GLY F 159 16.62 -7.72 -1.32
N GLY F 160 17.81 -8.31 -1.17
CA GLY F 160 19.00 -7.52 -0.90
C GLY F 160 18.84 -6.74 0.40
N VAL F 161 19.48 -5.57 0.46
CA VAL F 161 19.41 -4.69 1.61
C VAL F 161 19.51 -3.28 1.04
N PRO F 162 19.18 -2.26 1.85
CA PRO F 162 19.27 -0.90 1.31
C PRO F 162 20.62 -0.64 0.64
N GLY F 163 20.61 -0.32 -0.65
CA GLY F 163 21.84 -0.03 -1.37
C GLY F 163 22.31 -1.16 -2.28
N VAL F 164 21.72 -2.35 -2.12
CA VAL F 164 22.06 -3.50 -2.92
C VAL F 164 20.79 -4.01 -3.59
N ALA F 165 20.85 -4.22 -4.90
CA ALA F 165 19.71 -4.68 -5.68
C ALA F 165 19.08 -6.00 -5.22
N PRO F 166 17.74 -6.08 -5.28
CA PRO F 166 17.06 -7.30 -4.88
C PRO F 166 17.37 -8.37 -5.93
N ALA F 167 17.02 -9.63 -5.68
CA ALA F 167 17.29 -10.68 -6.66
C ALA F 167 16.11 -10.83 -7.60
N SER F 168 16.28 -11.64 -8.64
CA SER F 168 15.22 -11.86 -9.60
C SER F 168 14.55 -13.23 -9.42
N VAL F 169 13.25 -13.21 -9.16
CA VAL F 169 12.50 -14.45 -9.02
C VAL F 169 11.59 -14.47 -10.23
N VAL F 170 11.76 -15.46 -11.09
CA VAL F 170 10.94 -15.59 -12.27
C VAL F 170 10.00 -16.77 -12.02
N ILE F 171 8.70 -16.52 -12.17
CA ILE F 171 7.68 -17.54 -11.95
C ILE F 171 6.92 -17.88 -13.23
N LEU F 172 7.02 -19.13 -13.67
CA LEU F 172 6.32 -19.55 -14.87
C LEU F 172 4.96 -20.17 -14.52
N GLY F 173 3.89 -19.41 -14.73
CA GLY F 173 2.56 -19.89 -14.42
C GLY F 173 1.84 -18.95 -13.48
N GLY F 174 0.71 -18.42 -13.93
CA GLY F 174 -0.04 -17.51 -13.10
C GLY F 174 -1.20 -18.16 -12.34
N GLY F 175 -1.14 -19.48 -12.18
CA GLY F 175 -2.20 -20.17 -11.48
C GLY F 175 -2.22 -20.00 -9.97
N THR F 176 -2.84 -20.95 -9.28
CA THR F 176 -2.94 -20.93 -7.83
C THR F 176 -1.55 -21.01 -7.21
N VAL F 177 -0.71 -21.86 -7.75
CA VAL F 177 0.65 -22.04 -7.28
C VAL F 177 1.47 -20.80 -7.61
N GLY F 178 1.37 -20.34 -8.86
CA GLY F 178 2.11 -19.17 -9.27
C GLY F 178 1.80 -17.93 -8.45
N THR F 179 0.51 -17.65 -8.26
CA THR F 179 0.09 -16.48 -7.50
C THR F 179 0.52 -16.51 -6.04
N ASN F 180 0.46 -17.67 -5.41
CA ASN F 180 0.87 -17.73 -4.02
C ASN F 180 2.37 -17.59 -3.88
N ALA F 181 3.11 -18.09 -4.85
CA ALA F 181 4.55 -17.96 -4.80
C ALA F 181 4.91 -16.49 -4.98
N ALA F 182 4.19 -15.81 -5.88
CA ALA F 182 4.44 -14.41 -6.15
C ALA F 182 4.26 -13.55 -4.90
N LYS F 183 3.18 -13.79 -4.16
CA LYS F 183 2.90 -13.04 -2.95
C LYS F 183 4.12 -13.10 -2.02
N ILE F 184 4.58 -14.30 -1.71
CA ILE F 184 5.72 -14.47 -0.83
C ILE F 184 7.03 -13.92 -1.41
N ALA F 185 7.30 -14.20 -2.68
CA ALA F 185 8.52 -13.70 -3.32
C ALA F 185 8.52 -12.18 -3.28
N LEU F 186 7.35 -11.58 -3.51
CA LEU F 186 7.23 -10.13 -3.51
C LEU F 186 7.51 -9.63 -2.11
N GLY F 187 6.90 -10.28 -1.13
CA GLY F 187 7.07 -9.90 0.27
C GLY F 187 8.49 -10.05 0.80
N MET F 188 9.28 -10.93 0.20
CA MET F 188 10.65 -11.14 0.64
C MET F 188 11.58 -10.11 0.00
N GLY F 189 11.03 -9.27 -0.87
CA GLY F 189 11.81 -8.22 -1.50
C GLY F 189 12.32 -8.40 -2.92
N ALA F 190 12.07 -9.54 -3.52
CA ALA F 190 12.56 -9.81 -4.88
C ALA F 190 11.82 -9.04 -5.96
N GLN F 191 12.47 -8.93 -7.12
CA GLN F 191 11.83 -8.29 -8.26
C GLN F 191 11.15 -9.49 -8.87
N VAL F 192 9.83 -9.56 -8.67
CA VAL F 192 9.07 -10.69 -9.16
C VAL F 192 8.48 -10.51 -10.54
N THR F 193 8.83 -11.42 -11.44
CA THR F 193 8.26 -11.41 -12.78
C THR F 193 7.59 -12.77 -12.94
N ILE F 194 6.29 -12.73 -13.27
CA ILE F 194 5.51 -13.94 -13.48
C ILE F 194 4.97 -13.98 -14.91
N LEU F 195 5.10 -15.13 -15.57
CA LEU F 195 4.65 -15.30 -16.93
C LEU F 195 3.46 -16.23 -17.02
N ASP F 196 2.60 -16.01 -18.01
CA ASP F 196 1.44 -16.85 -18.21
C ASP F 196 0.92 -16.61 -19.62
N VAL F 197 0.27 -17.63 -20.16
CA VAL F 197 -0.26 -17.55 -21.52
C VAL F 197 -1.60 -16.82 -21.60
N ASN F 198 -2.37 -16.85 -20.52
CA ASN F 198 -3.67 -16.21 -20.49
C ASN F 198 -3.60 -14.75 -20.11
N HIS F 199 -4.05 -13.89 -21.01
CA HIS F 199 -3.99 -12.46 -20.76
C HIS F 199 -4.90 -11.97 -19.63
N LYS F 200 -6.15 -12.43 -19.60
CA LYS F 200 -7.07 -12.01 -18.55
C LYS F 200 -6.47 -12.27 -17.16
N ARG F 201 -5.71 -13.36 -17.07
CA ARG F 201 -5.09 -13.77 -15.83
C ARG F 201 -4.01 -12.79 -15.42
N LEU F 202 -3.27 -12.29 -16.41
CA LEU F 202 -2.22 -11.32 -16.15
C LEU F 202 -2.80 -9.95 -15.83
N GLN F 203 -3.97 -9.66 -16.41
CA GLN F 203 -4.62 -8.38 -16.15
C GLN F 203 -5.07 -8.41 -14.70
N TYR F 204 -5.60 -9.55 -14.28
CA TYR F 204 -6.06 -9.70 -12.91
C TYR F 204 -4.86 -9.61 -11.97
N LEU F 205 -3.79 -10.34 -12.27
CA LEU F 205 -2.61 -10.28 -11.42
C LEU F 205 -2.06 -8.85 -11.33
N ASP F 206 -2.21 -8.05 -12.37
CA ASP F 206 -1.70 -6.70 -12.31
C ASP F 206 -2.57 -5.89 -11.34
N ASP F 207 -3.83 -6.24 -11.24
CA ASP F 207 -4.74 -5.56 -10.32
C ASP F 207 -4.42 -5.85 -8.86
N VAL F 208 -4.21 -7.13 -8.55
CA VAL F 208 -3.93 -7.53 -7.17
C VAL F 208 -2.55 -7.09 -6.64
N PHE F 209 -1.57 -6.97 -7.52
CA PHE F 209 -0.25 -6.55 -7.07
C PHE F 209 0.09 -5.09 -7.34
N GLY F 210 -0.91 -4.29 -7.66
CA GLY F 210 -0.66 -2.89 -7.98
C GLY F 210 0.01 -2.94 -9.32
N GLY F 211 1.34 -2.91 -9.29
CA GLY F 211 2.14 -3.01 -10.51
C GLY F 211 3.49 -3.48 -10.01
N ARG F 212 3.51 -3.87 -8.74
CA ARG F 212 4.71 -4.32 -8.06
C ARG F 212 5.32 -5.60 -8.65
N VAL F 213 4.51 -6.34 -9.39
CA VAL F 213 4.96 -7.58 -9.99
C VAL F 213 4.98 -7.43 -11.50
N ILE F 214 6.08 -7.82 -12.13
CA ILE F 214 6.18 -7.73 -13.58
C ILE F 214 5.43 -8.89 -14.21
N THR F 215 4.50 -8.59 -15.11
CA THR F 215 3.76 -9.63 -15.82
C THR F 215 4.20 -9.65 -17.28
N LEU F 216 4.59 -10.83 -17.75
CA LEU F 216 5.01 -11.02 -19.12
C LEU F 216 4.13 -12.06 -19.78
N THR F 217 3.83 -11.87 -21.07
CA THR F 217 3.03 -12.84 -21.78
C THR F 217 4.00 -13.99 -22.00
N ALA F 218 3.59 -15.19 -21.60
CA ALA F 218 4.41 -16.40 -21.70
C ALA F 218 4.76 -16.83 -23.12
N THR F 219 5.49 -15.98 -23.84
CA THR F 219 5.92 -16.30 -25.19
C THR F 219 7.31 -16.92 -25.03
N GLU F 220 7.79 -17.63 -26.04
CA GLU F 220 9.11 -18.23 -25.93
C GLU F 220 10.19 -17.16 -25.73
N ALA F 221 10.05 -16.03 -26.42
CA ALA F 221 11.01 -14.95 -26.26
C ALA F 221 11.10 -14.54 -24.78
N ASN F 222 9.94 -14.28 -24.18
CA ASN F 222 9.87 -13.87 -22.78
C ASN F 222 10.36 -14.90 -21.77
N ILE F 223 10.07 -16.18 -22.03
CA ILE F 223 10.51 -17.24 -21.14
C ILE F 223 12.02 -17.34 -21.18
N LYS F 224 12.57 -17.35 -22.38
CA LYS F 224 14.01 -17.43 -22.60
C LYS F 224 14.75 -16.33 -21.85
N LYS F 225 14.31 -15.10 -22.02
CA LYS F 225 14.96 -13.96 -21.37
C LYS F 225 14.77 -13.95 -19.86
N SER F 226 13.56 -14.24 -19.40
CA SER F 226 13.24 -14.26 -17.98
C SER F 226 14.09 -15.30 -17.24
N VAL F 227 14.20 -16.49 -17.83
CA VAL F 227 14.98 -17.58 -17.24
C VAL F 227 16.47 -17.22 -17.19
N GLN F 228 16.94 -16.58 -18.26
CA GLN F 228 18.34 -16.21 -18.37
C GLN F 228 18.82 -15.35 -17.21
N HIS F 229 17.97 -14.41 -16.78
CA HIS F 229 18.34 -13.49 -15.71
C HIS F 229 17.80 -13.84 -14.32
N ALA F 230 17.15 -14.99 -14.19
CA ALA F 230 16.58 -15.38 -12.90
C ALA F 230 17.59 -15.98 -11.91
N ASP F 231 17.50 -15.55 -10.65
CA ASP F 231 18.36 -16.08 -9.61
C ASP F 231 17.64 -17.30 -9.04
N LEU F 232 16.30 -17.21 -9.05
CA LEU F 232 15.40 -18.25 -8.57
C LEU F 232 14.31 -18.44 -9.62
N LEU F 233 14.20 -19.67 -10.14
CA LEU F 233 13.20 -19.97 -11.15
C LEU F 233 12.17 -20.93 -10.57
N ILE F 234 10.91 -20.53 -10.57
CA ILE F 234 9.87 -21.37 -10.01
C ILE F 234 8.89 -21.82 -11.06
N GLY F 235 8.92 -23.13 -11.34
CA GLY F 235 8.03 -23.70 -12.34
C GLY F 235 6.71 -24.02 -11.68
N ALA F 236 5.62 -23.53 -12.24
CA ALA F 236 4.30 -23.78 -11.68
C ALA F 236 3.24 -24.03 -12.74
N VAL F 237 3.31 -25.19 -13.40
CA VAL F 237 2.33 -25.51 -14.42
C VAL F 237 1.97 -27.00 -14.51
N LEU F 238 2.34 -27.63 -15.63
CA LEU F 238 2.05 -29.05 -15.90
C LEU F 238 0.54 -29.31 -15.98
N LYS F 246 8.76 -29.36 -20.60
CA LYS F 246 9.17 -29.01 -21.95
C LYS F 246 9.12 -27.50 -22.19
N LEU F 247 8.81 -26.71 -21.17
CA LEU F 247 8.76 -25.25 -21.32
C LEU F 247 10.14 -24.60 -21.14
N VAL F 248 11.05 -25.30 -20.47
CA VAL F 248 12.41 -24.82 -20.26
C VAL F 248 13.35 -25.99 -20.54
N THR F 249 14.06 -25.92 -21.66
CA THR F 249 14.98 -26.99 -22.07
C THR F 249 16.36 -26.90 -21.43
N ARG F 250 17.08 -28.02 -21.41
CA ARG F 250 18.42 -28.06 -20.85
C ARG F 250 19.33 -27.13 -21.64
N ASP F 251 18.80 -26.62 -22.75
CA ASP F 251 19.53 -25.69 -23.59
C ASP F 251 19.47 -24.33 -22.88
N MET F 252 18.27 -23.92 -22.47
CA MET F 252 18.09 -22.65 -21.77
C MET F 252 18.84 -22.66 -20.45
N LEU F 253 18.94 -23.84 -19.84
CA LEU F 253 19.62 -24.01 -18.56
C LEU F 253 20.98 -23.32 -18.59
N SER F 254 21.75 -23.62 -19.63
CA SER F 254 23.08 -23.06 -19.80
C SER F 254 23.08 -21.54 -19.77
N LEU F 255 21.92 -20.93 -20.02
CA LEU F 255 21.81 -19.48 -20.01
C LEU F 255 21.68 -18.91 -18.59
N MET F 256 21.35 -19.77 -17.63
CA MET F 256 21.18 -19.31 -16.25
C MET F 256 22.51 -19.13 -15.55
N LYS F 257 22.60 -18.09 -14.73
CA LYS F 257 23.82 -17.82 -13.99
C LYS F 257 24.09 -18.94 -13.01
N GLU F 258 25.36 -19.17 -12.70
CA GLU F 258 25.66 -20.25 -11.78
C GLU F 258 25.32 -19.82 -10.35
N GLY F 259 24.71 -20.75 -9.64
CA GLY F 259 24.29 -20.48 -8.28
C GLY F 259 22.80 -20.36 -8.27
N ALA F 260 22.22 -20.04 -9.44
CA ALA F 260 20.77 -19.89 -9.56
C ALA F 260 20.11 -21.20 -9.17
N VAL F 261 18.91 -21.14 -8.61
CA VAL F 261 18.24 -22.37 -8.23
C VAL F 261 16.87 -22.46 -8.92
N ILE F 262 16.43 -23.69 -9.14
CA ILE F 262 15.16 -23.95 -9.79
C ILE F 262 14.31 -24.81 -8.86
N VAL F 263 13.06 -24.38 -8.67
CA VAL F 263 12.13 -25.12 -7.83
C VAL F 263 10.89 -25.34 -8.68
N ASP F 264 10.65 -26.59 -9.10
CA ASP F 264 9.48 -26.91 -9.92
C ASP F 264 8.41 -27.64 -9.12
N VAL F 265 7.34 -26.93 -8.77
CA VAL F 265 6.27 -27.53 -7.99
C VAL F 265 5.65 -28.74 -8.66
N ALA F 266 5.42 -28.63 -9.97
CA ALA F 266 4.83 -29.72 -10.76
C ALA F 266 5.44 -31.09 -10.44
N TYR F 286 20.49 -31.42 -6.61
CA TYR F 286 21.66 -31.71 -7.43
C TYR F 286 21.98 -30.52 -8.34
N VAL F 287 23.14 -30.57 -8.99
CA VAL F 287 23.57 -29.48 -9.87
C VAL F 287 23.69 -29.89 -11.35
N VAL F 288 23.34 -28.96 -12.24
CA VAL F 288 23.39 -29.17 -13.69
C VAL F 288 23.69 -27.82 -14.35
N ASP F 289 24.91 -27.67 -14.89
CA ASP F 289 25.35 -26.42 -15.55
C ASP F 289 25.69 -25.29 -14.56
N GLY F 290 25.77 -25.65 -13.28
CA GLY F 290 26.06 -24.69 -12.24
C GLY F 290 24.79 -24.30 -11.52
N VAL F 291 23.67 -24.65 -12.13
CA VAL F 291 22.34 -24.36 -11.59
C VAL F 291 21.87 -25.46 -10.62
N VAL F 292 21.46 -25.05 -9.43
CA VAL F 292 20.99 -25.99 -8.41
C VAL F 292 19.51 -26.33 -8.62
N HIS F 293 19.21 -27.61 -8.80
CA HIS F 293 17.83 -28.05 -8.98
C HIS F 293 17.31 -28.58 -7.64
N TYR F 294 16.08 -28.23 -7.30
CA TYR F 294 15.48 -28.73 -6.06
C TYR F 294 14.35 -29.69 -6.40
N GLY F 295 14.59 -30.97 -6.18
CA GLY F 295 13.58 -31.98 -6.48
C GLY F 295 13.16 -32.80 -5.29
N VAL F 296 12.26 -32.25 -4.47
CA VAL F 296 11.74 -32.92 -3.28
C VAL F 296 10.22 -32.72 -3.28
N ALA F 297 9.55 -33.68 -3.88
CA ALA F 297 8.10 -33.72 -4.04
C ALA F 297 7.22 -32.81 -3.17
N ASN F 298 6.75 -33.37 -2.05
CA ASN F 298 5.84 -32.70 -1.12
C ASN F 298 6.40 -31.55 -0.28
N MET F 299 6.38 -30.33 -0.84
CA MET F 299 6.84 -29.15 -0.10
C MET F 299 5.91 -28.94 1.09
N PRO F 300 4.58 -29.16 0.90
CA PRO F 300 3.58 -29.00 1.95
C PRO F 300 3.88 -29.94 3.13
N GLY F 301 4.69 -30.97 2.86
CA GLY F 301 5.06 -31.92 3.89
C GLY F 301 6.09 -31.36 4.86
N ALA F 302 6.75 -30.27 4.49
CA ALA F 302 7.76 -29.67 5.36
C ALA F 302 7.07 -28.87 6.46
N VAL F 303 5.79 -28.52 6.24
CA VAL F 303 4.99 -27.76 7.20
C VAL F 303 3.66 -28.51 7.40
N PRO F 304 3.75 -29.73 7.92
CA PRO F 304 2.61 -30.62 8.19
C PRO F 304 1.40 -29.98 8.90
N ARG F 305 1.66 -29.20 9.95
CA ARG F 305 0.57 -28.57 10.68
C ARG F 305 -0.23 -27.62 9.79
N THR F 306 0.43 -26.79 9.01
CA THR F 306 -0.31 -25.88 8.16
C THR F 306 -1.16 -26.63 7.14
N SER F 307 -0.53 -27.53 6.40
CA SER F 307 -1.19 -28.34 5.37
C SER F 307 -2.43 -29.04 5.92
N THR F 308 -2.29 -29.64 7.10
CA THR F 308 -3.39 -30.34 7.74
C THR F 308 -4.63 -29.44 7.91
N PHE F 309 -4.46 -28.23 8.46
CA PHE F 309 -5.60 -27.34 8.63
C PHE F 309 -6.14 -26.91 7.29
N ALA F 310 -5.22 -26.67 6.36
CA ALA F 310 -5.59 -26.27 5.01
C ALA F 310 -6.44 -27.36 4.36
N LEU F 311 -6.02 -28.61 4.50
CA LEU F 311 -6.77 -29.73 3.92
C LEU F 311 -8.08 -30.04 4.64
N THR F 312 -8.02 -30.18 5.97
CA THR F 312 -9.20 -30.52 6.78
C THR F 312 -10.28 -29.45 6.84
N ASN F 313 -9.91 -28.19 6.67
CA ASN F 313 -10.92 -27.16 6.69
C ASN F 313 -11.78 -27.30 5.42
N GLN F 314 -11.20 -27.84 4.36
CA GLN F 314 -11.94 -28.02 3.12
C GLN F 314 -12.70 -29.35 3.10
N THR F 315 -12.08 -30.41 3.63
CA THR F 315 -12.69 -31.74 3.65
C THR F 315 -13.74 -31.96 4.73
N LEU F 316 -13.56 -31.36 5.90
CA LEU F 316 -14.51 -31.54 7.00
C LEU F 316 -15.98 -31.47 6.58
N PRO F 317 -16.39 -30.43 5.82
CA PRO F 317 -17.78 -30.31 5.37
C PRO F 317 -18.31 -31.55 4.65
N TYR F 318 -17.48 -32.15 3.79
CA TYR F 318 -17.85 -33.34 3.05
C TYR F 318 -17.90 -34.56 3.97
N VAL F 319 -16.99 -34.61 4.93
CA VAL F 319 -16.94 -35.71 5.89
C VAL F 319 -18.21 -35.67 6.73
N LEU F 320 -18.69 -34.47 7.00
CA LEU F 320 -19.90 -34.29 7.80
C LEU F 320 -21.14 -34.79 7.04
N LYS F 321 -21.14 -34.62 5.73
CA LYS F 321 -22.27 -35.06 4.91
C LYS F 321 -22.31 -36.58 4.72
N LEU F 322 -21.13 -37.19 4.61
CA LEU F 322 -21.02 -38.63 4.45
C LEU F 322 -21.43 -39.29 5.76
N ALA F 323 -20.93 -38.76 6.87
CA ALA F 323 -21.25 -39.31 8.18
C ALA F 323 -22.73 -39.11 8.46
N GLU F 324 -23.33 -38.13 7.81
CA GLU F 324 -24.75 -37.84 8.02
C GLU F 324 -25.69 -38.54 7.05
N LYS F 325 -25.26 -38.73 5.81
CA LYS F 325 -26.12 -39.36 4.82
C LYS F 325 -25.48 -40.50 4.04
N GLY F 326 -24.39 -41.04 4.55
CA GLY F 326 -23.73 -42.14 3.86
C GLY F 326 -23.57 -41.86 2.37
N LEU F 327 -23.77 -42.87 1.55
CA LEU F 327 -23.65 -42.69 0.11
C LEU F 327 -24.66 -41.70 -0.49
N ASP F 328 -25.73 -41.41 0.24
CA ASP F 328 -26.71 -40.47 -0.26
C ASP F 328 -26.07 -39.09 -0.41
N ALA F 329 -24.98 -38.88 0.32
CA ALA F 329 -24.27 -37.61 0.25
C ALA F 329 -23.77 -37.45 -1.17
N LEU F 330 -23.10 -38.49 -1.68
CA LEU F 330 -22.59 -38.45 -3.06
C LEU F 330 -23.70 -38.22 -4.07
N LEU F 331 -24.86 -38.82 -3.84
CA LEU F 331 -25.97 -38.65 -4.78
C LEU F 331 -26.66 -37.28 -4.70
N GLU F 332 -26.35 -36.50 -3.67
CA GLU F 332 -26.95 -35.18 -3.51
C GLU F 332 -25.98 -34.04 -3.82
N ASP F 333 -24.78 -34.41 -4.24
CA ASP F 333 -23.74 -33.43 -4.56
C ASP F 333 -22.93 -33.87 -5.77
N ALA F 334 -23.20 -33.24 -6.91
CA ALA F 334 -22.49 -33.57 -8.14
C ALA F 334 -20.98 -33.59 -7.91
N ALA F 335 -20.46 -32.52 -7.31
CA ALA F 335 -19.04 -32.39 -7.04
C ALA F 335 -18.50 -33.57 -6.23
N LEU F 336 -19.09 -33.85 -5.07
CA LEU F 336 -18.62 -34.96 -4.24
C LEU F 336 -18.71 -36.29 -4.99
N LEU F 337 -19.82 -36.48 -5.69
CA LEU F 337 -20.05 -37.69 -6.47
C LEU F 337 -18.83 -38.02 -7.33
N LYS F 338 -18.34 -37.02 -8.07
CA LYS F 338 -17.20 -37.24 -8.94
C LYS F 338 -15.98 -37.72 -8.16
N GLY F 339 -16.01 -37.57 -6.84
CA GLY F 339 -14.87 -38.02 -6.05
C GLY F 339 -14.77 -39.52 -5.92
N LEU F 340 -15.81 -40.23 -6.38
CA LEU F 340 -15.86 -41.68 -6.30
C LEU F 340 -15.07 -42.34 -7.42
N ASN F 341 -14.21 -43.28 -7.05
CA ASN F 341 -13.36 -44.00 -8.01
C ASN F 341 -13.63 -45.50 -7.99
N THR F 342 -13.87 -46.06 -6.80
CA THR F 342 -14.13 -47.48 -6.67
C THR F 342 -15.32 -47.72 -5.75
N HIS F 343 -16.22 -48.61 -6.17
CA HIS F 343 -17.41 -48.96 -5.39
C HIS F 343 -17.86 -50.36 -5.80
N LYS F 344 -17.89 -51.27 -4.84
CA LYS F 344 -18.30 -52.66 -5.10
C LYS F 344 -17.57 -53.22 -6.33
N GLY F 345 -16.24 -53.10 -6.32
CA GLY F 345 -15.44 -53.59 -7.41
C GLY F 345 -15.54 -52.87 -8.74
N ARG F 346 -16.36 -51.83 -8.82
CA ARG F 346 -16.50 -51.08 -10.08
C ARG F 346 -15.65 -49.81 -10.11
N LEU F 347 -15.01 -49.56 -11.25
CA LEU F 347 -14.18 -48.37 -11.40
C LEU F 347 -15.09 -47.26 -11.91
N THR F 348 -15.37 -46.26 -11.06
CA THR F 348 -16.26 -45.17 -11.42
C THR F 348 -15.61 -43.84 -11.83
N HIS F 349 -14.31 -43.87 -12.14
CA HIS F 349 -13.62 -42.67 -12.58
C HIS F 349 -13.08 -42.89 -13.98
N PRO F 350 -13.65 -42.20 -14.97
CA PRO F 350 -13.22 -42.32 -16.38
C PRO F 350 -11.73 -42.19 -16.65
N GLY F 351 -11.08 -41.26 -15.96
CA GLY F 351 -9.66 -41.07 -16.16
C GLY F 351 -8.82 -42.29 -15.86
N VAL F 352 -9.05 -42.90 -14.69
CA VAL F 352 -8.30 -44.08 -14.27
C VAL F 352 -8.61 -45.28 -15.15
N ALA F 353 -9.84 -45.36 -15.63
CA ALA F 353 -10.27 -46.46 -16.48
C ALA F 353 -9.45 -46.44 -17.77
N GLU F 354 -9.57 -45.33 -18.49
CA GLU F 354 -8.84 -45.15 -19.74
C GLU F 354 -7.35 -45.39 -19.56
N ALA F 355 -6.81 -44.91 -18.44
CA ALA F 355 -5.40 -45.06 -18.14
C ALA F 355 -4.93 -46.52 -18.07
N PHE F 356 -5.68 -47.36 -17.36
CA PHE F 356 -5.36 -48.77 -17.19
C PHE F 356 -6.16 -49.67 -18.15
N GLY F 357 -6.97 -49.07 -18.99
CA GLY F 357 -7.77 -49.85 -19.92
C GLY F 357 -8.70 -50.80 -19.19
N LEU F 358 -9.53 -50.25 -18.32
CA LEU F 358 -10.46 -51.04 -17.54
C LEU F 358 -11.90 -50.56 -17.71
N PRO F 359 -12.87 -51.39 -17.30
CA PRO F 359 -14.29 -51.07 -17.40
C PRO F 359 -14.70 -49.86 -16.58
N TYR F 360 -15.18 -48.81 -17.23
CA TYR F 360 -15.61 -47.62 -16.51
C TYR F 360 -17.10 -47.67 -16.25
N THR F 361 -17.46 -47.60 -14.97
CA THR F 361 -18.87 -47.63 -14.59
C THR F 361 -19.24 -46.26 -14.05
N PRO F 362 -20.30 -45.63 -14.61
CA PRO F 362 -20.73 -44.31 -14.14
C PRO F 362 -21.01 -44.36 -12.64
N PRO F 363 -20.30 -43.54 -11.85
CA PRO F 363 -20.43 -43.46 -10.39
C PRO F 363 -21.87 -43.52 -9.86
N GLU F 364 -22.76 -42.75 -10.44
CA GLU F 364 -24.14 -42.75 -9.98
C GLU F 364 -24.75 -44.13 -10.19
N GLU F 365 -24.46 -44.71 -11.35
CA GLU F 365 -24.97 -46.04 -11.71
C GLU F 365 -24.50 -47.10 -10.70
N ALA F 366 -23.19 -47.19 -10.51
CA ALA F 366 -22.61 -48.17 -9.59
C ALA F 366 -23.11 -47.97 -8.17
N LEU F 367 -23.42 -46.73 -7.81
CA LEU F 367 -23.90 -46.43 -6.47
C LEU F 367 -25.29 -47.00 -6.27
N ARG F 368 -26.10 -46.95 -7.32
CA ARG F 368 -27.46 -47.48 -7.28
C ARG F 368 -27.51 -48.89 -7.83
N GLY F 369 -26.76 -49.79 -7.19
CA GLY F 369 -26.71 -51.18 -7.61
C GLY F 369 -25.76 -51.99 -6.75
#